data_4TVP
#
_entry.id   4TVP
#
_cell.length_a   128.890
_cell.length_b   128.890
_cell.length_c   313.420
_cell.angle_alpha   90.00
_cell.angle_beta   90.00
_cell.angle_gamma   120.00
#
_symmetry.space_group_name_H-M   'P 63'
#
loop_
_entity.id
_entity.type
_entity.pdbx_description
1 polymer 'Envelope glycoprotein gp160'
2 polymer 'Envelope glycoprotein gp160'
3 polymer 'PGT122 Light chain'
4 polymer 'PGT122 Heavy chain'
5 polymer '35O22 Heavy chain'
6 polymer '35O22 Light chain'
7 branched alpha-D-mannopyranose-(1-3)-[alpha-D-mannopyranose-(1-6)]alpha-D-mannopyranose-(1-6)-[alpha-D-mannopyranose-(1-3)]beta-D-mannopyranose-(1-4)-2-acetamido-2-deoxy-beta-D-glucopyranose-(1-4)-2-acetamido-2-deoxy-beta-D-glucopyranose
8 branched alpha-D-mannopyranose-(1-3)-beta-D-mannopyranose-(1-4)-2-acetamido-2-deoxy-beta-D-glucopyranose-(1-4)-2-acetamido-2-deoxy-beta-D-glucopyranose
9 branched 2-acetamido-2-deoxy-beta-D-glucopyranose-(1-4)-2-acetamido-2-deoxy-beta-D-glucopyranose
10 branched alpha-D-mannopyranose-(1-2)-alpha-D-mannopyranose-(1-3)-[alpha-D-mannopyranose-(1-6)]beta-D-mannopyranose-(1-4)-2-acetamido-2-deoxy-beta-D-glucopyranose-(1-4)-2-acetamido-2-deoxy-beta-D-glucopyranose
11 branched beta-D-mannopyranose-(1-4)-2-acetamido-2-deoxy-beta-D-glucopyranose-(1-4)-2-acetamido-2-deoxy-beta-D-glucopyranose
12 branched alpha-D-mannopyranose-(1-3)-[alpha-D-mannopyranose-(1-6)]beta-D-mannopyranose-(1-4)-2-acetamido-2-deoxy-beta-D-glucopyranose-(1-4)-2-acetamido-2-deoxy-beta-D-glucopyranose
13 branched alpha-D-mannopyranose-(1-2)-alpha-D-mannopyranose-(1-2)-alpha-D-mannopyranose-(1-3)-[alpha-D-mannopyranose-(1-2)-alpha-D-mannopyranose-(1-3)-[alpha-D-mannopyranose-(1-6)]alpha-D-mannopyranose-(1-6)]beta-D-mannopyranose-(1-4)-2-acetamido-2-deoxy-beta-D-glucopyranose-(1-4)-2-acetamido-2-deoxy-beta-D-glucopyranose
14 non-polymer 2-acetamido-2-deoxy-beta-D-glucopyranose
15 non-polymer 'SULFATE ION'
16 water water
#
loop_
_entity_poly.entity_id
_entity_poly.type
_entity_poly.pdbx_seq_one_letter_code
_entity_poly.pdbx_strand_id
1 'polypeptide(L)'
;AENLWVTVYYGVPVWKDAETTLFCASDAKAYETEKHNVWATHACVPTDPNPQEIHLENVTEEFNMWKNNMVEQMHTDIIS
LWDQSLKPCVKLTPLCVTLQCTNVTNNITDDMRGELKNCSFNMTTELRDKKQKVYSLFYRLDVVQINENQGNRSNNSNKE
YRLINCNTSAITQACPKVSFEPIPIHYCAPAGFAILKCKDKKFNGTGPCPSVSTVQCTHGIKPVVSTQLLLNGSLAEEEV
MIRSENITNNAKNILVQFNTPVQINCTRPNNNTRKSIRIGPGQAFYATGDIIGDIRQAHCNVSKATWNETLGKVVKQLRK
HFGNNTIIRFANSSGGDLEVTTHSFNCGGEFFYCNTSGLFNSTWISNTSVQGSNSTGSNDSITLPCRIKQIINMWQRIGQ
AMYAPPIQGVIRCVSNITGLILTRDGGSTNSTTETFRPGGGDMRDNWRSELYKYKVVKIEPLGVAPTRCKRRVVGRRRRR
R
;
G
2 'polypeptide(L)'
;AVGIGAVFLGFLGAAGSTMGAASMTLTVQARNLLSGIVQQQSNLLRAPEAQQHLLKLTVWGIKQLQARVLAVERYLRDQQ
LLGIWGCSGKLICCTNVPWNSSWSNRNLSEIWDNMTWLQWDKEISNYTQIIYGLLEESQNQQEKNEQDLLALD
;
B
3 'polypeptide(L)'
;APTFVSVAPGQTARITCGEESLGSRSVIWYQQRPGQAPSLIIYNNNDRPSGIPDRFSGSPGSTFGTTATLTITSVEAGDE
ADYYCHIWDSRRPTNWVFGEGTTLIVLSQPKAAPSVTLFPPSSEELQANKATLVCLISDFYPGAVTVAWKADSSPVKAGV
ETTTPSKQSNNKYAASSYLSLTPEQWKSHKSYSCQVTHEGSTVEKTVAPTECS
;
L
4 'polypeptide(L)'
;QVHLQESGPGLVKPSETLSLTCNVSGTLVRDNYWSWIRQPLGKQPEWIGYVHDSGDTNYNPSLKSRVHLSLDKSKNLVSL
RLTGVTAADSAIYYCATTKHGRRIYGVVAFKEWFTYFYMDVWGKGTSVTVSSASTKGPSVFPLAPSSKSTSGGTAALGCL
VKDYFPEPVTVSWNSGALTSGVHTFPAVLQSSGLYSLSSVVTVPSSSLGTQTYICNVNHKPSNTKVDKRVEPKSC
;
H
5 'polypeptide(L)'
;QGQLVQSGAELKKPGASVKISCKTSGYRFNFYHINWIRQTAGRGPEWMGWISPYSGDKNLAPAFQDRVIMTTDTEVPVTS
FTSTGAAYMEIRNLKFDDTGTYFCAKGLLRDGSSTWLPYLWGQGTLLTVSSASTKGPSVFPLAPSSKSTSGGTAALGCLV
KDYFPEPVTVSWNSGALTSGVHTFPAVLQSSGLYSLSSVVTVPSSSLGTQTYICNVNHKPSNTKVDKRVEPKSCDKGLEV
LFQ
;
D
6 'polypeptide(L)'
;QSVLTQSASVSGSLGQSVTISCTGPNSVCCSHKSISWYQWPPGRAPTLIIYEDNERAPGISPRFSGYKSYWSAYLTISDL
RPEDETTYYCCSYTHNSGCVFGTGTKVSVLGQSKANPSVTLFPPSSEELQANKATLVCLISDFYPGAVTVAWKADSSPVK
AGVETTTPSKQSNNKYAASSYLSLTPEQWKSHRSYSCQVTHEGSTVEKTVAPTECS
;
E
#
loop_
_chem_comp.id
_chem_comp.type
_chem_comp.name
_chem_comp.formula
BMA D-saccharide, beta linking beta-D-mannopyranose 'C6 H12 O6'
MAN D-saccharide, alpha linking alpha-D-mannopyranose 'C6 H12 O6'
NAG D-saccharide, beta linking 2-acetamido-2-deoxy-beta-D-glucopyranose 'C8 H15 N O6'
SO4 non-polymer 'SULFATE ION' 'O4 S -2'
#
# COMPACT_ATOMS: atom_id res chain seq x y z
N ALA A 1 41.70 -5.02 -49.68
CA ALA A 1 40.89 -4.25 -50.61
C ALA A 1 39.41 -4.60 -50.48
N GLU A 2 38.86 -5.22 -51.51
CA GLU A 2 37.45 -5.61 -51.51
C GLU A 2 37.22 -6.82 -50.61
N ASN A 3 38.26 -7.65 -50.47
CA ASN A 3 38.19 -8.79 -49.57
C ASN A 3 38.49 -8.37 -48.14
N LEU A 4 37.54 -8.63 -47.24
CA LEU A 4 37.64 -8.17 -45.86
C LEU A 4 38.62 -8.98 -45.03
N TRP A 5 39.05 -8.41 -43.92
CA TRP A 5 39.95 -9.07 -42.98
C TRP A 5 39.47 -8.83 -41.55
N VAL A 6 39.61 -9.84 -40.70
CA VAL A 6 39.15 -9.72 -39.31
C VAL A 6 40.06 -8.79 -38.52
N THR A 7 39.47 -8.10 -37.53
CA THR A 7 40.21 -7.22 -36.64
C THR A 7 39.69 -7.36 -35.22
N VAL A 8 40.60 -7.60 -34.29
CA VAL A 8 40.22 -7.79 -32.90
C VAL A 8 40.02 -6.46 -32.18
N TYR A 9 38.85 -6.30 -31.57
CA TYR A 9 38.54 -5.10 -30.81
C TYR A 9 38.44 -5.41 -29.32
N TYR A 10 39.09 -4.60 -28.51
CA TYR A 10 39.06 -4.79 -27.05
C TYR A 10 38.46 -3.59 -26.34
N GLY A 11 37.29 -3.79 -25.75
CA GLY A 11 36.60 -2.73 -25.06
C GLY A 11 35.29 -2.36 -25.74
N VAL A 12 34.62 -3.36 -26.30
CA VAL A 12 33.36 -3.14 -26.99
C VAL A 12 32.18 -3.29 -26.02
N PRO A 13 31.16 -2.44 -26.18
CA PRO A 13 29.96 -2.50 -25.35
C PRO A 13 29.14 -3.76 -25.62
N VAL A 14 29.61 -4.90 -25.13
CA VAL A 14 28.90 -6.16 -25.30
C VAL A 14 28.72 -6.89 -23.97
N TRP A 15 27.47 -7.14 -23.60
CA TRP A 15 27.18 -7.83 -22.35
C TRP A 15 26.14 -8.94 -22.54
N LYS A 16 26.17 -9.91 -21.64
CA LYS A 16 25.19 -10.99 -21.63
C LYS A 16 24.73 -11.27 -20.21
N ASP A 17 23.48 -11.71 -20.07
CA ASP A 17 22.93 -12.00 -18.75
C ASP A 17 23.67 -13.14 -18.09
N ALA A 18 24.05 -12.94 -16.83
CA ALA A 18 24.76 -13.96 -16.07
C ALA A 18 24.55 -13.75 -14.58
N GLU A 19 25.17 -14.62 -13.77
CA GLU A 19 25.07 -14.53 -12.32
C GLU A 19 26.45 -14.52 -11.69
N THR A 20 26.66 -13.61 -10.74
CA THR A 20 27.94 -13.51 -10.07
C THR A 20 27.79 -13.21 -8.58
N THR A 21 28.91 -13.07 -7.89
CA THR A 21 28.91 -12.79 -6.47
C THR A 21 28.93 -11.29 -6.21
N LEU A 22 27.82 -10.76 -5.72
CA LEU A 22 27.71 -9.33 -5.43
C LEU A 22 28.21 -9.00 -4.04
N PHE A 23 28.87 -7.85 -3.89
CA PHE A 23 29.29 -7.39 -2.57
C PHE A 23 28.46 -6.20 -2.12
N CYS A 24 28.71 -5.72 -0.91
CA CYS A 24 27.87 -4.69 -0.31
C CYS A 24 28.45 -3.28 -0.36
N ALA A 25 27.64 -2.32 0.07
CA ALA A 25 28.03 -0.93 0.19
C ALA A 25 27.00 -0.21 1.05
N SER A 26 27.44 0.60 2.01
CA SER A 26 26.51 1.25 2.93
C SER A 26 27.02 2.56 3.52
N ASP A 27 27.24 3.55 2.66
CA ASP A 27 27.61 4.90 3.07
C ASP A 27 28.84 4.95 3.99
N ALA A 28 28.99 6.08 4.68
CA ALA A 28 30.09 6.26 5.62
C ALA A 28 29.55 6.74 6.97
N LYS A 29 28.33 7.29 6.94
CA LYS A 29 27.66 7.75 8.15
C LYS A 29 27.04 6.55 8.88
N ALA A 30 26.70 5.52 8.12
CA ALA A 30 26.12 4.31 8.68
C ALA A 30 27.13 3.54 9.50
N TYR A 31 28.41 3.72 9.19
CA TYR A 31 29.47 3.05 9.92
C TYR A 31 29.77 3.78 11.23
N GLU A 32 29.34 5.04 11.30
CA GLU A 32 29.54 5.85 12.49
C GLU A 32 28.49 5.55 13.55
N THR A 33 27.50 4.73 13.17
CA THR A 33 26.44 4.33 14.10
C THR A 33 26.99 3.36 15.13
N GLU A 34 28.10 2.72 14.77
CA GLU A 34 28.80 1.71 15.60
C GLU A 34 27.87 0.83 16.45
N LYS A 35 27.93 1.02 17.77
CA LYS A 35 27.20 0.21 18.73
C LYS A 35 27.54 -1.27 18.56
N HIS A 36 28.84 -1.54 18.50
CA HIS A 36 29.37 -2.90 18.37
C HIS A 36 28.79 -3.64 17.17
N ASN A 37 28.93 -3.03 15.99
CA ASN A 37 28.48 -3.61 14.73
C ASN A 37 27.00 -3.95 14.72
N VAL A 38 26.18 -2.98 14.32
CA VAL A 38 24.74 -3.21 14.21
C VAL A 38 24.40 -3.86 12.87
N TRP A 39 23.58 -4.90 12.93
CA TRP A 39 23.16 -5.66 11.76
C TRP A 39 24.33 -6.27 11.00
N ALA A 40 24.75 -5.64 9.91
CA ALA A 40 25.77 -6.23 9.04
C ALA A 40 27.03 -5.38 8.87
N THR A 41 26.83 -4.07 8.73
CA THR A 41 27.93 -3.16 8.40
C THR A 41 29.12 -3.24 9.36
N HIS A 42 30.05 -4.13 9.05
CA HIS A 42 31.28 -4.28 9.82
C HIS A 42 32.49 -4.09 8.92
N ALA A 43 32.63 -4.99 7.95
CA ALA A 43 33.71 -4.91 6.97
C ALA A 43 33.15 -4.62 5.60
N CYS A 44 32.06 -3.87 5.55
CA CYS A 44 31.41 -3.51 4.29
C CYS A 44 32.08 -2.31 3.65
N VAL A 45 32.18 -2.35 2.32
CA VAL A 45 32.84 -1.28 1.57
C VAL A 45 32.04 0.01 1.61
N PRO A 46 32.69 1.13 1.98
CA PRO A 46 32.05 2.44 1.98
C PRO A 46 31.52 2.84 0.61
N THR A 47 30.31 3.39 0.57
CA THR A 47 29.68 3.79 -0.68
C THR A 47 30.42 4.96 -1.34
N ASP A 48 30.56 4.90 -2.66
CA ASP A 48 31.19 5.97 -3.42
C ASP A 48 30.43 7.28 -3.19
N PRO A 49 31.14 8.31 -2.70
CA PRO A 49 30.56 9.63 -2.43
C PRO A 49 29.83 10.22 -3.64
N ASN A 50 30.39 10.02 -4.82
CA ASN A 50 29.77 10.53 -6.05
C ASN A 50 29.52 9.41 -7.06
N PRO A 51 28.41 8.67 -6.88
CA PRO A 51 28.05 7.56 -7.78
C PRO A 51 27.78 8.04 -9.20
N GLN A 52 28.04 7.19 -10.18
CA GLN A 52 27.81 7.54 -11.58
C GLN A 52 26.74 6.66 -12.20
N GLU A 53 25.82 7.29 -12.91
CA GLU A 53 24.76 6.57 -13.61
C GLU A 53 24.74 6.96 -15.09
N ILE A 54 25.17 6.02 -15.93
CA ILE A 54 25.25 6.27 -17.37
C ILE A 54 23.99 5.79 -18.10
N HIS A 55 23.27 6.74 -18.69
CA HIS A 55 22.07 6.40 -19.45
C HIS A 55 22.44 5.86 -20.82
N LEU A 56 22.17 4.58 -21.03
CA LEU A 56 22.49 3.93 -22.29
C LEU A 56 21.47 4.28 -23.36
N GLU A 57 21.77 5.29 -24.16
CA GLU A 57 20.87 5.74 -25.22
C GLU A 57 20.66 4.66 -26.27
N ASN A 58 19.47 4.64 -26.87
CA ASN A 58 19.11 3.68 -27.92
C ASN A 58 19.11 2.22 -27.48
N VAL A 59 19.31 1.98 -26.18
CA VAL A 59 19.41 0.61 -25.68
C VAL A 59 18.10 0.10 -25.08
N THR A 60 17.66 -1.06 -25.54
CA THR A 60 16.47 -1.70 -25.02
C THR A 60 16.79 -3.10 -24.49
N GLU A 61 16.77 -3.24 -23.18
CA GLU A 61 17.11 -4.52 -22.55
C GLU A 61 15.92 -5.10 -21.81
N GLU A 62 15.74 -6.42 -21.91
CA GLU A 62 14.62 -7.09 -21.27
C GLU A 62 14.93 -7.46 -19.83
N PHE A 63 14.05 -7.05 -18.91
CA PHE A 63 14.20 -7.38 -17.50
C PHE A 63 13.23 -8.47 -17.08
N ASN A 64 13.48 -9.06 -15.92
CA ASN A 64 12.61 -10.09 -15.37
C ASN A 64 12.73 -10.14 -13.86
N MET A 65 11.82 -9.47 -13.17
CA MET A 65 11.86 -9.37 -11.72
C MET A 65 11.57 -10.71 -11.05
N TRP A 66 10.94 -11.62 -11.78
CA TRP A 66 10.55 -12.92 -11.23
C TRP A 66 11.63 -13.97 -11.48
N LYS A 67 12.56 -13.66 -12.38
CA LYS A 67 13.66 -14.55 -12.67
C LYS A 67 14.99 -13.82 -12.46
N ASN A 68 15.03 -12.98 -11.43
CA ASN A 68 16.23 -12.22 -11.09
C ASN A 68 16.98 -12.87 -9.93
N ASN A 69 18.29 -13.07 -10.11
CA ASN A 69 19.08 -13.80 -9.13
C ASN A 69 19.58 -12.94 -7.96
N MET A 70 19.46 -11.62 -8.09
CA MET A 70 19.87 -10.72 -7.01
C MET A 70 19.02 -10.94 -5.76
N VAL A 71 17.78 -11.39 -5.97
CA VAL A 71 16.87 -11.67 -4.87
C VAL A 71 17.29 -12.91 -4.11
N GLU A 72 17.58 -13.99 -4.85
CA GLU A 72 17.99 -15.25 -4.24
C GLU A 72 19.34 -15.11 -3.56
N GLN A 73 20.14 -14.14 -3.99
CA GLN A 73 21.43 -13.87 -3.37
C GLN A 73 21.26 -13.04 -2.09
N MET A 74 20.39 -12.03 -2.17
CA MET A 74 20.12 -11.18 -1.02
C MET A 74 19.46 -11.97 0.10
N HIS A 75 18.53 -12.84 -0.28
CA HIS A 75 17.81 -13.65 0.69
C HIS A 75 18.75 -14.56 1.47
N THR A 76 19.68 -15.19 0.77
CA THR A 76 20.66 -16.07 1.40
C THR A 76 21.66 -15.28 2.22
N ASP A 77 21.76 -13.98 1.94
CA ASP A 77 22.67 -13.10 2.68
C ASP A 77 22.07 -12.71 4.02
N ILE A 78 20.80 -12.30 4.01
CA ILE A 78 20.12 -11.88 5.24
C ILE A 78 19.96 -13.06 6.20
N ILE A 79 19.72 -14.24 5.65
CA ILE A 79 19.58 -15.44 6.46
C ILE A 79 20.90 -15.79 7.15
N SER A 80 21.98 -15.77 6.38
CA SER A 80 23.31 -16.04 6.92
C SER A 80 23.72 -14.94 7.90
N LEU A 81 23.20 -13.74 7.66
CA LEU A 81 23.43 -12.59 8.53
C LEU A 81 22.84 -12.84 9.91
N TRP A 82 21.66 -13.46 9.91
CA TRP A 82 20.93 -13.76 11.13
C TRP A 82 21.67 -14.76 12.00
N ASP A 83 22.29 -15.75 11.37
CA ASP A 83 22.99 -16.82 12.08
C ASP A 83 24.31 -16.35 12.69
N GLN A 84 25.04 -15.52 11.95
CA GLN A 84 26.33 -15.02 12.41
C GLN A 84 26.16 -14.10 13.61
N SER A 85 25.02 -13.41 13.67
CA SER A 85 24.75 -12.46 14.74
C SER A 85 24.28 -13.15 16.02
N LEU A 86 23.92 -14.43 15.92
CA LEU A 86 23.43 -15.17 17.07
C LEU A 86 24.43 -16.22 17.57
N LYS A 87 25.55 -16.35 16.86
CA LYS A 87 26.57 -17.31 17.25
C LYS A 87 27.30 -16.91 18.54
N PRO A 88 27.77 -15.65 18.66
CA PRO A 88 28.45 -15.34 19.92
C PRO A 88 27.49 -14.88 21.00
N CYS A 89 26.19 -15.11 20.81
CA CYS A 89 25.18 -14.68 21.77
C CYS A 89 24.91 -15.74 22.83
N VAL A 90 24.24 -15.32 23.90
CA VAL A 90 23.94 -16.20 25.02
C VAL A 90 22.86 -17.22 24.68
N LYS A 91 23.18 -18.50 24.88
CA LYS A 91 22.24 -19.57 24.62
C LYS A 91 21.37 -19.85 25.85
N LEU A 92 20.05 -19.85 25.64
CA LEU A 92 19.12 -20.03 26.75
C LEU A 92 18.69 -21.50 26.89
N THR A 93 19.65 -22.41 26.78
CA THR A 93 19.40 -23.84 26.96
C THR A 93 18.72 -24.18 28.29
N PRO A 94 19.18 -23.60 29.41
CA PRO A 94 18.50 -23.98 30.65
C PRO A 94 17.34 -23.06 31.02
N LEU A 95 16.52 -22.70 30.03
CA LEU A 95 15.35 -21.87 30.28
C LEU A 95 14.07 -22.67 30.05
N CYS A 96 14.23 -23.97 29.79
CA CYS A 96 13.10 -24.84 29.54
C CYS A 96 12.61 -25.50 30.82
N VAL A 97 12.85 -24.85 31.95
CA VAL A 97 12.40 -25.34 33.25
C VAL A 97 10.89 -25.17 33.36
N THR A 98 10.25 -25.96 34.22
CA THR A 98 8.81 -25.85 34.45
C THR A 98 8.47 -24.47 34.98
N LEU A 99 7.49 -23.83 34.34
CA LEU A 99 7.10 -22.47 34.71
C LEU A 99 5.79 -22.43 35.49
N GLN A 100 5.85 -21.99 36.74
CA GLN A 100 4.64 -21.81 37.54
C GLN A 100 4.10 -20.40 37.32
N CYS A 101 3.29 -20.24 36.28
CA CYS A 101 2.80 -18.92 35.88
C CYS A 101 1.42 -18.58 36.41
N THR A 102 1.10 -17.29 36.38
CA THR A 102 -0.18 -16.77 36.79
C THR A 102 -0.50 -15.50 36.02
N ASN A 103 -1.73 -15.00 36.15
CA ASN A 103 -2.14 -13.79 35.46
C ASN A 103 -1.36 -12.57 35.93
N VAL A 104 -1.19 -11.59 35.05
CA VAL A 104 -0.52 -10.35 35.40
C VAL A 104 -1.42 -9.55 36.33
N THR A 105 -0.83 -8.70 37.15
CA THR A 105 -1.59 -7.92 38.13
C THR A 105 -2.48 -6.87 37.47
N ASN A 106 -3.78 -7.15 37.42
CA ASN A 106 -4.75 -6.22 36.88
C ASN A 106 -6.14 -6.52 37.43
N ASN A 107 -7.16 -5.81 36.94
CA ASN A 107 -8.51 -6.02 37.43
C ASN A 107 -9.51 -6.41 36.33
N ILE A 108 -9.64 -7.73 36.10
CA ILE A 108 -10.66 -8.34 35.22
C ILE A 108 -10.71 -7.58 33.85
N THR A 109 -11.66 -7.76 32.92
CA THR A 109 -12.76 -8.74 32.89
C THR A 109 -12.30 -10.14 32.51
N ASP A 110 -13.27 -11.02 32.27
CA ASP A 110 -12.98 -12.39 31.90
C ASP A 110 -12.64 -12.50 30.42
N ASP A 111 -12.78 -11.38 29.71
CA ASP A 111 -12.49 -11.34 28.29
C ASP A 111 -11.06 -10.86 28.01
N MET A 112 -10.33 -10.54 29.08
CA MET A 112 -8.96 -10.06 28.96
C MET A 112 -8.00 -11.20 28.64
N ARG A 113 -8.50 -12.43 28.75
CA ARG A 113 -7.76 -13.68 28.49
C ARG A 113 -6.27 -13.65 28.86
N GLY A 114 -5.94 -12.99 29.97
CA GLY A 114 -4.58 -12.96 30.48
C GLY A 114 -3.55 -12.32 29.57
N GLU A 115 -3.23 -13.00 28.48
CA GLU A 115 -2.20 -12.57 27.52
C GLU A 115 -0.81 -12.51 28.14
N LEU A 116 -0.67 -11.77 29.23
CA LEU A 116 0.60 -11.67 29.95
C LEU A 116 0.63 -12.66 31.11
N LYS A 117 1.72 -13.42 31.21
CA LYS A 117 1.86 -14.42 32.25
C LYS A 117 3.01 -14.10 33.21
N ASN A 118 2.73 -14.22 34.50
CA ASN A 118 3.76 -14.00 35.53
C ASN A 118 4.36 -15.33 35.96
N CYS A 119 5.41 -15.76 35.26
CA CYS A 119 6.00 -17.07 35.47
C CYS A 119 7.11 -17.07 36.51
N SER A 120 7.03 -18.00 37.45
CA SER A 120 8.09 -18.21 38.44
C SER A 120 8.72 -19.58 38.21
N PHE A 121 10.04 -19.66 38.34
CA PHE A 121 10.75 -20.89 38.04
C PHE A 121 12.12 -20.98 38.71
N ASN A 122 12.70 -22.18 38.69
CA ASN A 122 14.05 -22.40 39.19
C ASN A 122 15.08 -22.00 38.14
N MET A 123 16.28 -21.66 38.58
CA MET A 123 17.33 -21.23 37.65
C MET A 123 18.72 -21.50 38.20
N THR A 124 19.65 -21.83 37.31
CA THR A 124 21.02 -22.10 37.68
C THR A 124 21.81 -20.80 37.86
N THR A 125 22.46 -20.65 39.01
CA THR A 125 23.27 -19.48 39.29
C THR A 125 24.66 -19.61 38.69
N GLU A 126 25.59 -18.77 39.16
CA GLU A 126 26.97 -18.85 38.70
C GLU A 126 27.60 -20.15 39.17
N LEU A 127 27.29 -20.54 40.40
CA LEU A 127 27.79 -21.79 40.96
C LEU A 127 26.92 -22.95 40.51
N ARG A 128 27.49 -24.14 40.50
CA ARG A 128 26.79 -25.33 40.02
C ARG A 128 26.12 -26.08 41.16
N ASP A 129 25.75 -25.35 42.21
CA ASP A 129 25.13 -25.95 43.39
C ASP A 129 23.72 -25.43 43.62
N LYS A 130 23.61 -24.41 44.46
CA LYS A 130 22.31 -23.83 44.81
C LYS A 130 21.63 -23.21 43.60
N LYS A 131 20.30 -23.38 43.54
CA LYS A 131 19.52 -22.87 42.42
C LYS A 131 19.16 -21.40 42.62
N GLN A 132 18.08 -20.98 41.96
CA GLN A 132 17.63 -19.59 42.02
C GLN A 132 16.15 -19.48 41.71
N LYS A 133 15.37 -19.05 42.69
CA LYS A 133 13.92 -18.91 42.51
C LYS A 133 13.58 -17.50 42.03
N VAL A 134 13.74 -17.27 40.73
CA VAL A 134 13.42 -15.97 40.16
C VAL A 134 12.21 -16.05 39.24
N TYR A 135 11.54 -14.91 39.05
CA TYR A 135 10.35 -14.86 38.22
C TYR A 135 10.55 -13.96 37.01
N SER A 136 9.79 -14.22 35.96
CA SER A 136 9.84 -13.40 34.75
C SER A 136 8.43 -13.10 34.26
N LEU A 137 8.33 -12.47 33.10
CA LEU A 137 7.03 -12.11 32.52
C LEU A 137 7.00 -12.43 31.04
N PHE A 138 6.34 -13.53 30.68
CA PHE A 138 6.27 -13.93 29.28
C PHE A 138 4.88 -13.74 28.70
N TYR A 139 4.82 -13.55 27.39
CA TYR A 139 3.54 -13.43 26.69
C TYR A 139 2.92 -14.81 26.53
N ARG A 140 1.61 -14.86 26.30
CA ARG A 140 0.91 -16.13 26.14
C ARG A 140 1.40 -16.86 24.90
N LEU A 141 1.79 -16.09 23.88
CA LEU A 141 2.29 -16.66 22.63
C LEU A 141 3.67 -17.29 22.83
N ASP A 142 4.32 -16.95 23.93
CA ASP A 142 5.65 -17.46 24.24
C ASP A 142 5.60 -18.73 25.08
N VAL A 143 4.48 -18.94 25.77
CA VAL A 143 4.35 -20.07 26.68
C VAL A 143 3.27 -21.07 26.25
N VAL A 144 3.28 -22.24 26.87
CA VAL A 144 2.28 -23.26 26.61
C VAL A 144 2.20 -24.23 27.79
N GLN A 145 1.01 -24.43 28.32
CA GLN A 145 0.81 -25.27 29.49
C GLN A 145 1.06 -26.75 29.19
N ILE A 146 1.31 -27.52 30.24
CA ILE A 146 1.56 -28.95 30.10
C ILE A 146 1.06 -29.71 31.34
N ASN A 147 0.27 -30.75 31.11
CA ASN A 147 -0.27 -31.55 32.21
C ASN A 147 0.21 -32.99 32.15
N SER A 157 -3.06 -28.48 42.46
CA SER A 157 -1.87 -27.97 41.77
C SER A 157 -2.21 -26.76 40.91
N ASN A 158 -1.27 -25.81 40.86
CA ASN A 158 -1.47 -24.60 40.06
C ASN A 158 -1.13 -24.81 38.59
N LYS A 159 -1.20 -23.75 37.80
CA LYS A 159 -0.93 -23.81 36.37
C LYS A 159 0.56 -23.84 36.07
N GLU A 160 1.00 -24.90 35.42
CA GLU A 160 2.40 -25.04 35.04
C GLU A 160 2.57 -24.92 33.52
N TYR A 161 3.53 -24.10 33.10
CA TYR A 161 3.75 -23.85 31.67
C TYR A 161 5.18 -24.20 31.25
N ARG A 162 5.51 -23.84 30.01
CA ARG A 162 6.84 -24.04 29.46
C ARG A 162 7.02 -23.11 28.27
N LEU A 163 8.25 -22.93 27.83
CA LEU A 163 8.50 -22.12 26.64
C LEU A 163 7.99 -22.85 25.41
N ILE A 164 7.38 -22.11 24.49
CA ILE A 164 6.70 -22.68 23.33
C ILE A 164 7.67 -23.34 22.34
N ASN A 165 8.96 -23.09 22.52
CA ASN A 165 9.96 -23.62 21.59
C ASN A 165 10.74 -24.81 22.15
N CYS A 166 10.55 -25.11 23.43
CA CYS A 166 11.29 -26.18 24.08
C CYS A 166 11.02 -27.56 23.47
N ASN A 167 9.87 -27.71 22.83
CA ASN A 167 9.52 -28.99 22.21
C ASN A 167 9.69 -28.95 20.70
N THR A 168 10.30 -27.87 20.21
CA THR A 168 10.52 -27.71 18.78
C THR A 168 12.02 -27.64 18.44
N SER A 169 12.74 -26.78 19.15
CA SER A 169 14.16 -26.59 18.88
C SER A 169 14.88 -25.92 20.05
N ALA A 170 16.17 -25.67 19.88
CA ALA A 170 16.96 -24.97 20.90
C ALA A 170 16.64 -23.48 20.87
N ILE A 171 17.18 -22.74 21.82
CA ILE A 171 16.91 -21.31 21.90
C ILE A 171 18.14 -20.51 22.31
N THR A 172 18.37 -19.40 21.61
CA THR A 172 19.46 -18.50 21.92
C THR A 172 18.96 -17.07 22.04
N GLN A 173 19.45 -16.35 23.04
CA GLN A 173 19.01 -14.98 23.28
C GLN A 173 19.78 -13.99 22.40
N ALA A 174 19.04 -13.07 21.78
CA ALA A 174 19.66 -12.03 20.97
C ALA A 174 20.45 -11.08 21.87
N CYS A 175 21.65 -10.71 21.42
CA CYS A 175 22.49 -9.80 22.20
C CYS A 175 21.88 -8.40 22.22
N PRO A 176 21.91 -7.74 23.39
CA PRO A 176 21.35 -6.39 23.55
C PRO A 176 22.23 -5.32 22.91
N LYS A 177 23.44 -5.69 22.51
CA LYS A 177 24.36 -4.75 21.89
C LYS A 177 23.94 -4.42 20.46
N VAL A 178 23.51 -5.43 19.72
CA VAL A 178 23.10 -5.25 18.33
C VAL A 178 21.66 -4.75 18.24
N SER A 179 21.31 -4.19 17.08
CA SER A 179 19.95 -3.71 16.86
C SER A 179 19.40 -4.25 15.54
N PHE A 180 18.09 -4.39 15.46
CA PHE A 180 17.44 -4.89 14.25
C PHE A 180 16.91 -3.75 13.40
N GLU A 181 17.64 -2.64 13.40
CA GLU A 181 17.23 -1.46 12.63
C GLU A 181 17.73 -1.56 11.20
N PRO A 182 16.80 -1.65 10.23
CA PRO A 182 17.14 -1.78 8.81
C PRO A 182 17.86 -0.56 8.25
N ILE A 183 19.10 -0.74 7.85
CA ILE A 183 19.90 0.34 7.26
C ILE A 183 20.12 0.09 5.77
N PRO A 184 20.18 1.17 4.96
CA PRO A 184 20.34 1.07 3.51
C PRO A 184 21.58 0.28 3.09
N ILE A 185 21.39 -0.69 2.21
CA ILE A 185 22.50 -1.52 1.72
C ILE A 185 22.57 -1.49 0.20
N HIS A 186 23.68 -0.99 -0.32
CA HIS A 186 23.89 -0.93 -1.76
C HIS A 186 24.56 -2.20 -2.26
N TYR A 187 23.93 -2.86 -3.23
CA TYR A 187 24.51 -4.07 -3.83
C TYR A 187 25.32 -3.70 -5.07
N CYS A 188 26.57 -4.16 -5.11
CA CYS A 188 27.45 -3.83 -6.22
C CYS A 188 27.99 -5.06 -6.93
N ALA A 189 28.40 -4.88 -8.18
CA ALA A 189 28.96 -5.97 -8.99
C ALA A 189 30.45 -5.77 -9.16
N PRO A 190 31.22 -6.88 -9.12
CA PRO A 190 32.67 -6.83 -9.27
C PRO A 190 33.13 -6.39 -10.66
N ALA A 191 34.43 -6.25 -10.84
CA ALA A 191 34.99 -5.82 -12.12
C ALA A 191 34.64 -6.78 -13.24
N GLY A 192 34.35 -6.22 -14.42
CA GLY A 192 33.97 -7.03 -15.56
C GLY A 192 32.47 -7.22 -15.63
N PHE A 193 31.80 -6.88 -14.54
CA PHE A 193 30.35 -6.97 -14.45
C PHE A 193 29.73 -5.58 -14.33
N ALA A 194 28.42 -5.51 -14.50
CA ALA A 194 27.69 -4.26 -14.37
C ALA A 194 26.24 -4.53 -14.04
N ILE A 195 25.57 -3.54 -13.45
CA ILE A 195 24.17 -3.66 -13.11
C ILE A 195 23.34 -2.65 -13.91
N LEU A 196 22.40 -3.16 -14.70
CA LEU A 196 21.56 -2.30 -15.52
C LEU A 196 20.33 -1.86 -14.72
N LYS A 197 19.90 -0.63 -14.94
CA LYS A 197 18.76 -0.07 -14.22
C LYS A 197 17.70 0.47 -15.16
N CYS A 198 16.47 -0.02 -14.99
CA CYS A 198 15.35 0.43 -15.82
C CYS A 198 14.79 1.73 -15.26
N LYS A 199 14.75 2.77 -16.09
CA LYS A 199 14.33 4.09 -15.63
C LYS A 199 13.03 4.60 -16.24
N ASP A 200 12.14 3.70 -16.63
CA ASP A 200 10.82 4.12 -17.11
C ASP A 200 9.87 4.22 -15.92
N LYS A 201 8.91 5.13 -16.02
CA LYS A 201 7.97 5.36 -14.92
C LYS A 201 6.91 4.27 -14.84
N LYS A 202 6.71 3.56 -15.95
CA LYS A 202 5.76 2.47 -15.99
C LYS A 202 6.43 1.18 -16.45
N PHE A 203 6.58 0.24 -15.52
CA PHE A 203 7.26 -1.03 -15.80
C PHE A 203 6.83 -2.09 -14.81
N ASN A 204 6.23 -3.17 -15.32
CA ASN A 204 5.73 -4.24 -14.46
C ASN A 204 6.80 -5.28 -14.12
N GLY A 205 8.07 -4.91 -14.29
CA GLY A 205 9.17 -5.78 -13.92
C GLY A 205 9.56 -6.79 -14.98
N THR A 206 8.69 -6.99 -15.97
CA THR A 206 8.95 -7.97 -17.02
C THR A 206 8.74 -7.38 -18.42
N GLY A 207 9.66 -7.68 -19.32
CA GLY A 207 9.59 -7.19 -20.68
C GLY A 207 10.73 -6.26 -21.04
N PRO A 208 10.73 -5.75 -22.28
CA PRO A 208 11.77 -4.83 -22.77
C PRO A 208 11.66 -3.44 -22.12
N CYS A 209 12.81 -2.82 -21.84
CA CYS A 209 12.83 -1.51 -21.22
C CYS A 209 13.37 -0.45 -22.18
N PRO A 210 12.57 0.60 -22.45
CA PRO A 210 12.93 1.69 -23.35
C PRO A 210 14.12 2.51 -22.86
N SER A 211 14.06 2.95 -21.60
CA SER A 211 15.13 3.76 -21.04
C SER A 211 15.97 2.97 -20.04
N VAL A 212 17.09 2.44 -20.51
CA VAL A 212 17.98 1.63 -19.67
C VAL A 212 19.27 2.39 -19.35
N SER A 213 19.68 2.31 -18.09
CA SER A 213 20.94 2.92 -17.65
C SER A 213 21.76 1.93 -16.84
N THR A 214 23.07 2.12 -16.80
CA THR A 214 23.94 1.23 -16.04
C THR A 214 24.49 1.88 -14.78
N VAL A 215 24.66 1.08 -13.73
CA VAL A 215 25.23 1.54 -12.47
C VAL A 215 26.17 0.50 -11.90
N GLN A 216 27.03 0.92 -10.99
CA GLN A 216 27.94 -0.01 -10.33
C GLN A 216 27.33 -0.55 -9.05
N CYS A 217 26.63 0.33 -8.33
CA CYS A 217 25.98 -0.03 -7.08
C CYS A 217 24.52 0.43 -7.08
N THR A 218 23.62 -0.46 -6.66
CA THR A 218 22.21 -0.12 -6.57
C THR A 218 21.97 0.89 -5.45
N HIS A 219 20.78 1.48 -5.42
CA HIS A 219 20.43 2.44 -4.39
C HIS A 219 20.34 1.76 -3.02
N GLY A 220 20.30 2.56 -1.96
CA GLY A 220 20.23 2.03 -0.62
C GLY A 220 18.94 1.26 -0.38
N ILE A 221 19.03 -0.05 -0.35
CA ILE A 221 17.87 -0.90 -0.12
C ILE A 221 17.87 -1.46 1.30
N LYS A 222 16.96 -0.94 2.12
CA LYS A 222 16.84 -1.40 3.50
C LYS A 222 16.15 -2.75 3.58
N PRO A 223 16.82 -3.74 4.19
CA PRO A 223 16.26 -5.09 4.35
C PRO A 223 15.18 -5.15 5.43
N VAL A 224 14.01 -4.60 5.14
CA VAL A 224 12.91 -4.60 6.09
C VAL A 224 12.10 -5.89 5.98
N VAL A 225 12.17 -6.73 7.00
CA VAL A 225 11.44 -7.99 7.01
C VAL A 225 10.02 -7.79 7.54
N SER A 226 9.04 -7.93 6.65
CA SER A 226 7.64 -7.79 7.02
C SER A 226 6.73 -8.58 6.11
N THR A 227 5.47 -8.73 6.53
CA THR A 227 4.48 -9.45 5.74
C THR A 227 3.25 -8.60 5.48
N GLN A 228 2.45 -9.00 4.49
CA GLN A 228 1.23 -8.30 4.11
C GLN A 228 1.45 -6.84 3.71
N LEU A 229 2.00 -6.04 4.62
CA LEU A 229 2.24 -4.64 4.35
C LEU A 229 3.73 -4.35 4.11
N LEU A 230 4.05 -3.85 2.93
CA LEU A 230 5.42 -3.49 2.60
C LEU A 230 5.77 -2.16 3.26
N LEU A 231 6.79 -2.17 4.12
CA LEU A 231 7.15 -0.99 4.90
C LEU A 231 8.47 -0.36 4.46
N ASN A 232 8.50 0.97 4.48
CA ASN A 232 9.70 1.76 4.15
C ASN A 232 10.33 1.38 2.81
N GLY A 233 9.51 1.25 1.78
CA GLY A 233 10.00 0.88 0.47
C GLY A 233 10.03 2.06 -0.50
N SER A 234 10.40 1.77 -1.74
CA SER A 234 10.47 2.81 -2.77
C SER A 234 9.11 3.07 -3.39
N LEU A 235 8.71 4.34 -3.43
CA LEU A 235 7.42 4.74 -3.97
C LEU A 235 7.42 4.65 -5.49
N ALA A 236 6.26 4.32 -6.06
CA ALA A 236 6.13 4.19 -7.51
C ALA A 236 5.97 5.55 -8.17
N GLU A 237 6.06 5.57 -9.50
CA GLU A 237 5.91 6.81 -10.25
C GLU A 237 4.51 6.92 -10.84
N GLU A 238 3.96 8.13 -10.84
CA GLU A 238 2.65 8.42 -11.39
C GLU A 238 1.56 7.54 -10.77
N GLU A 239 1.01 6.63 -11.55
CA GLU A 239 0.00 5.71 -11.07
C GLU A 239 0.64 4.58 -10.26
N VAL A 240 -0.08 4.04 -9.28
CA VAL A 240 0.42 2.92 -8.50
C VAL A 240 0.60 1.72 -9.40
N MET A 241 1.62 0.91 -9.13
CA MET A 241 1.95 -0.21 -10.00
C MET A 241 1.45 -1.54 -9.47
N ILE A 242 1.10 -2.44 -10.38
CA ILE A 242 0.65 -3.78 -10.03
C ILE A 242 1.51 -4.81 -10.75
N ARG A 243 2.20 -5.66 -10.00
CA ARG A 243 3.10 -6.64 -10.58
C ARG A 243 2.78 -8.07 -10.12
N SER A 244 2.81 -9.01 -11.06
CA SER A 244 2.54 -10.40 -10.78
C SER A 244 3.20 -11.31 -11.81
N GLU A 245 3.67 -12.47 -11.36
CA GLU A 245 4.31 -13.43 -12.26
C GLU A 245 3.29 -14.02 -13.22
N ASN A 246 2.08 -14.23 -12.72
CA ASN A 246 0.98 -14.74 -13.52
C ASN A 246 -0.36 -14.30 -12.94
N ILE A 247 -0.95 -13.29 -13.54
CA ILE A 247 -2.21 -12.73 -13.06
C ILE A 247 -3.35 -13.75 -13.18
N THR A 248 -3.33 -14.53 -14.24
CA THR A 248 -4.35 -15.55 -14.47
C THR A 248 -4.27 -16.65 -13.42
N ASN A 249 -3.07 -16.86 -12.88
CA ASN A 249 -2.87 -17.87 -11.84
C ASN A 249 -3.15 -17.27 -10.46
N ASN A 250 -4.14 -17.85 -9.77
CA ASN A 250 -4.53 -17.37 -8.44
C ASN A 250 -3.60 -17.89 -7.35
N ALA A 251 -2.58 -18.65 -7.76
CA ALA A 251 -1.61 -19.20 -6.81
C ALA A 251 -0.39 -18.29 -6.71
N LYS A 252 -0.28 -17.36 -7.64
CA LYS A 252 0.83 -16.40 -7.65
C LYS A 252 0.44 -15.12 -6.93
N ASN A 253 1.32 -14.63 -6.07
CA ASN A 253 1.07 -13.41 -5.32
C ASN A 253 1.06 -12.17 -6.20
N ILE A 254 0.40 -11.12 -5.73
CA ILE A 254 0.31 -9.87 -6.47
C ILE A 254 0.97 -8.74 -5.70
N LEU A 255 2.19 -8.39 -6.10
CA LEU A 255 2.94 -7.33 -5.43
C LEU A 255 2.45 -5.95 -5.86
N VAL A 256 2.03 -5.16 -4.88
CA VAL A 256 1.53 -3.81 -5.14
C VAL A 256 2.55 -2.77 -4.69
N GLN A 257 2.72 -1.72 -5.48
CA GLN A 257 3.62 -0.63 -5.11
C GLN A 257 2.85 0.69 -5.09
N PHE A 258 3.01 1.44 -4.02
CA PHE A 258 2.26 2.69 -3.84
C PHE A 258 2.98 3.90 -4.42
N ASN A 259 2.21 4.94 -4.73
CA ASN A 259 2.75 6.21 -5.20
C ASN A 259 2.84 7.18 -4.04
N THR A 260 1.74 7.29 -3.29
CA THR A 260 1.71 8.11 -2.09
C THR A 260 1.75 7.21 -0.86
N PRO A 261 2.72 7.46 0.03
CA PRO A 261 2.89 6.61 1.22
C PRO A 261 1.75 6.77 2.22
N VAL A 262 1.36 5.68 2.86
CA VAL A 262 0.32 5.71 3.88
C VAL A 262 0.95 5.73 5.26
N GLN A 263 0.76 6.84 5.97
CA GLN A 263 1.36 7.02 7.28
C GLN A 263 0.81 6.01 8.29
N ILE A 264 1.70 5.23 8.88
CA ILE A 264 1.31 4.24 9.88
C ILE A 264 2.06 4.47 11.19
N ASN A 265 1.34 4.43 12.30
CA ASN A 265 1.93 4.65 13.62
C ASN A 265 1.70 3.48 14.56
N CYS A 266 2.78 2.92 15.09
CA CYS A 266 2.69 1.79 16.01
C CYS A 266 3.36 2.10 17.34
N THR A 267 2.71 1.72 18.44
CA THR A 267 3.23 1.97 19.77
C THR A 267 3.12 0.76 20.69
N ARG A 268 3.91 0.79 21.76
CA ARG A 268 3.89 -0.25 22.78
C ARG A 268 3.63 0.39 24.13
N PRO A 269 2.36 0.60 24.47
CA PRO A 269 1.95 1.29 25.70
C PRO A 269 2.19 0.45 26.96
N ASN A 270 3.44 0.08 27.22
CA ASN A 270 3.79 -0.68 28.40
C ASN A 270 5.22 -0.41 28.84
N ASN A 271 5.38 0.34 29.93
CA ASN A 271 6.71 0.64 30.45
C ASN A 271 7.31 -0.60 31.11
N ASN A 272 7.97 -1.44 30.30
CA ASN A 272 8.53 -2.69 30.78
C ASN A 272 9.81 -2.52 31.58
N THR A 273 10.12 -3.54 32.38
CA THR A 273 11.34 -3.54 33.20
C THR A 273 12.21 -4.73 32.83
N ARG A 274 13.52 -4.49 32.69
CA ARG A 274 14.45 -5.55 32.34
C ARG A 274 15.14 -6.13 33.57
N LYS A 275 14.72 -7.33 33.96
CA LYS A 275 15.40 -8.05 35.04
C LYS A 275 16.56 -8.84 34.47
N SER A 276 17.76 -8.59 34.99
CA SER A 276 18.95 -9.28 34.51
C SER A 276 19.41 -10.36 35.47
N ILE A 277 18.69 -11.48 35.49
CA ILE A 277 19.08 -12.61 36.32
C ILE A 277 20.34 -13.26 35.75
N ARG A 278 21.22 -13.73 36.64
CA ARG A 278 22.52 -14.21 36.22
C ARG A 278 22.61 -15.73 36.16
N ILE A 279 22.64 -16.26 34.94
CA ILE A 279 22.88 -17.68 34.74
C ILE A 279 24.35 -17.89 34.42
N GLY A 280 25.21 -17.58 35.39
CA GLY A 280 26.64 -17.66 35.20
C GLY A 280 27.16 -19.07 35.08
N PRO A 281 28.48 -19.22 34.89
CA PRO A 281 29.41 -18.07 34.79
C PRO A 281 29.48 -17.49 33.38
N GLY A 282 29.33 -16.18 33.26
CA GLY A 282 29.42 -15.52 31.98
C GLY A 282 28.08 -15.13 31.38
N GLN A 283 27.25 -16.13 31.09
CA GLN A 283 25.94 -15.89 30.48
C GLN A 283 25.00 -15.14 31.42
N ALA A 284 24.06 -14.42 30.85
CA ALA A 284 23.09 -13.66 31.63
C ALA A 284 21.78 -13.51 30.86
N PHE A 285 20.67 -13.86 31.51
CA PHE A 285 19.35 -13.79 30.88
C PHE A 285 18.61 -12.52 31.25
N TYR A 286 18.00 -11.89 30.26
CA TYR A 286 17.24 -10.66 30.47
C TYR A 286 15.74 -10.95 30.54
N ALA A 287 15.23 -11.04 31.76
CA ALA A 287 13.82 -11.31 31.98
C ALA A 287 13.00 -10.04 31.92
N THR A 288 11.68 -10.18 31.96
CA THR A 288 10.78 -9.04 31.97
C THR A 288 10.25 -8.82 33.38
N GLY A 289 10.56 -7.66 33.97
CA GLY A 289 10.12 -7.35 35.31
C GLY A 289 8.66 -6.93 35.35
N ASP A 290 8.26 -6.27 36.43
CA ASP A 290 6.90 -5.79 36.56
C ASP A 290 6.66 -4.62 35.60
N ILE A 291 5.40 -4.38 35.28
CA ILE A 291 5.05 -3.31 34.35
C ILE A 291 4.65 -2.04 35.08
N ILE A 292 5.30 -0.93 34.76
CA ILE A 292 5.02 0.35 35.38
C ILE A 292 3.90 1.08 34.64
N GLY A 293 2.73 1.17 35.27
CA GLY A 293 1.61 1.87 34.68
C GLY A 293 0.41 1.00 34.39
N ASP A 294 -0.28 1.30 33.29
CA ASP A 294 -1.48 0.58 32.92
C ASP A 294 -1.19 -0.59 31.98
N ILE A 295 -1.99 -1.65 32.10
CA ILE A 295 -1.86 -2.80 31.23
C ILE A 295 -2.59 -2.55 29.92
N ARG A 296 -1.85 -2.11 28.91
CA ARG A 296 -2.41 -1.83 27.60
C ARG A 296 -1.78 -2.71 26.53
N GLN A 297 -2.47 -2.86 25.41
CA GLN A 297 -1.98 -3.70 24.31
C GLN A 297 -1.45 -2.86 23.16
N ALA A 298 -0.50 -3.42 22.41
CA ALA A 298 0.10 -2.73 21.28
C ALA A 298 -0.91 -2.49 20.17
N HIS A 299 -0.74 -1.42 19.42
CA HIS A 299 -1.66 -1.08 18.35
C HIS A 299 -1.01 -0.27 17.23
N CYS A 300 -1.63 -0.29 16.06
CA CYS A 300 -1.15 0.49 14.92
C CYS A 300 -2.26 1.36 14.34
N ASN A 301 -1.95 2.61 14.06
CA ASN A 301 -2.93 3.54 13.51
C ASN A 301 -2.69 3.87 12.05
N VAL A 302 -3.76 3.82 11.26
CA VAL A 302 -3.72 4.20 9.86
C VAL A 302 -4.80 5.24 9.60
N SER A 303 -4.39 6.40 9.08
CA SER A 303 -5.33 7.48 8.78
C SER A 303 -6.41 7.01 7.81
N LYS A 304 -7.66 7.01 8.28
CA LYS A 304 -8.80 6.54 7.49
C LYS A 304 -8.91 7.26 6.16
N ALA A 305 -8.58 8.55 6.16
CA ALA A 305 -8.65 9.36 4.94
C ALA A 305 -7.61 8.91 3.92
N THR A 306 -6.38 8.68 4.37
CA THR A 306 -5.29 8.28 3.49
C THR A 306 -5.51 6.88 2.92
N TRP A 307 -5.97 5.97 3.78
CA TRP A 307 -6.16 4.58 3.37
C TRP A 307 -7.31 4.42 2.39
N ASN A 308 -8.32 5.28 2.50
CA ASN A 308 -9.47 5.22 1.62
C ASN A 308 -9.11 5.63 0.20
N GLU A 309 -8.26 6.64 0.07
CA GLU A 309 -7.82 7.13 -1.23
C GLU A 309 -6.85 6.16 -1.88
N THR A 310 -5.97 5.59 -1.07
CA THR A 310 -4.94 4.66 -1.57
C THR A 310 -5.58 3.37 -2.08
N LEU A 311 -6.50 2.82 -1.30
CA LEU A 311 -7.18 1.59 -1.69
C LEU A 311 -8.03 1.81 -2.94
N GLY A 312 -8.67 2.98 -3.02
CA GLY A 312 -9.49 3.32 -4.17
C GLY A 312 -8.65 3.60 -5.40
N LYS A 313 -7.38 3.91 -5.18
CA LYS A 313 -6.45 4.18 -6.28
C LYS A 313 -5.90 2.87 -6.83
N VAL A 314 -5.88 1.85 -5.99
CA VAL A 314 -5.40 0.52 -6.40
C VAL A 314 -6.47 -0.23 -7.19
N VAL A 315 -7.71 -0.17 -6.71
CA VAL A 315 -8.82 -0.89 -7.35
C VAL A 315 -9.06 -0.39 -8.77
N LYS A 316 -8.72 0.88 -9.03
CA LYS A 316 -8.84 1.44 -10.36
C LYS A 316 -7.80 0.85 -11.30
N GLN A 317 -6.72 0.33 -10.73
CA GLN A 317 -5.66 -0.32 -11.50
C GLN A 317 -5.95 -1.81 -11.63
N LEU A 318 -6.74 -2.35 -10.70
CA LEU A 318 -7.10 -3.77 -10.73
C LEU A 318 -8.13 -4.05 -11.81
N ARG A 319 -8.95 -3.04 -12.14
CA ARG A 319 -9.96 -3.20 -13.17
C ARG A 319 -9.34 -3.18 -14.56
N LYS A 320 -8.08 -2.77 -14.64
CA LYS A 320 -7.38 -2.77 -15.91
C LYS A 320 -6.89 -4.16 -16.28
N HIS A 321 -7.03 -5.10 -15.34
CA HIS A 321 -6.58 -6.47 -15.57
C HIS A 321 -7.70 -7.49 -15.37
N PHE A 322 -8.75 -7.11 -14.63
CA PHE A 322 -9.84 -8.02 -14.33
C PHE A 322 -11.18 -7.54 -14.91
N GLY A 323 -11.13 -6.79 -16.00
CA GLY A 323 -12.33 -6.27 -16.61
C GLY A 323 -12.68 -4.88 -16.09
N ASN A 324 -13.11 -4.00 -16.98
CA ASN A 324 -13.41 -2.62 -16.62
C ASN A 324 -14.57 -2.51 -15.63
N ASN A 325 -15.64 -3.25 -15.89
CA ASN A 325 -16.82 -3.20 -15.03
C ASN A 325 -16.97 -4.46 -14.18
N THR A 326 -16.14 -4.58 -13.15
CA THR A 326 -16.18 -5.74 -12.26
C THR A 326 -16.15 -5.31 -10.79
N ILE A 327 -16.58 -6.21 -9.91
CA ILE A 327 -16.60 -5.94 -8.49
C ILE A 327 -15.39 -6.53 -7.78
N ILE A 328 -14.66 -5.68 -7.05
CA ILE A 328 -13.48 -6.11 -6.31
C ILE A 328 -13.73 -6.06 -4.81
N ARG A 329 -13.61 -7.21 -4.15
CA ARG A 329 -13.86 -7.29 -2.71
C ARG A 329 -12.59 -7.66 -1.95
N PHE A 330 -12.37 -6.99 -0.82
CA PHE A 330 -11.21 -7.29 0.02
C PHE A 330 -11.64 -8.06 1.27
N ALA A 331 -10.92 -9.13 1.57
CA ALA A 331 -11.20 -9.95 2.74
C ALA A 331 -9.90 -10.32 3.44
N ASN A 332 -9.99 -10.60 4.74
CA ASN A 332 -8.81 -10.94 5.53
C ASN A 332 -8.26 -12.32 5.18
N SER A 333 -7.16 -12.70 5.82
CA SER A 333 -6.47 -13.96 5.54
C SER A 333 -7.36 -15.17 5.79
N SER A 334 -7.04 -16.27 5.11
CA SER A 334 -7.80 -17.52 5.24
C SER A 334 -7.48 -18.23 6.55
N GLY A 335 -6.20 -18.23 6.92
CA GLY A 335 -5.78 -18.88 8.15
C GLY A 335 -4.40 -19.52 8.03
N GLY A 336 -3.89 -20.02 9.15
CA GLY A 336 -2.59 -20.67 9.16
C GLY A 336 -1.69 -20.14 10.27
N ASP A 337 -0.42 -19.91 9.92
CA ASP A 337 0.55 -19.42 10.89
C ASP A 337 0.27 -17.97 11.28
N LEU A 338 0.84 -17.55 12.41
CA LEU A 338 0.65 -16.19 12.90
C LEU A 338 1.41 -15.18 12.04
N GLU A 339 2.50 -15.63 11.43
CA GLU A 339 3.32 -14.77 10.59
C GLU A 339 2.66 -14.51 9.24
N VAL A 340 1.65 -15.29 8.90
CA VAL A 340 0.96 -15.17 7.63
C VAL A 340 -0.37 -14.43 7.76
N THR A 341 -1.06 -14.66 8.87
CA THR A 341 -2.37 -14.06 9.09
C THR A 341 -2.29 -12.65 9.66
N THR A 342 -1.11 -12.27 10.15
CA THR A 342 -0.94 -10.95 10.76
C THR A 342 0.18 -10.15 10.10
N HIS A 343 0.16 -8.84 10.32
CA HIS A 343 1.20 -7.95 9.81
C HIS A 343 2.43 -8.01 10.71
N SER A 344 3.35 -8.91 10.36
CA SER A 344 4.57 -9.10 11.14
C SER A 344 5.62 -8.06 10.78
N PHE A 345 6.20 -7.42 11.78
CA PHE A 345 7.27 -6.44 11.55
C PHE A 345 8.05 -6.17 12.84
N ASN A 346 9.11 -5.40 12.71
CA ASN A 346 9.96 -5.07 13.85
C ASN A 346 9.98 -3.56 14.11
N CYS A 347 9.83 -3.18 15.37
CA CYS A 347 9.87 -1.77 15.74
C CYS A 347 10.39 -1.61 17.18
N GLY A 348 11.61 -1.09 17.30
CA GLY A 348 12.21 -0.87 18.60
C GLY A 348 12.79 -2.12 19.22
N GLY A 349 12.93 -3.17 18.43
CA GLY A 349 13.49 -4.42 18.92
C GLY A 349 12.44 -5.51 19.13
N GLU A 350 11.20 -5.08 19.35
CA GLU A 350 10.11 -6.02 19.55
C GLU A 350 9.54 -6.49 18.21
N PHE A 351 8.93 -7.67 18.22
CA PHE A 351 8.32 -8.22 17.01
C PHE A 351 6.81 -8.20 17.10
N PHE A 352 6.20 -7.24 16.42
CA PHE A 352 4.74 -7.07 16.46
C PHE A 352 4.03 -8.04 15.53
N TYR A 353 2.76 -8.30 15.84
CA TYR A 353 1.90 -9.13 15.01
C TYR A 353 0.50 -8.52 15.03
N CYS A 354 0.21 -7.71 14.02
CA CYS A 354 -1.02 -6.90 14.01
C CYS A 354 -2.17 -7.49 13.19
N ASN A 355 -3.38 -7.27 13.68
CA ASN A 355 -4.60 -7.72 13.04
C ASN A 355 -4.98 -6.81 11.88
N THR A 356 -4.96 -7.35 10.66
CA THR A 356 -5.27 -6.55 9.49
C THR A 356 -6.67 -6.84 8.94
N SER A 357 -7.64 -6.90 9.84
CA SER A 357 -9.03 -7.13 9.45
C SER A 357 -9.75 -5.80 9.22
N GLY A 358 -9.09 -4.71 9.61
CA GLY A 358 -9.67 -3.39 9.47
C GLY A 358 -9.18 -2.64 8.25
N LEU A 359 -8.21 -3.23 7.55
CA LEU A 359 -7.67 -2.61 6.35
C LEU A 359 -8.24 -3.26 5.09
N PHE A 360 -8.52 -4.55 5.18
CA PHE A 360 -9.03 -5.31 4.05
C PHE A 360 -10.47 -5.75 4.28
N ASN A 361 -11.28 -4.82 4.75
CA ASN A 361 -12.70 -5.05 4.98
C ASN A 361 -13.52 -4.10 4.10
N SER A 362 -13.52 -4.37 2.80
CA SER A 362 -14.20 -3.48 1.85
C SER A 362 -14.81 -4.24 0.67
N THR A 363 -15.60 -3.52 -0.12
CA THR A 363 -16.21 -4.05 -1.33
C THR A 363 -16.42 -2.93 -2.34
N TRP A 364 -15.62 -2.94 -3.40
CA TRP A 364 -15.67 -1.88 -4.40
C TRP A 364 -16.47 -2.25 -5.64
N ILE A 365 -17.45 -1.42 -5.97
CA ILE A 365 -18.27 -1.62 -7.15
C ILE A 365 -17.58 -0.94 -8.34
N SER A 366 -18.12 -1.12 -9.54
CA SER A 366 -17.55 -0.55 -10.76
C SER A 366 -17.42 0.97 -10.69
N ASN A 367 -18.35 1.60 -9.96
CA ASN A 367 -18.34 3.05 -9.79
C ASN A 367 -19.11 3.49 -8.56
N ASN A 379 -13.19 11.37 10.21
CA ASN A 379 -11.82 11.85 10.18
C ASN A 379 -11.04 11.47 11.44
N ASP A 380 -10.45 10.27 11.43
CA ASP A 380 -9.68 9.80 12.56
C ASP A 380 -8.61 8.80 12.09
N SER A 381 -8.37 7.78 12.90
CA SER A 381 -7.36 6.77 12.58
C SER A 381 -7.89 5.35 12.77
N ILE A 382 -7.42 4.43 11.93
CA ILE A 382 -7.83 3.04 12.02
C ILE A 382 -6.88 2.26 12.93
N THR A 383 -7.34 1.98 14.15
CA THR A 383 -6.52 1.27 15.13
C THR A 383 -6.56 -0.24 14.87
N LEU A 384 -5.39 -0.88 14.98
CA LEU A 384 -5.28 -2.31 14.73
C LEU A 384 -4.70 -3.05 15.93
N PRO A 385 -5.39 -4.13 16.36
CA PRO A 385 -4.94 -4.96 17.49
C PRO A 385 -3.61 -5.65 17.20
N CYS A 386 -2.58 -5.36 18.00
CA CYS A 386 -1.26 -5.93 17.77
C CYS A 386 -0.78 -6.81 18.93
N ARG A 387 -0.33 -8.00 18.61
CA ARG A 387 0.24 -8.92 19.59
C ARG A 387 1.75 -8.86 19.54
N ILE A 388 2.41 -9.27 20.62
CA ILE A 388 3.87 -9.24 20.66
C ILE A 388 4.45 -10.58 21.10
N LYS A 389 5.38 -11.11 20.31
CA LYS A 389 6.02 -12.38 20.62
C LYS A 389 7.53 -12.18 20.77
N GLN A 390 8.12 -12.85 21.76
CA GLN A 390 9.55 -12.72 22.02
C GLN A 390 10.34 -13.86 21.39
N ILE A 391 9.79 -15.07 21.48
CA ILE A 391 10.44 -16.24 20.89
C ILE A 391 9.96 -16.43 19.46
N ILE A 392 10.82 -16.16 18.49
CA ILE A 392 10.43 -16.21 17.09
C ILE A 392 11.23 -17.22 16.27
N ASN A 393 10.68 -17.55 15.10
CA ASN A 393 11.31 -18.48 14.15
C ASN A 393 11.07 -18.05 12.71
N MET A 394 11.59 -16.88 12.35
CA MET A 394 11.37 -16.33 11.01
C MET A 394 12.08 -17.11 9.91
N TRP A 395 11.71 -16.82 8.67
CA TRP A 395 12.23 -17.48 7.48
C TRP A 395 11.98 -18.98 7.47
N GLN A 396 10.92 -19.40 8.15
CA GLN A 396 10.51 -20.81 8.19
C GLN A 396 11.68 -21.70 8.63
N ARG A 397 12.45 -21.21 9.59
CA ARG A 397 13.64 -21.93 10.04
C ARG A 397 13.39 -22.73 11.32
N ILE A 398 13.83 -23.98 11.30
CA ILE A 398 13.71 -24.86 12.47
C ILE A 398 15.11 -25.22 12.98
N GLY A 399 15.30 -25.11 14.29
CA GLY A 399 16.59 -25.40 14.89
C GLY A 399 17.17 -24.19 15.58
N GLN A 400 16.85 -23.01 15.06
CA GLN A 400 17.36 -21.76 15.61
C GLN A 400 16.22 -20.85 16.05
N ALA A 401 15.97 -20.81 17.35
CA ALA A 401 14.93 -19.95 17.90
C ALA A 401 15.56 -18.80 18.68
N MET A 402 15.17 -17.57 18.35
CA MET A 402 15.73 -16.39 18.98
C MET A 402 14.77 -15.78 19.99
N TYR A 403 15.25 -15.56 21.21
CA TYR A 403 14.47 -14.89 22.24
C TYR A 403 14.82 -13.41 22.26
N ALA A 404 13.91 -12.58 21.75
CA ALA A 404 14.14 -11.14 21.73
C ALA A 404 14.04 -10.56 23.14
N PRO A 405 15.12 -9.93 23.60
CA PRO A 405 15.15 -9.33 24.94
C PRO A 405 14.17 -8.16 25.08
N PRO A 406 13.57 -8.01 26.27
CA PRO A 406 12.61 -6.93 26.54
C PRO A 406 13.22 -5.55 26.36
N ILE A 407 12.38 -4.58 26.02
CA ILE A 407 12.84 -3.21 25.82
C ILE A 407 12.23 -2.26 26.84
N GLN A 408 13.08 -1.48 27.50
CA GLN A 408 12.62 -0.55 28.53
C GLN A 408 11.89 0.63 27.90
N GLY A 409 10.82 1.08 28.56
CA GLY A 409 10.09 2.25 28.12
C GLY A 409 9.10 2.00 26.98
N VAL A 410 8.22 2.96 26.76
CA VAL A 410 7.23 2.87 25.70
C VAL A 410 7.90 3.03 24.34
N ILE A 411 7.63 2.09 23.43
CA ILE A 411 8.22 2.13 22.10
C ILE A 411 7.28 2.75 21.08
N ARG A 412 7.79 3.71 20.31
CA ARG A 412 7.01 4.35 19.25
C ARG A 412 7.76 4.31 17.93
N CYS A 413 7.06 4.05 16.84
CA CYS A 413 7.67 4.03 15.53
C CYS A 413 6.70 4.51 14.45
N VAL A 414 7.23 5.29 13.51
CA VAL A 414 6.44 5.78 12.39
C VAL A 414 7.03 5.27 11.08
N SER A 415 6.23 4.52 10.32
CA SER A 415 6.73 3.91 9.09
C SER A 415 5.91 4.31 7.87
N ASN A 416 6.38 3.88 6.70
CA ASN A 416 5.69 4.13 5.44
C ASN A 416 5.09 2.87 4.87
N ILE A 417 3.78 2.85 4.65
CA ILE A 417 3.17 1.75 3.93
C ILE A 417 3.34 2.01 2.45
N THR A 418 4.27 1.30 1.82
CA THR A 418 4.62 1.55 0.43
C THR A 418 4.22 0.42 -0.51
N GLY A 419 3.45 -0.54 0.00
CA GLY A 419 3.01 -1.64 -0.83
C GLY A 419 2.31 -2.76 -0.11
N LEU A 420 1.62 -3.62 -0.88
CA LEU A 420 0.88 -4.74 -0.31
C LEU A 420 1.25 -6.05 -0.99
N ILE A 421 0.97 -7.15 -0.31
CA ILE A 421 1.14 -8.48 -0.90
C ILE A 421 -0.22 -9.18 -0.87
N LEU A 422 -0.90 -9.17 -2.01
CA LEU A 422 -2.26 -9.68 -2.09
C LEU A 422 -2.33 -11.05 -2.77
N THR A 423 -3.36 -11.82 -2.41
CA THR A 423 -3.60 -13.11 -3.02
C THR A 423 -5.06 -13.22 -3.45
N ARG A 424 -5.31 -13.92 -4.55
CA ARG A 424 -6.66 -14.05 -5.10
C ARG A 424 -7.21 -15.46 -4.87
N ASP A 425 -8.51 -15.54 -4.61
CA ASP A 425 -9.17 -16.82 -4.34
C ASP A 425 -9.44 -17.60 -5.61
N GLY A 426 -9.76 -18.88 -5.46
CA GLY A 426 -10.04 -19.75 -6.59
C GLY A 426 -11.52 -19.98 -6.82
N GLY A 427 -12.34 -19.56 -5.87
CA GLY A 427 -13.78 -19.68 -5.99
C GLY A 427 -14.29 -18.86 -7.17
N SER A 428 -14.72 -19.54 -8.23
CA SER A 428 -15.09 -18.85 -9.46
C SER A 428 -16.04 -19.66 -10.34
N THR A 429 -17.07 -19.06 -10.95
CA THR A 429 -17.51 -17.66 -10.85
C THR A 429 -16.43 -16.59 -11.10
N ASN A 430 -15.76 -16.68 -12.24
CA ASN A 430 -14.61 -15.82 -12.53
C ASN A 430 -14.95 -14.52 -13.24
N SER A 431 -15.85 -14.59 -14.22
CA SER A 431 -16.20 -13.42 -15.02
C SER A 431 -17.12 -12.45 -14.26
N THR A 432 -17.39 -12.74 -13.00
CA THR A 432 -18.26 -11.88 -12.19
C THR A 432 -17.45 -11.01 -11.24
N THR A 433 -17.14 -11.54 -10.07
CA THR A 433 -16.40 -10.79 -9.05
C THR A 433 -15.10 -11.49 -8.64
N GLU A 434 -14.19 -10.71 -8.08
CA GLU A 434 -12.91 -11.24 -7.62
C GLU A 434 -12.60 -10.79 -6.20
N THR A 435 -12.08 -11.71 -5.39
CA THR A 435 -11.75 -11.41 -4.00
C THR A 435 -10.24 -11.45 -3.76
N PHE A 436 -9.73 -10.43 -3.08
CA PHE A 436 -8.29 -10.35 -2.80
C PHE A 436 -8.01 -10.36 -1.30
N ARG A 437 -7.02 -11.15 -0.91
CA ARG A 437 -6.64 -11.28 0.50
C ARG A 437 -5.14 -11.08 0.69
N PRO A 438 -4.73 -10.60 1.89
CA PRO A 438 -3.31 -10.40 2.17
C PRO A 438 -2.55 -11.73 2.33
N GLY A 439 -1.34 -11.78 1.78
CA GLY A 439 -0.52 -12.97 1.88
C GLY A 439 0.92 -12.64 2.26
N GLY A 440 1.83 -13.57 1.98
CA GLY A 440 3.23 -13.38 2.30
C GLY A 440 3.98 -14.69 2.44
N GLY A 441 4.52 -14.93 3.62
CA GLY A 441 5.27 -16.14 3.89
C GLY A 441 6.67 -16.08 3.32
N ASP A 442 6.77 -16.25 2.01
CA ASP A 442 8.07 -16.20 1.33
C ASP A 442 8.63 -14.79 1.36
N MET A 443 9.72 -14.60 2.09
CA MET A 443 10.33 -13.28 2.25
C MET A 443 11.08 -12.84 0.99
N ARG A 444 11.21 -13.75 0.03
CA ARG A 444 11.89 -13.43 -1.23
C ARG A 444 11.09 -12.40 -2.03
N ASP A 445 9.78 -12.36 -1.80
CA ASP A 445 8.91 -11.41 -2.47
C ASP A 445 9.22 -9.99 -2.02
N ASN A 446 9.60 -9.84 -0.76
CA ASN A 446 9.91 -8.53 -0.18
C ASN A 446 11.10 -7.86 -0.85
N TRP A 447 12.03 -8.67 -1.36
CA TRP A 447 13.21 -8.13 -2.03
C TRP A 447 12.89 -7.78 -3.47
N ARG A 448 11.92 -8.48 -4.05
CA ARG A 448 11.52 -8.27 -5.44
C ARG A 448 10.87 -6.91 -5.66
N SER A 449 10.37 -6.32 -4.58
CA SER A 449 9.70 -5.02 -4.67
C SER A 449 10.71 -3.89 -4.78
N GLU A 450 11.99 -4.22 -4.62
CA GLU A 450 13.05 -3.22 -4.69
C GLU A 450 14.09 -3.57 -5.74
N LEU A 451 14.18 -4.86 -6.09
CA LEU A 451 15.14 -5.32 -7.07
C LEU A 451 14.50 -5.56 -8.45
N TYR A 452 13.32 -4.97 -8.65
CA TYR A 452 12.60 -5.15 -9.90
C TYR A 452 13.24 -4.36 -11.04
N LYS A 453 14.03 -3.34 -10.68
CA LYS A 453 14.65 -2.48 -11.67
C LYS A 453 16.15 -2.76 -11.86
N TYR A 454 16.60 -3.92 -11.38
CA TYR A 454 18.01 -4.27 -11.51
C TYR A 454 18.20 -5.70 -12.01
N LYS A 455 19.29 -5.91 -12.75
CA LYS A 455 19.66 -7.25 -13.21
C LYS A 455 21.16 -7.29 -13.48
N VAL A 456 21.76 -8.48 -13.33
CA VAL A 456 23.21 -8.62 -13.45
C VAL A 456 23.63 -9.09 -14.85
N VAL A 457 24.61 -8.38 -15.42
CA VAL A 457 25.18 -8.75 -16.71
C VAL A 457 26.70 -8.77 -16.65
N LYS A 458 27.32 -9.58 -17.50
CA LYS A 458 28.78 -9.66 -17.57
C LYS A 458 29.28 -9.03 -18.86
N ILE A 459 30.42 -8.34 -18.78
CA ILE A 459 30.99 -7.67 -19.94
C ILE A 459 31.97 -8.57 -20.69
N GLU A 460 31.75 -8.72 -21.99
CA GLU A 460 32.65 -9.48 -22.84
C GLU A 460 33.23 -8.56 -23.92
N PRO A 461 34.32 -7.87 -23.58
CA PRO A 461 34.94 -6.82 -24.42
C PRO A 461 35.62 -7.33 -25.68
N LEU A 462 35.72 -8.64 -25.84
CA LEU A 462 36.35 -9.21 -27.02
C LEU A 462 35.34 -9.44 -28.15
N GLY A 463 35.45 -8.62 -29.18
CA GLY A 463 34.57 -8.73 -30.34
C GLY A 463 35.34 -8.61 -31.63
N VAL A 464 35.15 -9.56 -32.53
CA VAL A 464 35.84 -9.54 -33.82
C VAL A 464 34.93 -8.98 -34.90
N ALA A 465 35.53 -8.24 -35.84
CA ALA A 465 34.78 -7.61 -36.92
C ALA A 465 35.64 -7.42 -38.16
N PRO A 466 35.03 -7.59 -39.34
CA PRO A 466 35.76 -7.48 -40.61
C PRO A 466 35.94 -6.03 -41.10
N THR A 467 37.09 -5.77 -41.72
CA THR A 467 37.38 -4.49 -42.33
C THR A 467 38.53 -4.66 -43.33
N ARG A 468 38.67 -3.71 -44.25
CA ARG A 468 39.71 -3.80 -45.27
C ARG A 468 41.09 -3.42 -44.74
N CYS A 469 41.47 -4.03 -43.62
CA CYS A 469 42.76 -3.73 -42.98
C CYS A 469 43.61 -4.98 -42.81
N LYS A 470 44.84 -4.93 -43.30
CA LYS A 470 45.77 -6.05 -43.18
C LYS A 470 47.07 -5.59 -42.52
N ARG A 471 47.72 -6.49 -41.80
CA ARG A 471 48.96 -6.16 -41.12
C ARG A 471 50.18 -6.19 -42.05
N ARG A 472 51.36 -6.28 -41.45
CA ARG A 472 52.61 -6.27 -42.20
C ARG A 472 53.09 -7.68 -42.53
N VAL A 473 54.32 -7.78 -43.04
CA VAL A 473 54.90 -9.07 -43.40
C VAL A 473 56.09 -9.39 -42.50
N VAL B 7 33.17 14.22 -26.78
CA VAL B 7 32.03 13.67 -26.06
C VAL B 7 32.40 12.37 -25.34
N PHE B 8 31.90 12.21 -24.12
CA PHE B 8 32.17 11.01 -23.34
C PHE B 8 30.88 10.50 -22.71
N LEU B 9 30.26 9.53 -23.37
CA LEU B 9 28.99 8.96 -22.90
C LEU B 9 29.17 8.15 -21.62
N GLY B 10 30.40 7.71 -21.36
CA GLY B 10 30.69 6.94 -20.16
C GLY B 10 30.79 5.46 -20.41
N PHE B 11 30.85 4.68 -19.33
CA PHE B 11 30.95 3.23 -19.42
C PHE B 11 29.74 2.64 -20.14
N LEU B 12 30.01 1.81 -21.14
CA LEU B 12 28.97 1.20 -21.97
C LEU B 12 28.11 2.24 -22.66
N GLY B 13 28.66 3.43 -22.87
CA GLY B 13 27.93 4.54 -23.44
C GLY B 13 27.33 4.28 -24.82
N ALA B 14 28.18 3.94 -25.78
CA ALA B 14 27.73 3.71 -27.14
C ALA B 14 27.29 2.27 -27.36
N ALA B 15 26.47 1.75 -26.44
CA ALA B 15 25.97 0.38 -26.54
C ALA B 15 24.88 0.27 -27.60
N GLY B 16 24.09 1.32 -27.73
CA GLY B 16 23.02 1.35 -28.71
C GLY B 16 23.46 2.02 -30.00
N SER B 17 24.70 2.50 -30.02
CA SER B 17 25.25 3.15 -31.20
C SER B 17 25.82 2.12 -32.16
N THR B 18 26.08 2.53 -33.39
CA THR B 18 26.67 1.67 -34.39
C THR B 18 28.08 1.22 -33.98
N MET B 19 28.54 0.13 -34.57
CA MET B 19 29.86 -0.41 -34.26
C MET B 19 30.96 0.59 -34.60
N GLY B 20 30.77 1.32 -35.69
CA GLY B 20 31.72 2.33 -36.10
C GLY B 20 31.78 3.46 -35.10
N ALA B 21 30.63 3.81 -34.54
CA ALA B 21 30.54 4.89 -33.55
C ALA B 21 31.04 4.40 -32.19
N ALA B 22 30.74 3.15 -31.86
CA ALA B 22 31.13 2.58 -30.58
C ALA B 22 32.62 2.27 -30.54
N SER B 23 33.26 2.29 -31.70
CA SER B 23 34.69 2.02 -31.78
C SER B 23 35.50 3.21 -31.25
N MET B 24 34.82 4.33 -31.03
CA MET B 24 35.46 5.52 -30.48
C MET B 24 35.45 5.47 -28.96
N THR B 25 34.64 4.58 -28.41
CA THR B 25 34.46 4.46 -26.96
C THR B 25 35.16 3.22 -26.41
N LEU B 26 36.13 2.71 -27.15
CA LEU B 26 36.85 1.49 -26.76
C LEU B 26 37.69 1.69 -25.50
N THR B 27 38.30 2.86 -25.37
CA THR B 27 39.17 3.15 -24.24
C THR B 27 38.39 3.49 -22.98
N VAL B 28 37.07 3.42 -23.06
CA VAL B 28 36.21 3.72 -21.90
C VAL B 28 35.77 2.45 -21.20
N GLN B 29 35.32 1.47 -21.97
CA GLN B 29 34.91 0.19 -21.40
C GLN B 29 36.12 -0.62 -20.94
N ALA B 30 37.29 -0.28 -21.48
CA ALA B 30 38.52 -0.97 -21.12
C ALA B 30 39.09 -0.43 -19.81
N ARG B 31 38.81 0.84 -19.52
CA ARG B 31 39.30 1.47 -18.30
C ARG B 31 38.60 0.96 -17.05
N ASN B 32 37.28 0.92 -17.09
CA ASN B 32 36.49 0.48 -15.95
C ASN B 32 36.25 -1.03 -15.94
N LEU B 33 37.14 -1.77 -16.59
CA LEU B 33 37.00 -3.22 -16.68
C LEU B 33 37.74 -3.95 -15.55
N LEU B 34 38.79 -3.31 -15.03
CA LEU B 34 39.55 -3.89 -13.93
C LEU B 34 39.28 -3.13 -12.63
N SER B 35 39.17 -1.81 -12.75
CA SER B 35 38.85 -0.93 -11.62
C SER B 35 39.81 -1.12 -10.45
N GLY B 36 41.01 -0.55 -10.57
CA GLY B 36 42.02 -0.63 -9.53
C GLY B 36 42.63 -2.02 -9.43
N THR B 58 36.28 -14.04 9.16
CA THR B 58 34.90 -13.56 9.20
C THR B 58 34.29 -13.57 7.80
N VAL B 59 33.07 -14.11 7.70
CA VAL B 59 32.38 -14.21 6.41
C VAL B 59 31.89 -12.85 5.94
N TRP B 60 31.16 -12.85 4.81
CA TRP B 60 30.59 -11.65 4.19
C TRP B 60 31.68 -10.72 3.63
N GLY B 61 32.90 -10.86 4.13
CA GLY B 61 34.03 -10.12 3.61
C GLY B 61 34.77 -10.97 2.61
N ILE B 62 34.53 -12.28 2.69
CA ILE B 62 35.10 -13.23 1.74
C ILE B 62 34.21 -13.25 0.50
N LYS B 63 33.06 -12.61 0.62
CA LYS B 63 32.10 -12.51 -0.49
C LYS B 63 32.70 -11.71 -1.63
N GLN B 64 33.43 -10.65 -1.29
CA GLN B 64 34.03 -9.78 -2.29
C GLN B 64 35.40 -10.28 -2.72
N LEU B 65 36.06 -11.03 -1.84
CA LEU B 65 37.40 -11.56 -2.14
C LEU B 65 37.33 -12.56 -3.29
N GLN B 66 36.45 -13.55 -3.16
CA GLN B 66 36.28 -14.57 -4.19
C GLN B 66 35.76 -13.96 -5.48
N ALA B 67 35.13 -12.80 -5.38
CA ALA B 67 34.59 -12.09 -6.53
C ALA B 67 35.67 -11.30 -7.26
N ARG B 68 36.52 -10.62 -6.50
CA ARG B 68 37.56 -9.79 -7.10
C ARG B 68 38.74 -10.64 -7.56
N VAL B 69 38.78 -11.90 -7.14
CA VAL B 69 39.77 -12.84 -7.63
C VAL B 69 39.36 -13.29 -9.02
N LEU B 70 38.07 -13.55 -9.19
CA LEU B 70 37.51 -13.92 -10.48
C LEU B 70 37.59 -12.77 -11.45
N ALA B 71 37.67 -11.55 -10.90
CA ALA B 71 37.74 -10.33 -11.72
C ALA B 71 39.03 -10.24 -12.51
N VAL B 72 40.15 -10.58 -11.86
CA VAL B 72 41.45 -10.50 -12.52
C VAL B 72 41.71 -11.74 -13.37
N GLU B 73 41.06 -12.85 -13.03
CA GLU B 73 41.17 -14.06 -13.82
C GLU B 73 40.41 -13.88 -15.13
N ARG B 74 39.31 -13.14 -15.06
CA ARG B 74 38.50 -12.83 -16.24
C ARG B 74 39.25 -11.84 -17.12
N TYR B 75 40.04 -10.98 -16.50
CA TYR B 75 40.82 -9.97 -17.23
C TYR B 75 42.00 -10.60 -17.95
N LEU B 76 42.77 -11.40 -17.23
CA LEU B 76 43.95 -12.05 -17.80
C LEU B 76 43.58 -13.09 -18.86
N ARG B 77 42.37 -13.64 -18.74
CA ARG B 77 41.88 -14.60 -19.72
C ARG B 77 41.76 -13.94 -21.09
N ASP B 78 41.11 -12.78 -21.12
CA ASP B 78 40.97 -12.02 -22.36
C ASP B 78 42.31 -11.46 -22.81
N GLN B 79 43.15 -11.09 -21.84
CA GLN B 79 44.47 -10.56 -22.14
C GLN B 79 45.39 -11.62 -22.72
N GLN B 80 45.20 -12.87 -22.29
CA GLN B 80 45.98 -13.98 -22.81
C GLN B 80 45.62 -14.24 -24.27
N LEU B 81 44.32 -14.25 -24.55
CA LEU B 81 43.83 -14.40 -25.92
C LEU B 81 44.31 -13.22 -26.77
N LEU B 82 44.26 -12.03 -26.17
CA LEU B 82 44.68 -10.81 -26.84
C LEU B 82 46.18 -10.82 -27.08
N GLY B 83 46.90 -11.65 -26.33
CA GLY B 83 48.34 -11.75 -26.45
C GLY B 83 48.81 -12.82 -27.41
N ILE B 84 48.17 -13.99 -27.34
CA ILE B 84 48.55 -15.11 -28.20
C ILE B 84 48.17 -14.85 -29.66
N TRP B 85 47.23 -13.94 -29.86
CA TRP B 85 46.86 -13.51 -31.21
C TRP B 85 47.88 -12.49 -31.70
N GLY B 86 47.68 -12.00 -32.92
CA GLY B 86 48.56 -10.99 -33.47
C GLY B 86 48.17 -9.61 -32.97
N CYS B 87 48.08 -9.45 -31.66
CA CYS B 87 47.64 -8.21 -31.06
C CYS B 87 48.55 -7.72 -29.94
N SER B 88 48.41 -8.32 -28.76
CA SER B 88 49.11 -7.89 -27.54
C SER B 88 48.75 -6.45 -27.21
N GLY B 89 49.13 -5.52 -28.08
CA GLY B 89 48.69 -4.15 -27.97
C GLY B 89 47.18 -4.13 -28.05
N LYS B 90 46.55 -3.62 -27.00
CA LYS B 90 45.10 -3.70 -26.85
C LYS B 90 44.33 -2.79 -27.81
N LEU B 91 43.08 -2.51 -27.43
CA LEU B 91 42.17 -1.68 -28.22
C LEU B 91 41.91 -2.26 -29.61
N ILE B 92 42.78 -1.95 -30.57
CA ILE B 92 42.61 -2.45 -31.93
C ILE B 92 43.89 -3.06 -32.49
N CYS B 93 43.71 -4.03 -33.39
CA CYS B 93 44.83 -4.64 -34.10
C CYS B 93 44.30 -5.41 -35.30
N CYS B 94 45.09 -5.49 -36.37
CA CYS B 94 44.68 -6.20 -37.57
C CYS B 94 45.24 -7.62 -37.58
N THR B 95 44.67 -8.47 -38.43
CA THR B 95 45.12 -9.85 -38.54
C THR B 95 45.06 -10.30 -40.00
N ASN B 96 45.84 -11.33 -40.34
CA ASN B 96 45.87 -11.84 -41.70
C ASN B 96 44.92 -13.01 -41.91
N VAL B 97 43.65 -12.81 -41.58
CA VAL B 97 42.64 -13.85 -41.75
C VAL B 97 41.49 -13.36 -42.62
N PRO B 98 41.27 -14.04 -43.76
CA PRO B 98 40.19 -13.68 -44.67
C PRO B 98 38.81 -13.93 -44.06
N TRP B 99 37.91 -12.97 -44.17
CA TRP B 99 36.58 -13.08 -43.61
C TRP B 99 35.72 -14.04 -44.43
N ASN B 100 35.39 -15.18 -43.84
CA ASN B 100 34.55 -16.17 -44.51
C ASN B 100 33.12 -15.66 -44.67
N SER B 101 32.59 -15.77 -45.89
CA SER B 101 31.26 -15.27 -46.20
C SER B 101 30.16 -15.95 -45.40
N SER B 102 30.43 -17.17 -44.93
CA SER B 102 29.44 -17.94 -44.18
C SER B 102 29.16 -17.30 -42.82
N TRP B 103 30.06 -16.43 -42.37
CA TRP B 103 29.90 -15.76 -41.08
C TRP B 103 29.05 -14.49 -41.23
N SER B 104 27.81 -14.67 -41.66
CA SER B 104 26.88 -13.57 -41.90
C SER B 104 27.46 -12.55 -42.88
N ASN B 105 27.27 -12.82 -44.17
CA ASN B 105 27.81 -11.96 -45.22
C ASN B 105 27.16 -10.58 -45.28
N ARG B 106 27.80 -9.61 -44.62
CA ARG B 106 27.33 -8.23 -44.64
C ARG B 106 28.39 -7.36 -45.30
N ASN B 107 28.02 -6.15 -45.68
CA ASN B 107 28.97 -5.25 -46.31
C ASN B 107 29.63 -4.32 -45.28
N LEU B 108 30.69 -3.65 -45.70
CA LEU B 108 31.44 -2.76 -44.82
C LEU B 108 30.56 -1.64 -44.27
N SER B 109 29.72 -1.07 -45.13
CA SER B 109 28.86 0.05 -44.73
C SER B 109 27.59 -0.45 -44.06
N GLU B 110 27.36 -1.76 -44.10
CA GLU B 110 26.16 -2.34 -43.50
C GLU B 110 26.44 -2.89 -42.11
N ILE B 111 27.71 -2.87 -41.71
CA ILE B 111 28.11 -3.35 -40.40
C ILE B 111 28.42 -2.20 -39.45
N TRP B 112 29.31 -1.32 -39.89
CA TRP B 112 29.78 -0.22 -39.06
C TRP B 112 28.80 0.96 -39.01
N ASP B 113 27.80 0.95 -39.89
CA ASP B 113 26.87 2.06 -39.97
C ASP B 113 25.40 1.64 -39.98
N ASN B 114 25.12 0.44 -39.51
CA ASN B 114 23.75 -0.06 -39.47
C ASN B 114 23.59 -1.22 -38.50
N MET B 115 24.50 -1.35 -37.54
CA MET B 115 24.45 -2.45 -36.59
C MET B 115 25.20 -2.15 -35.31
N THR B 116 24.62 -2.54 -34.19
CA THR B 116 25.25 -2.34 -32.89
C THR B 116 26.10 -3.56 -32.52
N TRP B 117 27.01 -3.39 -31.57
CA TRP B 117 27.88 -4.48 -31.15
C TRP B 117 27.10 -5.62 -30.50
N LEU B 118 26.03 -5.27 -29.79
CA LEU B 118 25.16 -6.26 -29.17
C LEU B 118 24.44 -7.07 -30.23
N GLN B 119 23.97 -6.39 -31.27
CA GLN B 119 23.24 -7.02 -32.36
C GLN B 119 24.19 -7.86 -33.22
N TRP B 120 25.43 -7.40 -33.34
CA TRP B 120 26.43 -8.07 -34.15
C TRP B 120 26.93 -9.35 -33.49
N ASP B 121 27.20 -9.28 -32.20
CA ASP B 121 27.71 -10.42 -31.45
C ASP B 121 26.70 -11.57 -31.41
N LYS B 122 25.43 -11.24 -31.64
CA LYS B 122 24.37 -12.24 -31.61
C LYS B 122 24.41 -13.15 -32.83
N GLU B 123 24.88 -12.61 -33.96
CA GLU B 123 24.93 -13.37 -35.20
C GLU B 123 26.21 -14.20 -35.32
N ILE B 124 27.34 -13.59 -34.99
CA ILE B 124 28.64 -14.23 -35.15
C ILE B 124 28.96 -15.14 -33.97
N SER B 125 28.05 -15.19 -32.99
CA SER B 125 28.23 -16.02 -31.80
C SER B 125 28.45 -17.48 -32.15
N ASN B 126 27.87 -17.91 -33.26
CA ASN B 126 28.01 -19.27 -33.74
C ASN B 126 29.41 -19.59 -34.25
N TYR B 127 30.11 -18.56 -34.74
CA TYR B 127 31.42 -18.75 -35.33
C TYR B 127 32.54 -18.10 -34.53
N THR B 128 32.20 -17.59 -33.35
CA THR B 128 33.18 -16.92 -32.49
C THR B 128 34.32 -17.86 -32.09
N GLN B 129 33.96 -19.07 -31.68
CA GLN B 129 34.95 -20.06 -31.26
C GLN B 129 35.81 -20.51 -32.44
N ILE B 130 35.22 -20.49 -33.63
CA ILE B 130 35.91 -20.90 -34.85
C ILE B 130 36.97 -19.86 -35.24
N ILE B 131 36.58 -18.59 -35.21
CA ILE B 131 37.49 -17.50 -35.57
C ILE B 131 38.67 -17.42 -34.61
N TYR B 132 38.41 -17.64 -33.33
CA TYR B 132 39.46 -17.59 -32.30
C TYR B 132 40.59 -18.57 -32.59
N GLY B 133 40.24 -19.72 -33.14
CA GLY B 133 41.22 -20.75 -33.46
C GLY B 133 42.12 -20.35 -34.61
N LEU B 134 41.59 -19.56 -35.54
CA LEU B 134 42.34 -19.13 -36.71
C LEU B 134 43.28 -17.97 -36.38
N LEU B 135 43.15 -17.42 -35.18
CA LEU B 135 43.95 -16.29 -34.76
C LEU B 135 45.16 -16.70 -33.91
N GLU B 136 44.93 -17.61 -32.97
CA GLU B 136 45.98 -18.05 -32.06
C GLU B 136 46.90 -19.10 -32.68
N GLU B 137 46.32 -20.00 -33.47
CA GLU B 137 47.07 -21.11 -34.05
C GLU B 137 47.67 -20.79 -35.41
N SER B 138 46.82 -20.40 -36.35
CA SER B 138 47.23 -20.19 -37.74
C SER B 138 48.18 -19.00 -37.92
N GLN B 139 48.11 -18.03 -37.01
CA GLN B 139 48.87 -16.80 -37.17
C GLN B 139 50.21 -16.80 -36.44
N ASN B 140 50.22 -16.30 -35.20
CA ASN B 140 51.45 -16.08 -34.45
C ASN B 140 52.29 -17.32 -34.18
N GLN B 141 51.79 -18.50 -34.52
CA GLN B 141 52.58 -19.71 -34.41
C GLN B 141 53.30 -19.95 -35.73
N GLN B 142 52.71 -19.48 -36.82
CA GLN B 142 53.29 -19.61 -38.14
C GLN B 142 53.97 -18.31 -38.56
N GLU B 143 53.50 -17.20 -38.00
CA GLU B 143 54.05 -15.89 -38.33
C GLU B 143 55.36 -15.61 -37.60
N LYS B 144 55.38 -15.88 -36.31
CA LYS B 144 56.57 -15.65 -35.50
C LYS B 144 57.69 -16.63 -35.86
N ASN B 145 57.32 -17.87 -36.15
CA ASN B 145 58.29 -18.87 -36.58
C ASN B 145 58.87 -18.47 -37.94
N GLU B 146 58.05 -17.83 -38.75
CA GLU B 146 58.47 -17.32 -40.05
C GLU B 146 59.50 -16.21 -39.86
N GLN B 147 59.31 -15.42 -38.82
CA GLN B 147 60.18 -14.29 -38.52
C GLN B 147 61.55 -14.74 -38.03
N ASP B 148 61.58 -15.88 -37.34
CA ASP B 148 62.84 -16.44 -36.85
C ASP B 148 63.73 -16.83 -38.02
N LEU B 149 63.10 -17.16 -39.15
CA LEU B 149 63.83 -17.51 -40.36
C LEU B 149 64.28 -16.25 -41.09
N LEU B 150 63.54 -15.16 -40.89
CA LEU B 150 63.82 -13.90 -41.57
C LEU B 150 64.80 -13.05 -40.78
N ALA B 151 64.96 -13.34 -39.50
CA ALA B 151 65.82 -12.53 -38.63
C ALA B 151 67.23 -13.11 -38.48
N LEU B 152 67.42 -14.35 -38.93
CA LEU B 152 68.73 -14.99 -38.82
C LEU B 152 69.64 -14.54 -39.95
N ASP B 153 69.04 -14.09 -41.05
CA ASP B 153 69.80 -13.63 -42.21
C ASP B 153 70.05 -12.12 -42.15
N ALA C 1 -2.86 2.00 63.53
CA ALA C 1 -3.86 2.29 62.51
C ALA C 1 -4.18 3.79 62.37
N PRO C 2 -4.43 4.49 63.50
CA PRO C 2 -4.73 5.92 63.30
C PRO C 2 -3.48 6.77 63.07
N THR C 3 -3.62 7.83 62.27
CA THR C 3 -2.52 8.74 61.99
C THR C 3 -2.93 10.19 62.27
N PHE C 4 -1.94 11.04 62.52
CA PHE C 4 -2.21 12.44 62.83
C PHE C 4 -1.29 13.40 62.08
N VAL C 5 -1.84 14.55 61.68
CA VAL C 5 -1.07 15.59 61.01
C VAL C 5 -1.40 16.96 61.60
N SER C 6 -0.42 17.58 62.26
CA SER C 6 -0.63 18.89 62.88
C SER C 6 0.00 19.99 62.03
N VAL C 7 -0.81 20.98 61.66
CA VAL C 7 -0.34 22.09 60.84
C VAL C 7 -0.77 23.44 61.42
N ALA C 8 0.18 24.37 61.52
CA ALA C 8 -0.10 25.71 62.01
C ALA C 8 -1.09 26.44 61.11
N PRO C 9 -1.95 27.28 61.70
CA PRO C 9 -2.97 28.04 60.94
C PRO C 9 -2.35 28.93 59.86
N GLY C 10 -2.93 28.90 58.66
CA GLY C 10 -2.46 29.72 57.56
C GLY C 10 -1.41 29.04 56.71
N GLN C 11 -0.91 27.90 57.18
CA GLN C 11 0.12 27.16 56.46
C GLN C 11 -0.49 26.17 55.46
N THR C 12 0.24 25.11 55.18
CA THR C 12 -0.21 24.11 54.21
C THR C 12 -0.23 22.70 54.82
N ALA C 13 -1.37 22.02 54.68
CA ALA C 13 -1.51 20.67 55.21
C ALA C 13 -1.44 19.63 54.11
N ARG C 14 -0.84 18.47 54.41
CA ARG C 14 -0.72 17.39 53.45
C ARG C 14 -1.16 16.07 54.06
N ILE C 15 -1.99 15.33 53.32
CA ILE C 15 -2.59 14.10 53.83
C ILE C 15 -2.33 12.91 52.92
N THR C 16 -1.84 11.81 53.51
CA THR C 16 -1.55 10.60 52.77
C THR C 16 -2.53 9.47 53.13
N CYS C 17 -3.10 8.85 52.10
CA CYS C 17 -4.05 7.76 52.31
C CYS C 17 -3.95 6.70 51.21
N GLY C 18 -4.28 5.47 51.55
CA GLY C 18 -4.25 4.38 50.58
C GLY C 18 -2.85 3.89 50.26
N GLU C 19 -2.77 2.77 49.56
CA GLU C 19 -1.49 2.19 49.16
C GLU C 19 -0.84 3.01 48.05
N GLU C 20 0.31 2.54 47.58
CA GLU C 20 1.00 3.20 46.48
C GLU C 20 0.31 2.92 45.15
N SER C 21 0.32 3.90 44.25
CA SER C 21 -0.32 3.75 42.95
C SER C 21 0.35 2.68 42.11
N LEU C 22 -0.45 1.83 41.49
CA LEU C 22 0.06 0.78 40.63
C LEU C 22 -0.27 1.09 39.17
N GLY C 23 -1.35 1.82 38.96
CA GLY C 23 -1.77 2.23 37.63
C GLY C 23 -2.41 3.61 37.66
N SER C 24 -3.13 3.95 36.61
CA SER C 24 -3.84 5.22 36.55
C SER C 24 -4.98 5.22 37.56
N ARG C 25 -4.99 6.22 38.44
CA ARG C 25 -5.98 6.27 39.51
C ARG C 25 -7.03 7.36 39.34
N SER C 26 -8.09 7.24 40.13
CA SER C 26 -9.15 8.25 40.20
C SER C 26 -9.56 8.40 41.67
N VAL C 27 -8.68 9.02 42.45
CA VAL C 27 -8.85 9.14 43.89
C VAL C 27 -10.00 10.06 44.29
N ILE C 28 -10.90 9.55 45.12
CA ILE C 28 -12.01 10.34 45.64
C ILE C 28 -11.78 10.64 47.12
N TRP C 29 -11.79 11.92 47.47
CA TRP C 29 -11.56 12.33 48.86
C TRP C 29 -12.86 12.66 49.58
N TYR C 30 -12.86 12.44 50.89
CA TYR C 30 -14.03 12.74 51.72
C TYR C 30 -13.62 13.36 53.04
N GLN C 31 -14.48 14.24 53.57
CA GLN C 31 -14.25 14.86 54.87
C GLN C 31 -15.36 14.52 55.84
N GLN C 32 -15.00 14.11 57.05
CA GLN C 32 -15.99 13.74 58.05
C GLN C 32 -15.85 14.56 59.33
N ARG C 33 -16.71 15.55 59.49
CA ARG C 33 -16.75 16.37 60.69
C ARG C 33 -17.22 15.51 61.86
N PRO C 34 -16.61 15.70 63.04
CA PRO C 34 -16.97 14.91 64.22
C PRO C 34 -18.46 14.98 64.57
N GLY C 35 -19.13 13.84 64.59
CA GLY C 35 -20.54 13.77 64.91
C GLY C 35 -21.43 14.04 63.71
N GLN C 36 -20.83 14.08 62.53
CA GLN C 36 -21.58 14.36 61.31
C GLN C 36 -21.35 13.28 60.25
N ALA C 37 -21.85 13.52 59.05
CA ALA C 37 -21.72 12.58 57.94
C ALA C 37 -20.61 13.01 56.98
N PRO C 38 -19.93 12.03 56.37
CA PRO C 38 -18.85 12.30 55.40
C PRO C 38 -19.32 13.17 54.23
N SER C 39 -18.54 14.18 53.88
CA SER C 39 -18.89 15.08 52.79
C SER C 39 -17.85 15.00 51.68
N LEU C 40 -18.29 15.17 50.44
CA LEU C 40 -17.41 15.10 49.28
C LEU C 40 -16.54 16.35 49.17
N ILE C 41 -15.24 16.16 49.01
CA ILE C 41 -14.31 17.27 48.85
C ILE C 41 -13.72 17.30 47.45
N ILE C 42 -13.06 16.21 47.07
CA ILE C 42 -12.41 16.12 45.77
C ILE C 42 -12.64 14.76 45.11
N TYR C 43 -13.28 14.78 43.94
CA TYR C 43 -13.46 13.57 43.16
C TYR C 43 -12.58 13.65 41.91
N ASN C 44 -12.27 12.49 41.33
CA ASN C 44 -11.40 12.40 40.16
C ASN C 44 -10.06 13.10 40.41
N ASN C 45 -9.32 12.61 41.40
CA ASN C 45 -7.98 13.09 41.73
C ASN C 45 -7.91 14.56 42.16
N ASN C 46 -8.35 15.47 41.30
CA ASN C 46 -8.25 16.89 41.61
C ASN C 46 -9.40 17.73 41.04
N ASP C 47 -10.60 17.18 41.04
CA ASP C 47 -11.78 17.91 40.58
C ASP C 47 -12.72 18.17 41.76
N ARG C 48 -12.91 19.44 42.08
CA ARG C 48 -13.77 19.83 43.20
C ARG C 48 -15.16 20.24 42.72
N PRO C 49 -16.20 19.75 43.42
CA PRO C 49 -17.58 20.11 43.10
C PRO C 49 -17.92 21.52 43.56
N SER C 50 -19.19 21.90 43.42
CA SER C 50 -19.62 23.23 43.84
C SER C 50 -19.69 23.35 45.35
N GLY C 51 -19.10 24.42 45.90
CA GLY C 51 -19.11 24.66 47.33
C GLY C 51 -17.76 24.43 47.98
N ILE C 52 -16.86 23.78 47.26
CA ILE C 52 -15.52 23.49 47.78
C ILE C 52 -14.50 24.48 47.23
N PRO C 53 -13.77 25.15 48.15
CA PRO C 53 -12.75 26.14 47.76
C PRO C 53 -11.57 25.53 47.03
N ASP C 54 -10.78 26.36 46.37
CA ASP C 54 -9.63 25.89 45.61
C ASP C 54 -8.41 25.66 46.50
N ARG C 55 -8.59 25.83 47.80
CA ARG C 55 -7.52 25.58 48.76
C ARG C 55 -7.22 24.10 48.86
N PHE C 56 -8.23 23.29 48.55
CA PHE C 56 -8.09 21.84 48.61
C PHE C 56 -7.70 21.27 47.24
N SER C 57 -6.51 20.69 47.17
CA SER C 57 -6.03 20.09 45.95
C SER C 57 -5.47 18.70 46.21
N GLY C 58 -5.58 17.82 45.22
CA GLY C 58 -5.07 16.46 45.35
C GLY C 58 -4.06 16.11 44.28
N SER C 59 -3.19 15.15 44.58
CA SER C 59 -2.19 14.71 43.62
C SER C 59 -2.85 14.03 42.44
N PRO C 60 -2.37 14.31 41.22
CA PRO C 60 -2.94 13.72 40.00
C PRO C 60 -2.79 12.21 39.97
N GLY C 61 -3.80 11.52 39.45
CA GLY C 61 -3.77 10.07 39.37
C GLY C 61 -3.11 9.59 38.09
N SER C 62 -2.06 10.28 37.69
CA SER C 62 -1.31 9.91 36.49
C SER C 62 0.13 9.56 36.84
N THR C 63 0.48 9.75 38.10
CA THR C 63 1.83 9.43 38.58
C THR C 63 1.88 7.99 39.10
N PHE C 64 2.77 7.19 38.52
CA PHE C 64 2.87 5.78 38.87
C PHE C 64 3.96 5.52 39.90
N GLY C 65 3.57 5.01 41.05
CA GLY C 65 4.51 4.68 42.11
C GLY C 65 4.47 5.65 43.28
N THR C 66 3.39 6.40 43.37
CA THR C 66 3.22 7.37 44.45
C THR C 66 1.89 7.19 45.17
N THR C 67 1.81 7.69 46.39
CA THR C 67 0.58 7.59 47.18
C THR C 67 -0.33 8.77 46.94
N ALA C 68 -1.61 8.60 47.23
CA ALA C 68 -2.59 9.68 47.08
C ALA C 68 -2.32 10.78 48.11
N THR C 69 -2.18 12.01 47.66
CA THR C 69 -1.87 13.12 48.54
C THR C 69 -2.90 14.24 48.46
N LEU C 70 -3.40 14.66 49.62
CA LEU C 70 -4.36 15.75 49.70
C LEU C 70 -3.73 16.99 50.30
N THR C 71 -3.60 18.03 49.49
CA THR C 71 -2.97 19.27 49.91
C THR C 71 -4.00 20.33 50.31
N ILE C 72 -3.83 20.90 51.50
CA ILE C 72 -4.74 21.93 51.99
C ILE C 72 -4.00 23.23 52.30
N THR C 73 -4.10 24.20 51.40
CA THR C 73 -3.46 25.49 51.59
C THR C 73 -4.32 26.38 52.48
N SER C 74 -3.67 27.32 53.18
CA SER C 74 -4.36 28.23 54.10
C SER C 74 -5.18 27.46 55.12
N VAL C 75 -4.50 26.69 55.95
CA VAL C 75 -5.16 25.85 56.96
C VAL C 75 -5.85 26.69 58.02
N GLU C 76 -7.13 26.40 58.25
CA GLU C 76 -7.90 27.11 59.26
C GLU C 76 -8.45 26.12 60.29
N ALA C 77 -8.95 26.64 61.41
CA ALA C 77 -9.46 25.81 62.49
C ALA C 77 -10.67 24.97 62.04
N GLY C 78 -11.39 25.46 61.04
CA GLY C 78 -12.55 24.76 60.53
C GLY C 78 -12.19 23.50 59.76
N ASP C 79 -10.94 23.43 59.32
CA ASP C 79 -10.47 22.29 58.54
C ASP C 79 -10.08 21.10 59.42
N GLU C 80 -10.18 21.30 60.75
CA GLU C 80 -9.84 20.26 61.70
C GLU C 80 -10.87 19.14 61.69
N ALA C 81 -10.57 18.07 60.95
CA ALA C 81 -11.47 16.93 60.84
C ALA C 81 -10.74 15.70 60.31
N ASP C 82 -11.51 14.63 60.07
CA ASP C 82 -10.95 13.40 59.51
C ASP C 82 -11.14 13.37 58.00
N TYR C 83 -10.18 12.78 57.29
CA TYR C 83 -10.22 12.71 55.84
C TYR C 83 -9.98 11.29 55.33
N TYR C 84 -10.93 10.78 54.56
CA TYR C 84 -10.81 9.44 53.97
C TYR C 84 -10.65 9.53 52.45
N CYS C 85 -10.13 8.47 51.85
CA CYS C 85 -9.96 8.43 50.40
C CYS C 85 -10.47 7.12 49.81
N HIS C 86 -11.01 7.20 48.59
CA HIS C 86 -11.52 6.01 47.91
C HIS C 86 -10.68 5.74 46.66
N ILE C 87 -9.75 4.80 46.78
CA ILE C 87 -8.82 4.50 45.70
C ILE C 87 -9.45 3.72 44.55
N TRP C 88 -9.36 4.28 43.35
CA TRP C 88 -9.83 3.62 42.15
C TRP C 88 -8.67 3.35 41.20
N ASP C 89 -8.05 2.19 41.35
CA ASP C 89 -6.87 1.82 40.56
C ASP C 89 -7.24 0.89 39.42
N SER C 90 -6.60 1.07 38.28
CA SER C 90 -6.87 0.24 37.10
C SER C 90 -6.19 -1.12 37.20
N ARG C 91 -5.37 -1.30 38.22
CA ARG C 91 -4.67 -2.55 38.46
C ARG C 91 -5.24 -3.27 39.68
N ARG C 92 -6.03 -2.54 40.47
CA ARG C 92 -6.61 -3.09 41.69
C ARG C 92 -8.13 -3.21 41.57
N PRO C 93 -8.71 -4.23 42.22
CA PRO C 93 -10.16 -4.41 42.25
C PRO C 93 -10.88 -3.25 42.91
N THR C 94 -12.19 -3.16 42.74
CA THR C 94 -12.98 -2.09 43.32
C THR C 94 -12.94 -2.14 44.84
N ASN C 95 -12.42 -1.08 45.46
CA ASN C 95 -12.33 -1.00 46.91
C ASN C 95 -13.66 -0.61 47.55
N TRP C 96 -14.25 -1.55 48.28
CA TRP C 96 -15.53 -1.31 48.94
C TRP C 96 -15.34 -0.78 50.36
N VAL C 97 -14.09 -0.48 50.70
CA VAL C 97 -13.76 0.08 52.00
C VAL C 97 -12.81 1.26 51.83
N PHE C 98 -13.18 2.41 52.37
CA PHE C 98 -12.33 3.59 52.28
C PHE C 98 -11.00 3.36 52.99
N GLY C 99 -9.97 4.08 52.56
CA GLY C 99 -8.66 3.96 53.18
C GLY C 99 -8.68 4.50 54.59
N GLU C 100 -7.68 4.12 55.38
CA GLU C 100 -7.59 4.60 56.76
C GLU C 100 -7.44 6.12 56.81
N GLY C 101 -8.35 6.76 57.53
CA GLY C 101 -8.40 8.21 57.59
C GLY C 101 -7.20 8.87 58.26
N THR C 102 -7.07 10.17 58.04
CA THR C 102 -5.99 10.95 58.63
C THR C 102 -6.55 12.19 59.31
N THR C 103 -6.24 12.35 60.59
CA THR C 103 -6.76 13.46 61.38
C THR C 103 -5.91 14.72 61.22
N LEU C 104 -6.56 15.83 60.88
CA LEU C 104 -5.87 17.11 60.73
C LEU C 104 -5.97 17.92 62.02
N ILE C 105 -4.82 18.22 62.61
CA ILE C 105 -4.77 18.98 63.86
C ILE C 105 -4.36 20.43 63.62
N VAL C 106 -5.28 21.35 63.90
CA VAL C 106 -4.99 22.77 63.76
C VAL C 106 -4.41 23.32 65.06
N LEU C 107 -3.11 23.60 65.04
CA LEU C 107 -2.41 24.08 66.23
C LEU C 107 -2.86 25.48 66.64
N SER C 108 -2.36 25.92 67.80
CA SER C 108 -2.66 27.24 68.34
C SER C 108 -4.16 27.50 68.51
N GLN C 109 -4.86 26.54 69.09
CA GLN C 109 -6.28 26.71 69.39
C GLN C 109 -6.50 27.88 70.37
N PRO C 110 -5.71 27.98 71.46
CA PRO C 110 -4.71 27.09 72.06
C PRO C 110 -5.15 26.49 73.40
N LYS C 111 -5.70 27.32 74.28
CA LYS C 111 -6.15 26.87 75.60
C LYS C 111 -7.62 27.24 75.79
N ALA C 112 -8.30 26.51 76.66
CA ALA C 112 -9.71 26.75 76.93
C ALA C 112 -10.10 26.33 78.34
N ALA C 113 -10.61 27.27 79.13
CA ALA C 113 -11.04 26.99 80.49
C ALA C 113 -12.34 26.20 80.50
N PRO C 114 -12.36 25.07 81.22
CA PRO C 114 -13.55 24.20 81.29
C PRO C 114 -14.71 24.86 82.03
N SER C 115 -15.91 24.73 81.48
CA SER C 115 -17.11 25.27 82.10
C SER C 115 -17.88 24.15 82.79
N VAL C 116 -17.63 23.96 84.08
CA VAL C 116 -18.26 22.89 84.83
C VAL C 116 -19.59 23.32 85.43
N THR C 117 -20.52 22.37 85.56
CA THR C 117 -21.83 22.64 86.13
C THR C 117 -22.32 21.43 86.91
N LEU C 118 -22.63 21.64 88.19
CA LEU C 118 -23.05 20.54 89.06
C LEU C 118 -24.52 20.65 89.44
N PHE C 119 -25.30 19.62 89.09
CA PHE C 119 -26.72 19.60 89.39
C PHE C 119 -27.05 18.58 90.49
N PRO C 120 -27.89 18.99 91.46
CA PRO C 120 -28.36 18.11 92.52
C PRO C 120 -29.44 17.16 92.01
N PRO C 121 -29.70 16.05 92.73
CA PRO C 121 -30.74 15.11 92.30
C PRO C 121 -32.13 15.74 92.30
N SER C 122 -32.95 15.39 91.32
CA SER C 122 -34.29 15.94 91.19
C SER C 122 -35.22 15.43 92.27
N SER C 123 -36.28 16.18 92.55
CA SER C 123 -37.26 15.81 93.56
C SER C 123 -38.10 14.62 93.09
N GLU C 124 -38.23 14.48 91.77
CA GLU C 124 -39.02 13.41 91.19
C GLU C 124 -38.28 12.07 91.27
N GLU C 125 -36.96 12.12 91.18
CA GLU C 125 -36.14 10.91 91.25
C GLU C 125 -36.02 10.40 92.67
N LEU C 126 -35.98 11.33 93.63
CA LEU C 126 -35.88 10.96 95.03
C LEU C 126 -37.12 10.20 95.51
N GLN C 127 -38.25 10.50 94.90
CA GLN C 127 -39.49 9.80 95.21
C GLN C 127 -39.47 8.39 94.63
N ALA C 128 -38.56 8.15 93.72
CA ALA C 128 -38.39 6.84 93.11
C ALA C 128 -37.26 6.07 93.80
N ASN C 129 -36.91 6.52 95.00
CA ASN C 129 -35.86 5.90 95.81
C ASN C 129 -34.52 5.86 95.08
N LYS C 130 -34.23 6.92 94.31
CA LYS C 130 -32.99 7.01 93.57
C LYS C 130 -32.40 8.41 93.64
N ALA C 131 -31.08 8.50 93.52
CA ALA C 131 -30.38 9.78 93.56
C ALA C 131 -29.18 9.76 92.62
N THR C 132 -28.93 10.88 91.95
CA THR C 132 -27.82 10.96 91.00
C THR C 132 -27.29 12.39 90.84
N LEU C 133 -26.00 12.56 91.08
CA LEU C 133 -25.34 13.85 90.89
C LEU C 133 -24.80 13.96 89.46
N VAL C 134 -25.01 15.10 88.83
CA VAL C 134 -24.58 15.30 87.46
C VAL C 134 -23.56 16.43 87.35
N CYS C 135 -22.43 16.14 86.70
CA CYS C 135 -21.38 17.14 86.51
C CYS C 135 -21.08 17.35 85.03
N LEU C 136 -21.59 18.43 84.48
CA LEU C 136 -21.43 18.72 83.05
C LEU C 136 -20.17 19.53 82.79
N ILE C 137 -19.33 19.03 81.87
CA ILE C 137 -18.09 19.70 81.53
C ILE C 137 -18.02 20.00 80.03
N SER C 138 -17.87 21.28 79.68
CA SER C 138 -17.82 21.67 78.28
C SER C 138 -16.86 22.83 78.04
N ASP C 139 -16.63 23.12 76.76
CA ASP C 139 -15.76 24.23 76.34
C ASP C 139 -14.35 24.14 76.90
N PHE C 140 -13.74 22.96 76.83
CA PHE C 140 -12.38 22.79 77.32
C PHE C 140 -11.47 22.16 76.27
N TYR C 141 -10.24 22.67 76.18
CA TYR C 141 -9.26 22.17 75.24
C TYR C 141 -7.88 22.09 75.88
N PRO C 142 -7.17 20.96 75.68
CA PRO C 142 -7.61 19.81 74.90
C PRO C 142 -8.52 18.86 75.68
N GLY C 143 -9.08 17.87 74.99
CA GLY C 143 -10.00 16.94 75.61
C GLY C 143 -9.33 15.87 76.45
N ALA C 144 -8.99 16.22 77.69
CA ALA C 144 -8.37 15.27 78.61
C ALA C 144 -8.58 15.72 80.05
N VAL C 145 -9.66 15.25 80.66
CA VAL C 145 -9.99 15.64 82.03
C VAL C 145 -10.18 14.42 82.93
N THR C 146 -9.96 14.64 84.24
CA THR C 146 -10.16 13.59 85.23
C THR C 146 -11.02 14.14 86.37
N VAL C 147 -12.11 13.45 86.68
CA VAL C 147 -13.05 13.91 87.68
C VAL C 147 -12.96 13.10 88.98
N ALA C 148 -12.90 13.81 90.10
CA ALA C 148 -12.86 13.18 91.41
C ALA C 148 -13.93 13.76 92.32
N TRP C 149 -14.87 12.92 92.77
CA TRP C 149 -15.95 13.37 93.62
C TRP C 149 -15.55 13.43 95.08
N LYS C 150 -16.27 14.22 95.86
CA LYS C 150 -15.94 14.41 97.27
C LYS C 150 -17.17 14.39 98.17
N ALA C 151 -17.09 13.59 99.24
CA ALA C 151 -18.08 13.61 100.30
C ALA C 151 -17.50 14.40 101.46
N ASP C 152 -17.99 15.63 101.64
CA ASP C 152 -17.40 16.58 102.59
C ASP C 152 -15.93 16.81 102.22
N SER C 153 -15.03 16.14 102.95
CA SER C 153 -13.61 16.22 102.66
C SER C 153 -13.08 14.85 102.29
N SER C 154 -13.97 13.86 102.29
CA SER C 154 -13.61 12.48 101.96
C SER C 154 -13.95 12.16 100.51
N PRO C 155 -13.00 11.58 99.78
CA PRO C 155 -13.19 11.22 98.37
C PRO C 155 -14.19 10.08 98.17
N VAL C 156 -14.83 10.05 97.02
CA VAL C 156 -15.80 8.99 96.70
C VAL C 156 -15.16 7.96 95.78
N LYS C 157 -15.19 6.70 96.20
CA LYS C 157 -14.52 5.63 95.46
C LYS C 157 -15.40 5.03 94.36
N ALA C 158 -16.59 4.55 94.73
CA ALA C 158 -17.47 3.89 93.78
C ALA C 158 -18.71 4.72 93.45
N GLY C 159 -19.41 4.32 92.39
CA GLY C 159 -20.62 5.01 91.97
C GLY C 159 -20.35 6.12 90.98
N VAL C 160 -19.09 6.25 90.58
CA VAL C 160 -18.69 7.30 89.65
C VAL C 160 -18.71 6.83 88.20
N GLU C 161 -19.47 7.54 87.37
CA GLU C 161 -19.56 7.23 85.95
C GLU C 161 -19.19 8.46 85.13
N THR C 162 -18.11 8.36 84.35
CA THR C 162 -17.62 9.51 83.59
C THR C 162 -17.46 9.17 82.10
N THR C 163 -17.92 10.08 81.26
CA THR C 163 -17.82 9.92 79.81
C THR C 163 -16.44 10.29 79.30
N THR C 164 -16.13 9.86 78.07
CA THR C 164 -14.88 10.23 77.43
C THR C 164 -15.06 11.50 76.61
N PRO C 165 -14.05 12.39 76.63
CA PRO C 165 -14.08 13.68 75.91
C PRO C 165 -14.46 13.53 74.44
N SER C 166 -15.20 14.51 73.91
CA SER C 166 -15.63 14.48 72.53
C SER C 166 -15.95 15.89 72.03
N LYS C 167 -15.11 16.39 71.13
CA LYS C 167 -15.29 17.74 70.59
C LYS C 167 -16.49 17.81 69.65
N GLN C 168 -17.10 18.99 69.56
CA GLN C 168 -18.28 19.19 68.74
C GLN C 168 -18.19 20.43 67.87
N SER C 169 -17.56 20.28 66.70
CA SER C 169 -17.42 21.36 65.71
C SER C 169 -16.79 22.61 66.29
N ASN C 170 -15.92 22.43 67.28
CA ASN C 170 -15.27 23.55 67.95
C ASN C 170 -14.10 23.09 68.80
N ASN C 171 -13.58 23.98 69.64
CA ASN C 171 -12.58 23.61 70.63
C ASN C 171 -13.30 22.97 71.81
N LYS C 172 -14.61 23.15 71.83
CA LYS C 172 -15.46 22.64 72.90
C LYS C 172 -15.52 21.12 72.92
N TYR C 173 -14.92 20.53 73.95
CA TYR C 173 -15.05 19.09 74.19
C TYR C 173 -16.16 18.86 75.20
N ALA C 174 -16.73 17.66 75.22
CA ALA C 174 -17.81 17.36 76.12
C ALA C 174 -17.45 16.23 77.08
N ALA C 175 -17.90 16.36 78.33
CA ALA C 175 -17.62 15.35 79.35
C ALA C 175 -18.66 15.43 80.46
N SER C 176 -19.26 14.28 80.79
CA SER C 176 -20.26 14.21 81.85
C SER C 176 -19.84 13.22 82.94
N SER C 177 -19.95 13.65 84.19
CA SER C 177 -19.61 12.79 85.31
C SER C 177 -20.83 12.57 86.20
N TYR C 178 -21.18 11.31 86.43
CA TYR C 178 -22.36 10.97 87.23
C TYR C 178 -21.96 10.27 88.52
N LEU C 179 -22.77 10.49 89.57
CA LEU C 179 -22.54 9.85 90.86
C LEU C 179 -23.85 9.31 91.42
N SER C 180 -24.02 8.00 91.35
CA SER C 180 -25.24 7.36 91.84
C SER C 180 -25.23 7.19 93.35
N LEU C 181 -26.20 7.81 94.02
CA LEU C 181 -26.31 7.73 95.46
C LEU C 181 -27.71 7.31 95.89
N THR C 182 -27.88 7.08 97.19
CA THR C 182 -29.17 6.72 97.74
C THR C 182 -29.78 7.95 98.45
N PRO C 183 -31.12 8.01 98.51
CA PRO C 183 -31.80 9.12 99.20
C PRO C 183 -31.32 9.31 100.64
N GLU C 184 -30.85 8.23 101.24
CA GLU C 184 -30.31 8.28 102.60
C GLU C 184 -28.88 8.84 102.59
N GLN C 185 -28.15 8.50 101.54
CA GLN C 185 -26.77 8.96 101.39
C GLN C 185 -26.69 10.46 101.16
N TRP C 186 -27.65 10.99 100.41
CA TRP C 186 -27.69 12.41 100.06
C TRP C 186 -27.94 13.30 101.27
N LYS C 187 -28.87 12.90 102.13
CA LYS C 187 -29.21 13.68 103.30
C LYS C 187 -28.20 13.45 104.44
N SER C 188 -27.27 12.54 104.22
CA SER C 188 -26.28 12.20 105.24
C SER C 188 -25.22 13.28 105.39
N HIS C 189 -24.30 13.34 104.43
CA HIS C 189 -23.19 14.29 104.49
C HIS C 189 -23.67 15.74 104.34
N LYS C 190 -22.80 16.67 104.71
CA LYS C 190 -23.13 18.09 104.65
C LYS C 190 -23.23 18.60 103.22
N SER C 191 -22.24 18.27 102.41
CA SER C 191 -22.21 18.72 101.01
C SER C 191 -21.31 17.84 100.14
N TYR C 192 -21.60 17.82 98.85
CA TYR C 192 -20.80 17.07 97.88
C TYR C 192 -20.09 18.03 96.92
N SER C 193 -18.93 17.62 96.41
CA SER C 193 -18.16 18.45 95.51
C SER C 193 -17.79 17.72 94.22
N CYS C 194 -17.58 18.49 93.16
CA CYS C 194 -17.18 17.93 91.88
C CYS C 194 -15.88 18.58 91.39
N GLN C 195 -14.76 17.98 91.76
CA GLN C 195 -13.45 18.51 91.38
C GLN C 195 -13.00 17.98 90.02
N VAL C 196 -12.89 18.88 89.05
CA VAL C 196 -12.48 18.51 87.70
C VAL C 196 -11.05 18.96 87.42
N THR C 197 -10.17 18.01 87.15
CA THR C 197 -8.77 18.31 86.86
C THR C 197 -8.51 18.39 85.37
N HIS C 198 -8.26 19.60 84.87
CA HIS C 198 -7.96 19.81 83.47
C HIS C 198 -6.59 20.45 83.28
N GLU C 199 -5.74 19.81 82.50
CA GLU C 199 -4.38 20.28 82.23
C GLU C 199 -3.57 20.46 83.52
N GLY C 200 -3.58 21.68 84.05
CA GLY C 200 -2.84 21.99 85.25
C GLY C 200 -3.68 22.56 86.36
N SER C 201 -4.88 23.01 86.03
CA SER C 201 -5.78 23.61 87.03
C SER C 201 -6.87 22.64 87.46
N THR C 202 -7.53 22.96 88.58
CA THR C 202 -8.59 22.13 89.11
C THR C 202 -9.75 22.98 89.64
N VAL C 203 -10.89 22.89 88.96
CA VAL C 203 -12.07 23.65 89.34
C VAL C 203 -12.99 22.82 90.23
N GLU C 204 -13.47 23.41 91.31
CA GLU C 204 -14.34 22.70 92.25
C GLU C 204 -15.65 23.44 92.50
N LYS C 205 -16.76 22.73 92.28
CA LYS C 205 -18.08 23.27 92.57
C LYS C 205 -18.82 22.35 93.54
N THR C 206 -19.53 22.94 94.49
CA THR C 206 -20.20 22.17 95.53
C THR C 206 -21.72 22.21 95.42
N VAL C 207 -22.39 21.48 96.31
CA VAL C 207 -23.85 21.42 96.33
C VAL C 207 -24.34 21.00 97.73
N ALA C 208 -25.36 21.68 98.23
CA ALA C 208 -25.89 21.39 99.56
C ALA C 208 -27.39 21.10 99.53
N PRO C 209 -27.82 20.10 100.31
CA PRO C 209 -29.24 19.72 100.43
C PRO C 209 -30.08 20.82 101.08
N THR C 210 -31.40 20.68 101.01
CA THR C 210 -32.30 21.67 101.60
C THR C 210 -33.18 21.04 102.66
N GLN D 1 -33.30 22.16 46.32
CA GLN D 1 -32.51 21.59 47.40
C GLN D 1 -32.73 20.08 47.50
N VAL D 2 -31.69 19.35 47.91
CA VAL D 2 -31.78 17.91 48.04
C VAL D 2 -31.64 17.49 49.50
N HIS D 3 -32.72 16.93 50.05
CA HIS D 3 -32.72 16.50 51.45
C HIS D 3 -32.94 15.00 51.55
N LEU D 4 -32.06 14.32 52.30
CA LEU D 4 -32.16 12.88 52.49
C LEU D 4 -32.34 12.54 53.97
N GLN D 5 -33.23 11.61 54.24
CA GLN D 5 -33.51 11.21 55.62
C GLN D 5 -33.58 9.69 55.76
N GLU D 6 -32.78 9.15 56.67
CA GLU D 6 -32.77 7.72 56.93
C GLU D 6 -33.62 7.38 58.15
N SER D 7 -34.25 6.22 58.13
CA SER D 7 -35.09 5.79 59.24
C SER D 7 -35.16 4.27 59.33
N GLY D 8 -34.92 3.73 60.52
CA GLY D 8 -34.96 2.29 60.73
C GLY D 8 -35.40 1.93 62.14
N PRO D 9 -35.27 0.64 62.49
CA PRO D 9 -35.67 0.15 63.82
C PRO D 9 -34.75 0.64 64.93
N GLY D 10 -33.45 0.63 64.68
CA GLY D 10 -32.48 1.05 65.68
C GLY D 10 -31.93 -0.12 66.47
N LEU D 11 -32.77 -1.13 66.69
CA LEU D 11 -32.37 -2.32 67.42
C LEU D 11 -32.81 -3.59 66.68
N VAL D 12 -31.86 -4.45 66.34
CA VAL D 12 -32.15 -5.68 65.63
C VAL D 12 -31.51 -6.89 66.31
N LYS D 13 -32.33 -7.91 66.57
CA LYS D 13 -31.85 -9.14 67.19
C LYS D 13 -30.88 -9.88 66.28
N PRO D 14 -29.97 -10.67 66.87
CA PRO D 14 -29.03 -11.46 66.07
C PRO D 14 -29.75 -12.47 65.17
N SER D 15 -29.14 -12.80 64.03
CA SER D 15 -29.69 -13.74 63.06
C SER D 15 -31.09 -13.34 62.59
N GLU D 16 -31.30 -12.03 62.44
CA GLU D 16 -32.57 -11.51 61.96
C GLU D 16 -32.37 -10.76 60.66
N THR D 17 -33.42 -10.07 60.19
CA THR D 17 -33.34 -9.32 58.95
C THR D 17 -33.51 -7.82 59.18
N LEU D 18 -32.44 -7.07 58.99
CA LEU D 18 -32.47 -5.62 59.14
C LEU D 18 -33.13 -4.97 57.93
N SER D 19 -34.06 -4.05 58.19
CA SER D 19 -34.75 -3.33 57.12
C SER D 19 -34.64 -1.83 57.33
N LEU D 20 -34.12 -1.13 56.33
CA LEU D 20 -33.94 0.31 56.41
C LEU D 20 -34.64 1.02 55.26
N THR D 21 -34.88 2.32 55.43
CA THR D 21 -35.57 3.11 54.42
C THR D 21 -35.00 4.52 54.33
N CYS D 22 -34.70 4.96 53.11
CA CYS D 22 -34.16 6.30 52.89
C CYS D 22 -35.19 7.20 52.20
N ASN D 23 -35.89 8.00 52.99
CA ASN D 23 -36.89 8.91 52.45
C ASN D 23 -36.25 10.06 51.69
N VAL D 24 -36.55 10.16 50.40
CA VAL D 24 -35.93 11.16 49.53
C VAL D 24 -36.89 12.29 49.19
N SER D 25 -36.42 13.53 49.33
CA SER D 25 -37.20 14.70 48.99
C SER D 25 -36.37 15.70 48.20
N GLY D 26 -36.92 16.21 47.11
CA GLY D 26 -36.23 17.19 46.29
C GLY D 26 -35.85 16.65 44.91
N THR D 27 -35.93 15.34 44.75
CA THR D 27 -35.60 14.70 43.47
C THR D 27 -36.23 13.33 43.36
N LEU D 28 -36.28 12.81 42.13
CA LEU D 28 -36.84 11.48 41.88
C LEU D 28 -35.77 10.40 42.03
N VAL D 29 -36.20 9.22 42.47
CA VAL D 29 -35.28 8.11 42.72
C VAL D 29 -34.94 7.34 41.44
N ARG D 30 -35.63 7.68 40.36
CA ARG D 30 -35.44 6.99 39.09
C ARG D 30 -34.35 7.64 38.24
N ASP D 31 -34.14 8.93 38.45
CA ASP D 31 -33.17 9.67 37.64
C ASP D 31 -31.79 9.77 38.30
N ASN D 32 -31.55 8.95 39.32
CA ASN D 32 -30.28 8.98 40.04
C ASN D 32 -29.82 7.61 40.52
N TYR D 33 -28.54 7.52 40.86
CA TYR D 33 -27.98 6.32 41.48
C TYR D 33 -28.06 6.45 42.99
N TRP D 34 -28.19 5.33 43.69
CA TRP D 34 -28.32 5.35 45.14
C TRP D 34 -27.39 4.34 45.80
N SER D 35 -26.61 4.83 46.76
CA SER D 35 -25.65 3.98 47.47
C SER D 35 -25.87 4.02 48.98
N TRP D 36 -25.50 2.94 49.65
CA TRP D 36 -25.59 2.87 51.10
C TRP D 36 -24.20 2.69 51.71
N ILE D 37 -23.91 3.47 52.75
CA ILE D 37 -22.61 3.41 53.41
C ILE D 37 -22.78 3.28 54.92
N ARG D 38 -22.15 2.25 55.50
CA ARG D 38 -22.19 2.04 56.94
C ARG D 38 -20.82 2.31 57.54
N GLN D 39 -20.79 2.66 58.83
CA GLN D 39 -19.54 2.97 59.49
C GLN D 39 -19.58 2.67 60.99
N PRO D 40 -18.84 1.63 61.41
CA PRO D 40 -18.73 1.27 62.83
C PRO D 40 -18.03 2.35 63.64
N LEU D 41 -18.15 2.27 64.97
CA LEU D 41 -17.54 3.27 65.85
C LEU D 41 -16.02 3.17 65.87
N GLY D 42 -15.35 4.18 65.30
CA GLY D 42 -13.90 4.23 65.29
C GLY D 42 -13.27 3.48 64.14
N LYS D 43 -14.02 3.29 63.06
CA LYS D 43 -13.51 2.60 61.89
C LYS D 43 -13.80 3.39 60.62
N GLN D 44 -13.21 2.96 59.51
CA GLN D 44 -13.40 3.63 58.22
C GLN D 44 -14.70 3.15 57.55
N PRO D 45 -15.36 4.06 56.81
CA PRO D 45 -16.63 3.75 56.12
C PRO D 45 -16.51 2.59 55.15
N GLU D 46 -17.50 1.68 55.17
CA GLU D 46 -17.51 0.53 54.29
C GLU D 46 -18.66 0.62 53.28
N TRP D 47 -18.32 0.60 52.01
CA TRP D 47 -19.32 0.67 50.94
C TRP D 47 -20.14 -0.60 50.89
N ILE D 48 -21.45 -0.47 50.99
CA ILE D 48 -22.35 -1.63 50.99
C ILE D 48 -22.76 -2.02 49.58
N GLY D 49 -23.11 -1.02 48.77
CA GLY D 49 -23.51 -1.28 47.39
C GLY D 49 -24.35 -0.17 46.80
N TYR D 50 -24.46 -0.15 45.49
CA TYR D 50 -25.26 0.86 44.79
C TYR D 50 -26.43 0.23 44.05
N VAL D 51 -27.54 0.95 44.01
CA VAL D 51 -28.75 0.47 43.34
C VAL D 51 -29.25 1.51 42.33
N HIS D 52 -29.71 1.04 41.18
CA HIS D 52 -30.20 1.92 40.14
C HIS D 52 -31.31 1.22 39.33
N ASP D 53 -32.08 2.00 38.59
CA ASP D 53 -33.15 1.44 37.77
C ASP D 53 -32.57 0.65 36.60
N SER D 54 -33.46 0.03 35.82
CA SER D 54 -33.10 -0.78 34.66
C SER D 54 -32.23 -1.99 35.05
N GLY D 55 -32.31 -2.39 36.30
CA GLY D 55 -31.61 -3.58 36.78
C GLY D 55 -30.14 -3.39 37.14
N ASP D 56 -29.64 -2.17 36.99
CA ASP D 56 -28.25 -1.89 37.31
C ASP D 56 -28.03 -1.82 38.81
N THR D 57 -27.67 -2.96 39.41
CA THR D 57 -27.46 -3.04 40.84
C THR D 57 -26.36 -4.03 41.21
N ASN D 58 -25.37 -3.57 41.96
CA ASN D 58 -24.26 -4.42 42.40
C ASN D 58 -24.05 -4.31 43.90
N TYR D 59 -23.52 -5.37 44.50
CA TYR D 59 -23.34 -5.42 45.95
C TYR D 59 -21.88 -5.57 46.36
N ASN D 60 -21.64 -5.52 47.67
CA ASN D 60 -20.31 -5.73 48.22
C ASN D 60 -20.01 -7.22 48.33
N PRO D 61 -18.94 -7.68 47.66
CA PRO D 61 -18.52 -9.09 47.64
C PRO D 61 -18.41 -9.72 49.03
N SER D 62 -18.09 -8.93 50.04
CA SER D 62 -17.98 -9.42 51.40
C SER D 62 -19.36 -9.65 52.03
N LEU D 63 -20.34 -8.87 51.58
CA LEU D 63 -21.70 -8.97 52.08
C LEU D 63 -22.67 -9.34 50.95
N LYS D 64 -22.15 -10.03 49.94
CA LYS D 64 -22.89 -10.35 48.73
C LYS D 64 -24.15 -11.19 48.97
N SER D 65 -24.02 -12.26 49.75
CA SER D 65 -25.13 -13.18 49.94
C SER D 65 -26.00 -12.86 51.15
N ARG D 66 -25.98 -11.61 51.60
CA ARG D 66 -26.77 -11.23 52.77
C ARG D 66 -27.52 -9.91 52.57
N VAL D 67 -27.07 -9.09 51.63
CA VAL D 67 -27.65 -7.77 51.41
C VAL D 67 -28.62 -7.76 50.22
N HIS D 68 -29.62 -6.89 50.29
CA HIS D 68 -30.59 -6.72 49.22
C HIS D 68 -31.04 -5.27 49.12
N LEU D 69 -30.99 -4.72 47.91
CA LEU D 69 -31.39 -3.33 47.69
C LEU D 69 -32.56 -3.24 46.73
N SER D 70 -33.32 -2.14 46.82
CA SER D 70 -34.48 -1.93 45.97
C SER D 70 -34.86 -0.46 45.89
N LEU D 71 -35.63 -0.11 44.86
CA LEU D 71 -36.07 1.27 44.66
C LEU D 71 -37.59 1.35 44.49
N ASP D 72 -38.25 2.12 45.35
CA ASP D 72 -39.69 2.31 45.27
C ASP D 72 -40.01 3.59 44.50
N LYS D 73 -40.37 3.43 43.23
CA LYS D 73 -40.67 4.58 42.38
C LYS D 73 -42.05 5.16 42.67
N SER D 74 -42.89 4.38 43.35
CA SER D 74 -44.24 4.81 43.69
C SER D 74 -44.24 5.67 44.95
N LYS D 75 -43.42 5.30 45.92
CA LYS D 75 -43.34 6.02 47.18
C LYS D 75 -42.13 6.95 47.22
N ASN D 76 -41.31 6.89 46.17
CA ASN D 76 -40.12 7.72 46.04
C ASN D 76 -39.18 7.59 47.24
N LEU D 77 -38.63 6.39 47.43
CA LEU D 77 -37.71 6.14 48.54
C LEU D 77 -36.76 4.98 48.22
N VAL D 78 -35.71 4.84 49.02
CA VAL D 78 -34.75 3.77 48.85
C VAL D 78 -34.79 2.81 50.02
N SER D 79 -34.77 1.51 49.73
CA SER D 79 -34.84 0.50 50.78
C SER D 79 -33.56 -0.32 50.89
N LEU D 80 -33.41 -1.03 52.01
CA LEU D 80 -32.25 -1.87 52.26
C LEU D 80 -32.64 -3.07 53.12
N ARG D 81 -32.08 -4.24 52.80
CA ARG D 81 -32.35 -5.45 53.55
C ARG D 81 -31.08 -6.24 53.83
N LEU D 82 -30.87 -6.63 55.08
CA LEU D 82 -29.71 -7.40 55.47
C LEU D 82 -30.11 -8.61 56.32
N THR D 83 -30.06 -9.79 55.73
CA THR D 83 -30.44 -11.02 56.41
C THR D 83 -29.26 -11.64 57.15
N GLY D 84 -29.54 -12.26 58.29
CA GLY D 84 -28.51 -12.89 59.10
C GLY D 84 -27.52 -11.89 59.65
N VAL D 85 -28.03 -10.97 60.47
CA VAL D 85 -27.19 -9.92 61.06
C VAL D 85 -26.44 -10.40 62.28
N THR D 86 -25.27 -9.81 62.52
CA THR D 86 -24.46 -10.14 63.69
C THR D 86 -24.04 -8.86 64.40
N ALA D 87 -23.07 -8.99 65.32
CA ALA D 87 -22.60 -7.84 66.09
C ALA D 87 -21.68 -6.95 65.25
N ALA D 88 -21.20 -7.50 64.13
CA ALA D 88 -20.29 -6.76 63.25
C ALA D 88 -21.04 -5.77 62.37
N ASP D 89 -22.36 -5.97 62.26
CA ASP D 89 -23.19 -5.09 61.43
C ASP D 89 -23.66 -3.86 62.18
N SER D 90 -23.30 -3.78 63.45
CA SER D 90 -23.67 -2.63 64.27
C SER D 90 -22.90 -1.38 63.85
N ALA D 91 -23.55 -0.50 63.12
CA ALA D 91 -22.91 0.71 62.63
C ALA D 91 -23.92 1.80 62.30
N ILE D 92 -23.45 2.86 61.65
CA ILE D 92 -24.31 3.96 61.24
C ILE D 92 -24.49 3.94 59.72
N TYR D 93 -25.70 3.61 59.28
CA TYR D 93 -25.99 3.48 57.85
C TYR D 93 -26.42 4.79 57.22
N TYR D 94 -25.70 5.21 56.17
CA TYR D 94 -25.99 6.46 55.48
C TYR D 94 -26.61 6.22 54.11
N CYS D 95 -27.43 7.18 53.67
CA CYS D 95 -28.02 7.15 52.34
C CYS D 95 -27.57 8.36 51.54
N ALA D 96 -26.88 8.13 50.43
CA ALA D 96 -26.34 9.23 49.63
C ALA D 96 -26.51 9.02 48.14
N THR D 97 -26.73 10.12 47.42
CA THR D 97 -26.83 10.09 45.97
C THR D 97 -25.49 9.73 45.37
N THR D 98 -25.50 9.19 44.15
CA THR D 98 -24.26 8.77 43.51
C THR D 98 -24.17 9.22 42.06
N LYS D 99 -23.11 9.93 41.73
CA LYS D 99 -22.84 10.35 40.35
C LYS D 99 -21.70 9.54 39.78
N HIS D 100 -21.88 9.05 38.56
CA HIS D 100 -20.87 8.20 37.92
C HIS D 100 -19.89 9.00 37.07
N GLY D 101 -18.71 8.44 36.87
CA GLY D 101 -17.68 9.05 36.05
C GLY D 101 -16.88 8.00 35.33
N ARG D 102 -16.23 8.39 34.24
CA ARG D 102 -15.45 7.44 33.44
C ARG D 102 -14.00 7.89 33.28
N ARG D 103 -13.09 7.09 33.84
CA ARG D 103 -11.66 7.38 33.77
C ARG D 103 -11.02 6.69 32.57
N ILE D 104 -10.61 7.49 31.58
CA ILE D 104 -10.00 6.96 30.37
C ILE D 104 -8.48 7.11 30.41
N TYR D 105 -7.77 6.00 30.25
CA TYR D 105 -6.32 6.01 30.28
C TYR D 105 -5.74 5.40 29.01
N GLY D 106 -6.52 4.56 28.34
CA GLY D 106 -6.05 3.87 27.15
C GLY D 106 -6.56 4.44 25.85
N VAL D 107 -7.13 3.57 25.01
CA VAL D 107 -7.60 3.97 23.69
C VAL D 107 -9.12 3.85 23.56
N VAL D 108 -9.80 3.82 24.69
CA VAL D 108 -11.27 3.78 24.75
C VAL D 108 -11.90 2.56 24.06
N ALA D 109 -11.60 2.39 22.77
CA ALA D 109 -12.19 1.33 21.97
C ALA D 109 -11.83 -0.08 22.47
N PHE D 110 -10.67 -0.21 23.10
CA PHE D 110 -10.23 -1.50 23.64
C PHE D 110 -10.65 -1.69 25.09
N LYS D 111 -11.69 -0.98 25.50
CA LYS D 111 -12.22 -1.04 26.86
C LYS D 111 -11.14 -0.75 27.90
N GLU D 112 -10.15 0.07 27.53
CA GLU D 112 -9.07 0.43 28.43
C GLU D 112 -9.48 1.60 29.31
N TRP D 113 -10.55 1.41 30.07
CA TRP D 113 -11.08 2.43 30.96
C TRP D 113 -11.83 1.78 32.11
N PHE D 114 -12.28 2.58 33.07
CA PHE D 114 -13.07 2.07 34.18
C PHE D 114 -13.97 3.15 34.75
N THR D 115 -15.14 2.75 35.24
CA THR D 115 -16.09 3.70 35.80
C THR D 115 -15.94 3.81 37.32
N TYR D 116 -15.85 5.04 37.81
CA TYR D 116 -15.73 5.29 39.24
C TYR D 116 -16.96 6.01 39.78
N PHE D 117 -17.36 5.65 40.99
CA PHE D 117 -18.53 6.26 41.63
C PHE D 117 -18.12 7.13 42.81
N TYR D 118 -18.89 8.18 43.06
CA TYR D 118 -18.63 9.07 44.19
C TYR D 118 -19.92 9.71 44.70
N MET D 119 -20.07 9.74 46.01
CA MET D 119 -21.25 10.34 46.64
C MET D 119 -21.02 11.82 46.93
N ASP D 120 -21.99 12.65 46.54
CA ASP D 120 -21.86 14.09 46.74
C ASP D 120 -22.84 14.62 47.79
N VAL D 121 -24.05 14.08 47.79
CA VAL D 121 -25.07 14.52 48.73
C VAL D 121 -25.45 13.39 49.68
N TRP D 122 -25.02 13.50 50.94
CA TRP D 122 -25.29 12.49 51.95
C TRP D 122 -26.54 12.83 52.76
N GLY D 123 -26.92 11.91 53.63
CA GLY D 123 -28.06 12.12 54.51
C GLY D 123 -27.59 12.25 55.95
N LYS D 124 -28.54 12.50 56.86
CA LYS D 124 -28.21 12.63 58.26
C LYS D 124 -27.69 11.31 58.84
N GLY D 125 -28.27 10.21 58.36
CA GLY D 125 -27.85 8.89 58.79
C GLY D 125 -28.72 8.32 59.89
N THR D 126 -28.78 7.00 59.97
CA THR D 126 -29.55 6.32 61.00
C THR D 126 -28.64 5.42 61.84
N SER D 127 -29.02 5.21 63.10
CA SER D 127 -28.23 4.38 64.00
C SER D 127 -28.83 3.00 64.15
N VAL D 128 -28.01 1.97 63.92
CA VAL D 128 -28.47 0.59 64.04
C VAL D 128 -27.57 -0.19 65.01
N THR D 129 -28.18 -0.68 66.09
CA THR D 129 -27.45 -1.44 67.10
C THR D 129 -27.97 -2.87 67.18
N VAL D 130 -27.06 -3.84 67.10
CA VAL D 130 -27.45 -5.24 67.18
C VAL D 130 -27.20 -5.81 68.56
N SER D 131 -28.29 -6.15 69.25
CA SER D 131 -28.20 -6.72 70.60
C SER D 131 -29.44 -7.56 70.91
N SER D 132 -29.24 -8.62 71.68
CA SER D 132 -30.33 -9.53 72.02
C SER D 132 -31.12 -9.03 73.23
N ALA D 133 -30.80 -7.83 73.69
CA ALA D 133 -31.48 -7.24 74.83
C ALA D 133 -32.74 -6.49 74.40
N SER D 134 -33.69 -6.38 75.30
CA SER D 134 -34.95 -5.70 75.00
C SER D 134 -34.80 -4.18 75.04
N THR D 135 -35.81 -3.48 74.55
CA THR D 135 -35.81 -2.02 74.55
C THR D 135 -36.41 -1.48 75.84
N LYS D 136 -35.74 -0.51 76.45
CA LYS D 136 -36.24 0.08 77.68
C LYS D 136 -36.51 1.57 77.51
N GLY D 137 -37.68 2.00 77.97
CA GLY D 137 -38.07 3.40 77.89
C GLY D 137 -37.33 4.25 78.90
N PRO D 138 -36.86 5.43 78.48
CA PRO D 138 -36.11 6.35 79.35
C PRO D 138 -36.99 7.00 80.41
N SER D 139 -36.37 7.47 81.48
CA SER D 139 -37.08 8.17 82.55
C SER D 139 -36.55 9.59 82.68
N VAL D 140 -37.36 10.57 82.28
CA VAL D 140 -36.93 11.96 82.28
C VAL D 140 -37.16 12.64 83.63
N PHE D 141 -36.11 13.27 84.15
CA PHE D 141 -36.19 14.02 85.41
C PHE D 141 -35.67 15.44 85.20
N PRO D 142 -36.42 16.43 85.71
CA PRO D 142 -36.08 17.85 85.52
C PRO D 142 -34.92 18.31 86.42
N LEU D 143 -34.01 19.10 85.85
CA LEU D 143 -32.90 19.66 86.62
C LEU D 143 -33.20 21.12 86.99
N ALA D 144 -33.46 21.35 88.26
CA ALA D 144 -33.82 22.68 88.76
C ALA D 144 -32.69 23.69 88.56
N PRO D 145 -33.05 24.93 88.18
CA PRO D 145 -32.10 26.02 87.98
C PRO D 145 -31.38 26.43 89.25
N SER D 146 -30.08 26.69 89.15
CA SER D 146 -29.28 27.09 90.31
C SER D 146 -28.07 27.92 89.90
N SER D 147 -28.15 29.22 90.11
CA SER D 147 -27.06 30.15 89.78
C SER D 147 -26.61 30.04 88.33
N GLY D 152 -24.30 37.02 88.97
CA GLY D 152 -23.67 37.05 87.67
C GLY D 152 -24.61 37.47 86.56
N GLY D 153 -25.91 37.45 86.86
CA GLY D 153 -26.92 37.82 85.89
C GLY D 153 -27.31 36.68 84.97
N THR D 154 -26.65 35.54 85.15
CA THR D 154 -26.91 34.35 84.34
C THR D 154 -27.36 33.17 85.22
N ALA D 155 -27.90 32.14 84.58
CA ALA D 155 -28.39 30.97 85.29
C ALA D 155 -28.33 29.73 84.40
N ALA D 156 -28.24 28.56 85.04
CA ALA D 156 -28.18 27.29 84.32
C ALA D 156 -29.51 26.54 84.43
N LEU D 157 -29.85 25.78 83.40
CA LEU D 157 -31.08 25.01 83.37
C LEU D 157 -30.95 23.84 82.39
N GLY D 158 -31.47 22.69 82.77
CA GLY D 158 -31.39 21.52 81.92
C GLY D 158 -32.32 20.38 82.28
N CYS D 159 -32.17 19.26 81.57
CA CYS D 159 -32.96 18.06 81.82
C CYS D 159 -32.04 16.85 82.00
N LEU D 160 -32.64 15.69 82.26
CA LEU D 160 -31.86 14.47 82.45
C LEU D 160 -32.59 13.24 81.91
N VAL D 161 -31.93 12.51 81.01
CA VAL D 161 -32.47 11.27 80.48
C VAL D 161 -31.72 10.10 81.09
N LYS D 162 -32.39 9.39 82.00
CA LYS D 162 -31.74 8.31 82.75
C LYS D 162 -32.22 6.91 82.34
N ASP D 163 -31.26 6.01 82.18
CA ASP D 163 -31.53 4.60 81.89
C ASP D 163 -32.40 4.36 80.65
N TYR D 164 -31.75 4.24 79.50
CA TYR D 164 -32.45 3.92 78.26
C TYR D 164 -31.57 3.06 77.36
N PHE D 165 -32.18 2.44 76.36
CA PHE D 165 -31.47 1.59 75.43
C PHE D 165 -32.33 1.29 74.20
N PRO D 166 -31.73 1.41 72.99
CA PRO D 166 -30.35 1.83 72.77
C PRO D 166 -30.24 3.28 72.32
N GLU D 167 -29.06 3.66 71.85
CA GLU D 167 -28.82 5.00 71.32
C GLU D 167 -29.55 5.19 69.99
N PRO D 168 -29.87 6.44 69.63
CA PRO D 168 -29.66 7.67 70.39
C PRO D 168 -30.95 8.26 70.93
N VAL D 169 -30.87 9.49 71.43
CA VAL D 169 -32.04 10.22 71.91
C VAL D 169 -31.98 11.68 71.46
N THR D 170 -33.00 12.10 70.72
CA THR D 170 -33.08 13.48 70.24
C THR D 170 -33.76 14.37 71.26
N VAL D 171 -33.06 15.42 71.69
CA VAL D 171 -33.59 16.33 72.69
C VAL D 171 -33.67 17.77 72.18
N SER D 172 -34.86 18.33 72.16
CA SER D 172 -35.07 19.70 71.73
C SER D 172 -35.75 20.51 72.84
N TRP D 173 -35.70 21.84 72.71
CA TRP D 173 -36.27 22.72 73.72
C TRP D 173 -37.37 23.61 73.14
N ASN D 174 -38.53 23.59 73.80
CA ASN D 174 -39.68 24.37 73.37
C ASN D 174 -40.07 24.10 71.92
N SER D 175 -40.06 22.82 71.55
CA SER D 175 -40.37 22.38 70.18
C SER D 175 -39.45 23.01 69.15
N GLY D 176 -38.22 23.31 69.55
CA GLY D 176 -37.23 23.87 68.66
C GLY D 176 -37.18 25.39 68.66
N ALA D 177 -37.82 26.01 69.64
CA ALA D 177 -37.85 27.46 69.73
C ALA D 177 -36.71 28.01 70.59
N LEU D 178 -35.68 27.18 70.78
CA LEU D 178 -34.52 27.58 71.57
C LEU D 178 -33.29 26.79 71.15
N THR D 179 -32.45 27.40 70.32
CA THR D 179 -31.25 26.73 69.82
C THR D 179 -29.99 27.48 70.24
N SER D 180 -30.16 28.56 70.99
CA SER D 180 -29.04 29.37 71.44
C SER D 180 -28.67 29.07 72.89
N GLY D 181 -27.46 28.58 73.10
CA GLY D 181 -26.96 28.27 74.43
C GLY D 181 -27.25 26.84 74.85
N VAL D 182 -27.66 26.02 73.89
CA VAL D 182 -27.99 24.63 74.17
C VAL D 182 -26.80 23.72 73.95
N HIS D 183 -26.45 22.92 74.96
CA HIS D 183 -25.33 21.99 74.87
C HIS D 183 -25.73 20.59 75.35
N THR D 184 -25.98 19.70 74.39
CA THR D 184 -26.34 18.32 74.71
C THR D 184 -25.09 17.45 74.80
N PHE D 185 -24.91 16.80 75.94
CA PHE D 185 -23.74 15.96 76.18
C PHE D 185 -23.98 14.51 75.76
N PRO D 186 -22.92 13.83 75.30
CA PRO D 186 -23.02 12.41 74.92
C PRO D 186 -23.35 11.54 76.12
N ALA D 187 -24.14 10.49 75.89
CA ALA D 187 -24.56 9.60 76.96
C ALA D 187 -23.41 8.77 77.52
N VAL D 188 -23.67 8.11 78.64
CA VAL D 188 -22.67 7.24 79.26
C VAL D 188 -23.23 5.83 79.44
N LEU D 189 -22.45 4.84 79.01
CA LEU D 189 -22.87 3.45 79.15
C LEU D 189 -22.53 2.93 80.54
N GLN D 190 -23.56 2.74 81.36
CA GLN D 190 -23.38 2.23 82.72
C GLN D 190 -23.07 0.74 82.70
N SER D 191 -22.78 0.19 83.88
CA SER D 191 -22.46 -1.23 83.99
C SER D 191 -23.72 -2.08 83.81
N SER D 192 -24.88 -1.47 84.02
CA SER D 192 -26.15 -2.17 83.88
C SER D 192 -26.51 -2.37 82.41
N GLY D 193 -25.84 -1.63 81.52
CA GLY D 193 -26.09 -1.74 80.11
C GLY D 193 -27.08 -0.71 79.60
N LEU D 194 -27.23 0.38 80.34
CA LEU D 194 -28.16 1.44 79.96
C LEU D 194 -27.44 2.77 79.80
N TYR D 195 -27.82 3.54 78.78
CA TYR D 195 -27.21 4.84 78.53
C TYR D 195 -27.91 5.94 79.32
N SER D 196 -27.25 7.08 79.44
CA SER D 196 -27.80 8.22 80.16
C SER D 196 -27.09 9.52 79.78
N LEU D 197 -27.86 10.47 79.23
CA LEU D 197 -27.28 11.75 78.82
C LEU D 197 -27.91 12.92 79.55
N SER D 198 -27.45 14.13 79.23
CA SER D 198 -27.98 15.35 79.83
C SER D 198 -27.85 16.51 78.84
N SER D 199 -28.73 17.49 78.97
CA SER D 199 -28.71 18.65 78.09
C SER D 199 -29.04 19.93 78.85
N VAL D 200 -28.09 20.86 78.90
CA VAL D 200 -28.28 22.10 79.63
C VAL D 200 -28.37 23.31 78.70
N VAL D 201 -29.07 24.34 79.16
CA VAL D 201 -29.23 25.57 78.38
C VAL D 201 -28.88 26.80 79.20
N THR D 202 -27.97 27.62 78.67
CA THR D 202 -27.59 28.86 79.34
C THR D 202 -28.60 29.97 79.07
N VAL D 203 -29.36 30.33 80.10
CA VAL D 203 -30.39 31.35 79.98
C VAL D 203 -30.20 32.45 81.01
N PRO D 204 -30.64 33.68 80.69
CA PRO D 204 -30.55 34.79 81.66
C PRO D 204 -31.40 34.52 82.90
N SER D 205 -30.91 34.95 84.05
CA SER D 205 -31.59 34.71 85.33
C SER D 205 -32.96 35.36 85.39
N SER D 206 -33.15 36.43 84.62
CA SER D 206 -34.44 37.11 84.57
C SER D 206 -35.49 36.28 83.86
N SER D 207 -36.06 35.32 84.59
CA SER D 207 -37.07 34.43 84.03
C SER D 207 -38.23 34.20 85.00
N LEU D 208 -38.74 35.29 85.56
CA LEU D 208 -39.91 35.21 86.43
C LEU D 208 -41.09 34.71 85.61
N GLY D 209 -41.23 35.29 84.42
CA GLY D 209 -42.19 34.86 83.42
C GLY D 209 -43.62 34.57 83.83
N THR D 210 -43.98 33.29 83.91
CA THR D 210 -43.06 32.18 83.71
C THR D 210 -42.73 31.88 82.25
N GLN D 211 -41.48 32.13 81.88
CA GLN D 211 -40.99 31.76 80.55
C GLN D 211 -40.84 30.24 80.52
N THR D 212 -41.92 29.56 80.16
CA THR D 212 -41.99 28.11 80.23
C THR D 212 -40.93 27.41 79.38
N TYR D 213 -39.98 26.76 80.06
CA TYR D 213 -38.96 25.98 79.39
C TYR D 213 -39.31 24.48 79.43
N ILE D 214 -39.76 23.95 78.30
CA ILE D 214 -40.12 22.55 78.21
C ILE D 214 -39.23 21.81 77.23
N CYS D 215 -38.39 20.91 77.74
CA CYS D 215 -37.52 20.12 76.88
C CYS D 215 -38.26 18.92 76.32
N ASN D 216 -38.07 18.65 75.03
CA ASN D 216 -38.75 17.54 74.38
C ASN D 216 -37.81 16.35 74.17
N VAL D 217 -38.12 15.24 74.85
CA VAL D 217 -37.31 14.04 74.76
C VAL D 217 -37.99 12.98 73.87
N ASN D 218 -37.25 12.48 72.89
CA ASN D 218 -37.79 11.48 71.98
C ASN D 218 -36.91 10.24 71.90
N HIS D 219 -37.54 9.07 71.96
CA HIS D 219 -36.83 7.80 71.86
C HIS D 219 -37.53 6.89 70.86
N LYS D 220 -37.02 6.88 69.63
CA LYS D 220 -37.62 6.12 68.53
C LYS D 220 -37.69 4.59 68.75
N PRO D 221 -36.63 3.96 69.29
CA PRO D 221 -36.73 2.51 69.47
C PRO D 221 -37.83 2.05 70.42
N SER D 222 -38.30 2.95 71.29
CA SER D 222 -39.37 2.62 72.21
C SER D 222 -40.61 3.46 71.96
N ASN D 223 -40.55 4.28 70.91
CA ASN D 223 -41.65 5.18 70.54
C ASN D 223 -42.08 6.04 71.72
N THR D 224 -41.10 6.53 72.48
CA THR D 224 -41.36 7.29 73.69
C THR D 224 -41.14 8.79 73.50
N LYS D 225 -42.21 9.56 73.69
CA LYS D 225 -42.13 11.01 73.63
C LYS D 225 -42.59 11.62 74.96
N VAL D 226 -41.64 12.14 75.73
CA VAL D 226 -41.94 12.70 77.04
C VAL D 226 -41.66 14.20 77.10
N ASP D 227 -42.69 14.97 77.44
CA ASP D 227 -42.54 16.42 77.59
C ASP D 227 -42.45 16.79 79.06
N LYS D 228 -41.28 17.29 79.47
CA LYS D 228 -41.05 17.65 80.86
C LYS D 228 -40.85 19.15 81.04
N ARG D 229 -41.53 19.72 82.03
CA ARG D 229 -41.41 21.15 82.32
C ARG D 229 -40.48 21.38 83.51
N VAL D 230 -39.49 22.24 83.32
CA VAL D 230 -38.53 22.54 84.37
C VAL D 230 -38.89 23.80 85.15
N GLU D 231 -39.06 23.65 86.45
CA GLU D 231 -39.42 24.78 87.32
C GLU D 231 -38.51 24.83 88.54
N PRO D 232 -38.06 26.04 88.92
CA PRO D 232 -37.21 26.25 90.09
C PRO D 232 -37.86 25.80 91.39
N GLN E 1 14.03 -5.40 -43.42
CA GLN E 1 13.59 -6.72 -43.01
C GLN E 1 12.35 -6.63 -42.11
N GLY E 2 11.50 -5.65 -42.38
CA GLY E 2 10.30 -5.45 -41.61
C GLY E 2 9.06 -5.35 -42.49
N GLN E 3 8.12 -4.48 -42.11
CA GLN E 3 6.88 -4.30 -42.85
C GLN E 3 6.23 -2.97 -42.55
N LEU E 4 5.84 -2.24 -43.59
CA LEU E 4 5.18 -0.95 -43.45
C LEU E 4 3.75 -1.01 -43.96
N VAL E 5 2.79 -0.77 -43.07
CA VAL E 5 1.38 -0.80 -43.43
C VAL E 5 0.75 0.58 -43.26
N GLN E 6 0.12 1.08 -44.32
CA GLN E 6 -0.52 2.38 -44.31
C GLN E 6 -2.04 2.25 -44.20
N SER E 7 -2.72 3.37 -44.03
CA SER E 7 -4.18 3.39 -43.92
C SER E 7 -4.84 3.14 -45.28
N GLY E 8 -6.16 2.97 -45.26
CA GLY E 8 -6.90 2.73 -46.48
C GLY E 8 -7.02 3.97 -47.35
N ALA E 9 -7.41 3.77 -48.61
CA ALA E 9 -7.57 4.87 -49.54
C ALA E 9 -8.78 5.72 -49.18
N GLU E 10 -8.59 7.04 -49.17
CA GLU E 10 -9.67 7.96 -48.81
C GLU E 10 -9.98 8.92 -49.95
N LEU E 11 -11.17 9.50 -49.91
CA LEU E 11 -11.59 10.47 -50.91
C LEU E 11 -11.81 11.84 -50.27
N LYS E 12 -11.06 12.83 -50.72
CA LYS E 12 -11.14 14.17 -50.14
C LYS E 12 -11.35 15.25 -51.20
N LYS E 13 -12.23 16.20 -50.89
CA LYS E 13 -12.48 17.33 -51.77
C LYS E 13 -11.36 18.35 -51.63
N PRO E 14 -11.02 19.05 -52.73
CA PRO E 14 -9.96 20.06 -52.70
C PRO E 14 -10.26 21.20 -51.73
N GLY E 15 -9.27 21.59 -50.94
CA GLY E 15 -9.44 22.61 -49.92
C GLY E 15 -9.48 21.99 -48.54
N ALA E 16 -9.83 20.71 -48.49
CA ALA E 16 -9.88 19.98 -47.24
C ALA E 16 -8.54 19.32 -46.95
N SER E 17 -8.47 18.58 -45.84
CA SER E 17 -7.23 17.92 -45.45
C SER E 17 -7.40 16.41 -45.36
N VAL E 18 -6.28 15.69 -45.27
CA VAL E 18 -6.29 14.23 -45.18
C VAL E 18 -5.07 13.75 -44.42
N LYS E 19 -5.26 12.77 -43.54
CA LYS E 19 -4.17 12.23 -42.74
C LYS E 19 -3.91 10.76 -43.04
N ILE E 20 -2.77 10.48 -43.65
CA ILE E 20 -2.40 9.10 -44.00
C ILE E 20 -1.43 8.52 -42.98
N SER E 21 -1.80 7.38 -42.39
CA SER E 21 -0.97 6.74 -41.38
C SER E 21 0.02 5.76 -42.00
N CYS E 22 0.91 5.23 -41.17
CA CYS E 22 1.93 4.28 -41.62
C CYS E 22 2.51 3.51 -40.43
N LYS E 23 1.89 2.39 -40.10
CA LYS E 23 2.33 1.57 -38.97
C LYS E 23 3.46 0.63 -39.37
N THR E 24 4.48 0.53 -38.52
CA THR E 24 5.64 -0.30 -38.82
C THR E 24 5.81 -1.45 -37.81
N SER E 25 6.56 -2.47 -38.22
CA SER E 25 6.81 -3.63 -37.37
C SER E 25 7.95 -4.47 -37.94
N GLY E 26 8.72 -5.10 -37.05
CA GLY E 26 9.80 -5.97 -37.46
C GLY E 26 11.18 -5.35 -37.33
N TYR E 27 11.24 -4.13 -36.81
CA TYR E 27 12.51 -3.43 -36.64
C TYR E 27 12.33 -2.24 -35.70
N ARG E 28 13.45 -1.63 -35.29
CA ARG E 28 13.41 -0.47 -34.42
C ARG E 28 12.98 0.77 -35.19
N PHE E 29 11.79 1.27 -34.85
CA PHE E 29 11.20 2.42 -35.54
C PHE E 29 12.01 3.70 -35.41
N ASN E 30 12.72 3.83 -34.29
CA ASN E 30 13.48 5.06 -34.02
C ASN E 30 14.88 5.07 -34.64
N PHE E 31 15.32 3.93 -35.18
CA PHE E 31 16.66 3.83 -35.73
C PHE E 31 16.72 4.17 -37.21
N TYR E 32 15.57 4.47 -37.81
CA TYR E 32 15.53 4.80 -39.23
C TYR E 32 14.54 5.93 -39.53
N HIS E 33 14.84 6.71 -40.56
CA HIS E 33 13.97 7.81 -40.96
C HIS E 33 12.72 7.30 -41.67
N ILE E 34 11.72 8.16 -41.77
CA ILE E 34 10.49 7.81 -42.47
C ILE E 34 10.23 8.79 -43.61
N ASN E 35 10.59 8.39 -44.82
CA ASN E 35 10.40 9.23 -46.00
C ASN E 35 8.99 9.10 -46.57
N TRP E 36 8.51 10.18 -47.19
CA TRP E 36 7.20 10.16 -47.83
C TRP E 36 7.34 10.59 -49.29
N ILE E 37 7.05 9.66 -50.20
CA ILE E 37 7.18 9.92 -51.63
C ILE E 37 5.87 9.68 -52.36
N ARG E 38 5.45 10.65 -53.17
CA ARG E 38 4.23 10.51 -53.94
C ARG E 38 4.54 10.38 -55.44
N GLN E 39 3.51 10.08 -56.22
CA GLN E 39 3.68 9.93 -57.66
C GLN E 39 2.37 10.23 -58.41
N THR E 40 2.38 11.28 -59.22
CA THR E 40 1.22 11.64 -60.02
C THR E 40 1.50 11.38 -61.50
N ALA E 41 0.45 11.41 -62.31
CA ALA E 41 0.57 11.12 -63.74
C ALA E 41 0.89 12.37 -64.55
N GLY E 42 1.27 13.44 -63.86
CA GLY E 42 1.59 14.69 -64.53
C GLY E 42 2.91 15.30 -64.11
N ARG E 43 3.36 14.96 -62.91
CA ARG E 43 4.60 15.51 -62.37
C ARG E 43 5.61 14.42 -62.04
N GLY E 44 5.21 13.17 -62.22
CA GLY E 44 6.10 12.05 -61.97
C GLY E 44 6.39 11.83 -60.50
N PRO E 45 7.42 11.03 -60.19
CA PRO E 45 7.82 10.72 -58.81
C PRO E 45 8.38 11.95 -58.11
N GLU E 46 7.90 12.22 -56.90
CA GLU E 46 8.34 13.41 -56.16
C GLU E 46 8.56 13.11 -54.68
N TRP E 47 9.75 13.45 -54.20
CA TRP E 47 10.09 13.28 -52.79
C TRP E 47 9.58 14.45 -51.97
N MET E 48 8.78 14.15 -50.94
CA MET E 48 8.18 15.19 -50.12
C MET E 48 9.04 15.55 -48.91
N GLY E 49 9.48 14.54 -48.16
CA GLY E 49 10.31 14.77 -47.00
C GLY E 49 10.48 13.56 -46.09
N TRP E 50 11.32 13.71 -45.09
CA TRP E 50 11.54 12.64 -44.11
C TRP E 50 11.56 13.20 -42.69
N ILE E 51 11.46 12.30 -41.71
CA ILE E 51 11.46 12.70 -40.30
C ILE E 51 12.09 11.61 -39.44
N SER E 52 12.95 12.02 -38.52
CA SER E 52 13.63 11.07 -37.63
C SER E 52 12.89 10.95 -36.30
N PRO E 53 12.30 9.78 -36.04
CA PRO E 53 11.54 9.51 -34.82
C PRO E 53 12.37 9.65 -33.54
N TYR E 54 13.68 9.47 -33.67
CA TYR E 54 14.59 9.59 -32.53
C TYR E 54 14.65 11.02 -32.02
N SER E 55 15.06 11.94 -32.89
CA SER E 55 15.21 13.34 -32.52
C SER E 55 13.92 14.12 -32.72
N GLY E 56 13.37 14.04 -33.93
CA GLY E 56 12.16 14.77 -34.28
C GLY E 56 12.45 15.77 -35.38
N ASP E 57 13.69 15.73 -35.89
CA ASP E 57 14.12 16.62 -36.96
C ASP E 57 13.40 16.30 -38.26
N LYS E 58 12.98 17.36 -38.97
CA LYS E 58 12.27 17.20 -40.23
C LYS E 58 12.93 18.01 -41.34
N ASN E 59 12.75 17.55 -42.58
CA ASN E 59 13.26 18.27 -43.75
C ASN E 59 12.32 18.12 -44.93
N LEU E 60 11.52 19.16 -45.17
CA LEU E 60 10.55 19.13 -46.25
C LEU E 60 11.09 19.79 -47.52
N ALA E 61 10.58 19.34 -48.65
CA ALA E 61 10.93 19.96 -49.93
C ALA E 61 10.25 21.33 -50.04
N PRO E 62 10.90 22.28 -50.74
CA PRO E 62 10.34 23.62 -50.90
C PRO E 62 8.93 23.63 -51.50
N ALA E 63 8.58 22.58 -52.23
CA ALA E 63 7.26 22.47 -52.84
C ALA E 63 6.21 22.11 -51.81
N PHE E 64 6.62 21.42 -50.76
CA PHE E 64 5.70 21.02 -49.69
C PHE E 64 6.09 21.68 -48.38
N GLN E 65 6.76 22.83 -48.47
CA GLN E 65 7.26 23.53 -47.30
C GLN E 65 6.16 24.22 -46.51
N ASP E 66 5.05 24.51 -47.16
CA ASP E 66 4.01 25.32 -46.52
C ASP E 66 2.61 24.71 -46.57
N ARG E 67 2.51 23.39 -46.57
CA ARG E 67 1.20 22.73 -46.57
C ARG E 67 1.29 21.26 -46.20
N VAL E 68 2.40 20.84 -45.61
CA VAL E 68 2.59 19.45 -45.21
C VAL E 68 3.15 19.35 -43.79
N ILE E 69 2.48 18.56 -42.95
CA ILE E 69 2.91 18.36 -41.57
C ILE E 69 3.18 16.89 -41.28
N MET E 70 4.37 16.59 -40.79
CA MET E 70 4.76 15.22 -40.48
C MET E 70 4.84 14.97 -38.98
N THR E 71 4.15 13.93 -38.52
CA THR E 71 4.15 13.57 -37.10
C THR E 71 4.43 12.08 -36.92
N THR E 72 5.06 11.74 -35.80
CA THR E 72 5.37 10.35 -35.48
C THR E 72 5.07 10.03 -34.01
N ASP E 73 4.55 8.83 -33.76
CA ASP E 73 4.26 8.40 -32.39
C ASP E 73 5.52 7.84 -31.73
N THR E 74 5.41 7.57 -30.44
CA THR E 74 6.53 7.00 -29.69
C THR E 74 6.69 5.52 -30.00
N GLU E 75 7.89 5.01 -29.79
CA GLU E 75 8.20 3.62 -30.07
C GLU E 75 7.64 2.68 -29.01
N VAL E 76 7.01 1.59 -29.46
CA VAL E 76 6.49 0.56 -28.56
C VAL E 76 7.34 -0.70 -28.67
N PRO E 77 8.21 -0.92 -27.67
CA PRO E 77 9.16 -2.04 -27.64
C PRO E 77 8.49 -3.41 -27.67
N VAL E 78 8.97 -4.29 -28.55
CA VAL E 78 8.50 -5.67 -28.61
C VAL E 78 9.61 -6.59 -28.13
N THR E 79 10.77 -6.50 -28.78
CA THR E 79 11.94 -7.25 -28.37
C THR E 79 13.10 -6.29 -28.12
N SER E 80 14.30 -6.85 -27.97
CA SER E 80 15.47 -6.03 -27.69
C SER E 80 16.00 -5.34 -28.96
N PHE E 81 15.63 -5.87 -30.11
CA PHE E 81 16.13 -5.34 -31.38
C PHE E 81 15.01 -4.94 -32.35
N THR E 82 13.77 -5.27 -32.00
CA THR E 82 12.63 -4.93 -32.84
C THR E 82 11.55 -4.20 -32.04
N SER E 83 10.70 -3.46 -32.74
CA SER E 83 9.63 -2.71 -32.09
C SER E 83 8.51 -2.36 -33.08
N THR E 84 7.49 -1.68 -32.58
CA THR E 84 6.36 -1.25 -33.42
C THR E 84 6.12 0.25 -33.28
N GLY E 85 5.95 0.92 -34.42
CA GLY E 85 5.72 2.35 -34.42
C GLY E 85 4.76 2.78 -35.51
N ALA E 86 4.44 4.07 -35.55
CA ALA E 86 3.53 4.60 -36.55
C ALA E 86 3.89 6.03 -36.92
N ALA E 87 3.95 6.31 -38.22
CA ALA E 87 4.26 7.65 -38.70
C ALA E 87 3.10 8.22 -39.50
N TYR E 88 2.86 9.52 -39.33
CA TYR E 88 1.76 10.19 -40.02
C TYR E 88 2.26 11.35 -40.87
N MET E 89 1.40 11.83 -41.77
CA MET E 89 1.69 13.01 -42.55
C MET E 89 0.36 13.71 -42.90
N GLU E 90 0.37 15.04 -42.84
CA GLU E 90 -0.86 15.80 -43.05
C GLU E 90 -0.67 16.86 -44.13
N ILE E 91 -1.30 16.64 -45.27
CA ILE E 91 -1.22 17.57 -46.39
C ILE E 91 -2.49 18.41 -46.50
N ARG E 92 -2.32 19.73 -46.42
CA ARG E 92 -3.45 20.66 -46.50
C ARG E 92 -3.50 21.33 -47.87
N ASN E 93 -4.56 22.09 -48.11
CA ASN E 93 -4.75 22.80 -49.38
C ASN E 93 -4.67 21.86 -50.57
N LEU E 94 -5.49 20.82 -50.56
CA LEU E 94 -5.50 19.83 -51.63
C LEU E 94 -5.97 20.41 -52.96
N LYS E 95 -5.33 19.97 -54.04
CA LYS E 95 -5.69 20.42 -55.38
C LYS E 95 -5.89 19.23 -56.31
N PHE E 96 -6.28 19.50 -57.54
CA PHE E 96 -6.55 18.44 -58.51
C PHE E 96 -5.29 17.69 -58.94
N ASP E 97 -4.14 18.34 -58.82
CA ASP E 97 -2.88 17.73 -59.22
C ASP E 97 -2.24 16.95 -58.09
N ASP E 98 -2.96 16.81 -56.98
CA ASP E 98 -2.46 16.05 -55.84
C ASP E 98 -2.99 14.62 -55.84
N THR E 99 -3.66 14.25 -56.93
CA THR E 99 -4.22 12.92 -57.06
C THR E 99 -3.17 11.91 -57.53
N GLY E 100 -2.92 10.90 -56.71
CA GLY E 100 -1.94 9.88 -57.03
C GLY E 100 -1.72 8.93 -55.86
N THR E 101 -0.62 8.19 -55.90
CA THR E 101 -0.30 7.24 -54.85
C THR E 101 0.78 7.79 -53.93
N TYR E 102 0.55 7.69 -52.62
CA TYR E 102 1.49 8.19 -51.62
C TYR E 102 2.15 7.05 -50.86
N PHE E 103 3.48 7.03 -50.86
CA PHE E 103 4.23 5.98 -50.18
C PHE E 103 5.00 6.49 -48.98
N CYS E 104 5.19 5.62 -47.98
CA CYS E 104 6.05 5.92 -46.86
C CYS E 104 7.22 4.93 -46.87
N ALA E 105 8.43 5.43 -46.65
CA ALA E 105 9.61 4.58 -46.78
C ALA E 105 10.55 4.66 -45.58
N LYS E 106 11.11 3.50 -45.23
CA LYS E 106 12.09 3.39 -44.16
C LYS E 106 13.48 3.79 -44.65
N GLY E 107 14.26 4.42 -43.77
CA GLY E 107 15.62 4.80 -44.11
C GLY E 107 16.51 3.60 -44.39
N LEU E 108 17.68 3.86 -44.98
CA LEU E 108 18.60 2.79 -45.34
C LEU E 108 19.54 2.41 -44.21
N LEU E 109 20.32 3.39 -43.72
CA LEU E 109 21.29 3.13 -42.67
C LEU E 109 21.10 4.07 -41.48
N ARG E 110 21.86 3.85 -40.42
CA ARG E 110 21.80 4.70 -39.24
C ARG E 110 22.83 5.82 -39.33
N ASP E 111 24.01 5.50 -39.86
CA ASP E 111 25.08 6.48 -40.01
C ASP E 111 25.63 6.43 -41.44
N GLY E 112 26.31 7.50 -41.85
CA GLY E 112 26.90 7.56 -43.18
C GLY E 112 26.41 8.75 -43.99
N SER E 113 26.55 8.65 -45.30
CA SER E 113 26.15 9.73 -46.20
C SER E 113 24.81 9.43 -46.86
N SER E 114 24.24 8.28 -46.54
CA SER E 114 22.94 7.88 -47.09
C SER E 114 22.07 7.22 -46.02
N THR E 115 21.89 7.92 -44.91
CA THR E 115 21.13 7.40 -43.78
C THR E 115 19.63 7.45 -44.02
N TRP E 116 19.17 8.55 -44.60
CA TRP E 116 17.74 8.79 -44.81
C TRP E 116 17.20 8.16 -46.08
N LEU E 117 18.10 7.60 -46.90
CA LEU E 117 17.72 7.03 -48.19
C LEU E 117 16.64 5.96 -48.06
N PRO E 118 15.52 6.14 -48.79
CA PRO E 118 14.38 5.22 -48.77
C PRO E 118 14.76 3.82 -49.25
N TYR E 119 14.71 2.86 -48.33
CA TYR E 119 15.06 1.47 -48.64
C TYR E 119 13.82 0.58 -48.65
N LEU E 120 13.19 0.46 -47.49
CA LEU E 120 11.99 -0.36 -47.35
C LEU E 120 10.75 0.52 -47.51
N TRP E 121 9.86 0.11 -48.42
CA TRP E 121 8.67 0.89 -48.72
C TRP E 121 7.39 0.17 -48.28
N GLY E 122 6.31 0.93 -48.16
CA GLY E 122 5.02 0.36 -47.80
C GLY E 122 4.25 -0.09 -49.02
N GLN E 123 2.95 -0.25 -48.89
CA GLN E 123 2.11 -0.67 -50.02
C GLN E 123 1.50 0.54 -50.73
N GLY E 124 1.48 1.67 -50.04
CA GLY E 124 0.97 2.90 -50.62
C GLY E 124 -0.52 3.11 -50.39
N THR E 125 -0.91 4.38 -50.26
CA THR E 125 -2.31 4.73 -50.09
C THR E 125 -2.77 5.69 -51.18
N LEU E 126 -3.72 5.24 -51.99
CA LEU E 126 -4.21 6.03 -53.11
C LEU E 126 -5.07 7.20 -52.64
N LEU E 127 -4.76 8.39 -53.14
CA LEU E 127 -5.51 9.60 -52.79
C LEU E 127 -6.15 10.22 -54.03
N THR E 128 -7.46 10.35 -54.02
CA THR E 128 -8.19 10.95 -55.14
C THR E 128 -8.81 12.27 -54.73
N VAL E 129 -8.49 13.33 -55.46
CA VAL E 129 -9.05 14.65 -55.19
C VAL E 129 -10.06 15.04 -56.26
N SER E 130 -11.34 14.94 -55.91
CA SER E 130 -12.41 15.26 -56.84
C SER E 130 -13.64 15.81 -56.15
N SER E 131 -14.45 16.56 -56.89
CA SER E 131 -15.68 17.13 -56.35
C SER E 131 -16.83 16.12 -56.43
N ALA E 132 -16.60 15.04 -57.18
CA ALA E 132 -17.60 14.00 -57.34
C ALA E 132 -17.79 13.21 -56.05
N SER E 133 -19.02 12.77 -55.81
CA SER E 133 -19.33 12.02 -54.59
C SER E 133 -19.02 10.54 -54.77
N THR E 134 -19.04 9.80 -53.66
CA THR E 134 -18.76 8.37 -53.67
C THR E 134 -19.96 7.59 -54.21
N LYS E 135 -19.69 6.73 -55.19
CA LYS E 135 -20.74 5.90 -55.77
C LYS E 135 -20.41 4.41 -55.62
N GLY E 136 -21.38 3.65 -55.13
CA GLY E 136 -21.20 2.22 -54.94
C GLY E 136 -21.18 1.47 -56.25
N PRO E 137 -20.43 0.35 -56.29
CA PRO E 137 -20.30 -0.48 -57.50
C PRO E 137 -21.52 -1.36 -57.75
N SER E 138 -21.63 -1.86 -58.98
CA SER E 138 -22.71 -2.77 -59.35
C SER E 138 -22.11 -4.07 -59.88
N VAL E 139 -22.07 -5.09 -59.03
CA VAL E 139 -21.46 -6.36 -59.39
C VAL E 139 -22.40 -7.25 -60.20
N PHE E 140 -21.95 -7.65 -61.38
CA PHE E 140 -22.72 -8.56 -62.24
C PHE E 140 -21.95 -9.86 -62.46
N PRO E 141 -22.66 -10.99 -62.38
CA PRO E 141 -22.03 -12.31 -62.59
C PRO E 141 -21.70 -12.57 -64.05
N LEU E 142 -20.51 -13.10 -64.31
CA LEU E 142 -20.08 -13.41 -65.67
C LEU E 142 -20.28 -14.89 -65.96
N ALA E 143 -21.10 -15.18 -66.98
CA ALA E 143 -21.36 -16.56 -67.38
C ALA E 143 -20.10 -17.21 -67.93
N PRO E 144 -19.79 -18.43 -67.49
CA PRO E 144 -18.60 -19.18 -67.92
C PRO E 144 -18.53 -19.36 -69.44
N SER E 145 -17.32 -19.29 -69.98
CA SER E 145 -17.13 -19.44 -71.42
C SER E 145 -16.09 -20.52 -71.73
N SER E 146 -16.07 -20.96 -72.98
CA SER E 146 -15.14 -22.00 -73.41
C SER E 146 -13.77 -21.42 -73.76
N LYS E 147 -12.74 -21.95 -73.11
CA LYS E 147 -11.37 -21.51 -73.37
C LYS E 147 -10.63 -22.57 -74.19
N SER E 148 -10.93 -23.83 -73.92
CA SER E 148 -10.32 -24.94 -74.63
C SER E 148 -11.20 -26.18 -74.56
N THR E 149 -11.76 -26.58 -75.70
CA THR E 149 -12.64 -27.73 -75.77
C THR E 149 -11.86 -29.03 -75.54
N SER E 150 -10.75 -29.18 -76.25
CA SER E 150 -9.92 -30.38 -76.13
C SER E 150 -9.19 -30.42 -74.78
N GLY E 151 -8.94 -29.24 -74.22
CA GLY E 151 -8.25 -29.15 -72.95
C GLY E 151 -9.17 -29.35 -71.76
N GLY E 152 -10.46 -29.05 -71.96
CA GLY E 152 -11.44 -29.20 -70.90
C GLY E 152 -11.34 -28.11 -69.85
N THR E 153 -11.03 -26.90 -70.29
CA THR E 153 -10.90 -25.76 -69.38
C THR E 153 -11.95 -24.70 -69.66
N ALA E 154 -12.22 -23.86 -68.66
CA ALA E 154 -13.20 -22.79 -68.80
C ALA E 154 -12.74 -21.53 -68.07
N ALA E 155 -13.60 -20.52 -68.03
CA ALA E 155 -13.28 -19.26 -67.37
C ALA E 155 -14.54 -18.50 -66.95
N LEU E 156 -14.67 -18.28 -65.65
CA LEU E 156 -15.80 -17.53 -65.10
C LEU E 156 -15.30 -16.39 -64.22
N GLY E 157 -16.19 -15.44 -63.92
CA GLY E 157 -15.82 -14.31 -63.10
C GLY E 157 -16.97 -13.38 -62.73
N CYS E 158 -16.63 -12.15 -62.35
CA CYS E 158 -17.62 -11.15 -61.99
C CYS E 158 -17.34 -9.83 -62.70
N LEU E 159 -18.35 -8.97 -62.77
CA LEU E 159 -18.21 -7.68 -63.44
C LEU E 159 -18.52 -6.51 -62.52
N VAL E 160 -17.49 -5.74 -62.18
CA VAL E 160 -17.66 -4.55 -61.36
C VAL E 160 -17.85 -3.33 -62.26
N LYS E 161 -19.07 -2.82 -62.32
CA LYS E 161 -19.39 -1.71 -63.22
C LYS E 161 -19.83 -0.46 -62.47
N ASP E 162 -19.33 0.68 -62.91
CA ASP E 162 -19.71 2.00 -62.38
C ASP E 162 -19.44 2.13 -60.88
N TYR E 163 -18.21 2.49 -60.54
CA TYR E 163 -17.85 2.74 -59.13
C TYR E 163 -16.92 3.94 -59.03
N PHE E 164 -16.91 4.58 -57.87
CA PHE E 164 -16.08 5.75 -57.65
C PHE E 164 -15.91 6.02 -56.15
N PRO E 165 -14.66 6.27 -55.71
CA PRO E 165 -13.47 6.24 -56.56
C PRO E 165 -12.68 4.94 -56.45
N GLU E 166 -11.48 4.94 -57.00
CA GLU E 166 -10.57 3.79 -56.92
C GLU E 166 -10.07 3.60 -55.48
N PRO E 167 -9.67 2.38 -55.12
CA PRO E 167 -9.69 1.15 -55.89
C PRO E 167 -10.75 0.16 -55.43
N VAL E 168 -10.73 -1.04 -56.00
CA VAL E 168 -11.65 -2.11 -55.63
C VAL E 168 -10.93 -3.46 -55.64
N THR E 169 -11.00 -4.17 -54.51
CA THR E 169 -10.35 -5.48 -54.39
C THR E 169 -11.37 -6.60 -54.53
N VAL E 170 -11.04 -7.60 -55.34
CA VAL E 170 -11.93 -8.74 -55.57
C VAL E 170 -11.24 -10.06 -55.24
N SER E 171 -11.84 -10.82 -54.33
CA SER E 171 -11.32 -12.12 -53.96
C SER E 171 -12.36 -13.22 -54.22
N TRP E 172 -11.93 -14.47 -54.15
CA TRP E 172 -12.82 -15.59 -54.41
C TRP E 172 -12.89 -16.56 -53.23
N ASN E 173 -14.12 -16.86 -52.80
CA ASN E 173 -14.37 -17.78 -51.70
C ASN E 173 -13.60 -17.42 -50.43
N SER E 174 -13.67 -16.15 -50.06
CA SER E 174 -13.00 -15.63 -48.87
C SER E 174 -11.48 -15.87 -48.92
N GLY E 175 -10.92 -15.82 -50.13
CA GLY E 175 -9.50 -15.98 -50.32
C GLY E 175 -9.04 -17.42 -50.44
N ALA E 176 -9.95 -18.30 -50.86
CA ALA E 176 -9.62 -19.72 -51.03
C ALA E 176 -9.13 -19.99 -52.45
N LEU E 177 -9.79 -19.38 -53.43
CA LEU E 177 -9.41 -19.56 -54.82
C LEU E 177 -8.58 -18.37 -55.32
N THR E 178 -7.27 -18.60 -55.47
CA THR E 178 -6.37 -17.54 -55.90
C THR E 178 -5.66 -17.90 -57.22
N SER E 179 -5.59 -19.20 -57.51
CA SER E 179 -4.92 -19.67 -58.72
C SER E 179 -5.78 -19.47 -59.96
N GLY E 180 -5.17 -18.92 -61.01
CA GLY E 180 -5.86 -18.70 -62.26
C GLY E 180 -6.69 -17.43 -62.29
N VAL E 181 -6.55 -16.62 -61.24
CA VAL E 181 -7.31 -15.39 -61.12
C VAL E 181 -6.62 -14.22 -61.83
N HIS E 182 -7.31 -13.62 -62.79
CA HIS E 182 -6.76 -12.50 -63.54
C HIS E 182 -7.65 -11.27 -63.40
N THR E 183 -7.15 -10.25 -62.70
CA THR E 183 -7.90 -9.02 -62.51
C THR E 183 -7.38 -7.91 -63.42
N PHE E 184 -8.26 -7.39 -64.27
CA PHE E 184 -7.91 -6.36 -65.23
C PHE E 184 -8.18 -4.96 -64.68
N PRO E 185 -7.33 -3.99 -65.05
CA PRO E 185 -7.51 -2.59 -64.64
C PRO E 185 -8.84 -2.00 -65.11
N ALA E 186 -9.32 -0.98 -64.42
CA ALA E 186 -10.59 -0.36 -64.76
C ALA E 186 -10.47 0.60 -65.95
N VAL E 187 -11.61 1.10 -66.41
CA VAL E 187 -11.63 2.03 -67.53
C VAL E 187 -12.23 3.38 -67.11
N LEU E 188 -11.63 4.46 -67.57
CA LEU E 188 -12.12 5.80 -67.26
C LEU E 188 -13.16 6.24 -68.28
N GLN E 189 -14.43 6.13 -67.89
CA GLN E 189 -15.54 6.51 -68.77
C GLN E 189 -15.62 8.03 -68.93
N SER E 190 -16.52 8.48 -69.80
CA SER E 190 -16.72 9.90 -70.03
C SER E 190 -17.43 10.56 -68.87
N SER E 191 -18.16 9.76 -68.09
CA SER E 191 -18.89 10.27 -66.94
C SER E 191 -17.96 10.50 -65.75
N GLY E 192 -16.84 9.77 -65.73
CA GLY E 192 -15.87 9.89 -64.66
C GLY E 192 -15.89 8.69 -63.73
N LEU E 193 -16.67 7.68 -64.08
CA LEU E 193 -16.79 6.47 -63.27
C LEU E 193 -15.89 5.36 -63.80
N TYR E 194 -15.37 4.53 -62.90
CA TYR E 194 -14.49 3.44 -63.27
C TYR E 194 -15.25 2.11 -63.31
N SER E 195 -14.66 1.13 -63.99
CA SER E 195 -15.26 -0.20 -64.11
C SER E 195 -14.23 -1.24 -64.54
N LEU E 196 -13.99 -2.23 -63.69
CA LEU E 196 -13.02 -3.28 -64.00
C LEU E 196 -13.70 -4.64 -64.14
N SER E 197 -12.89 -5.68 -64.32
CA SER E 197 -13.40 -7.04 -64.47
C SER E 197 -12.43 -8.07 -63.89
N SER E 198 -12.98 -9.12 -63.28
CA SER E 198 -12.18 -10.19 -62.72
C SER E 198 -12.65 -11.55 -63.26
N VAL E 199 -11.69 -12.40 -63.60
CA VAL E 199 -12.02 -13.71 -64.17
C VAL E 199 -11.02 -14.77 -63.72
N VAL E 200 -11.54 -15.94 -63.31
CA VAL E 200 -10.69 -17.04 -62.88
C VAL E 200 -10.87 -18.26 -63.78
N THR E 201 -9.75 -18.80 -64.27
CA THR E 201 -9.77 -19.96 -65.14
C THR E 201 -9.87 -21.25 -64.34
N VAL E 202 -10.97 -21.97 -64.53
CA VAL E 202 -11.21 -23.23 -63.81
C VAL E 202 -11.67 -24.33 -64.76
N PRO E 203 -11.30 -25.59 -64.45
CA PRO E 203 -11.72 -26.75 -65.25
C PRO E 203 -13.24 -26.88 -65.33
N SER E 204 -13.71 -27.56 -66.36
CA SER E 204 -15.15 -27.72 -66.60
C SER E 204 -15.76 -28.84 -65.79
N SER E 205 -14.92 -29.79 -65.35
CA SER E 205 -15.39 -30.94 -64.59
C SER E 205 -15.82 -30.57 -63.18
N SER E 206 -15.45 -29.37 -62.74
CA SER E 206 -15.79 -28.90 -61.40
C SER E 206 -17.13 -28.17 -61.39
N LEU E 207 -18.13 -28.81 -60.79
CA LEU E 207 -19.47 -28.23 -60.70
C LEU E 207 -20.01 -28.31 -59.28
N GLY E 208 -20.29 -29.53 -58.83
CA GLY E 208 -20.82 -29.76 -57.49
C GLY E 208 -19.77 -30.20 -56.50
N THR E 209 -18.53 -29.81 -56.75
CA THR E 209 -17.42 -30.16 -55.87
C THR E 209 -16.72 -28.91 -55.34
N GLN E 210 -17.18 -27.74 -55.80
CA GLN E 210 -16.60 -26.48 -55.38
C GLN E 210 -17.59 -25.32 -55.57
N THR E 211 -17.72 -24.50 -54.54
CA THR E 211 -18.61 -23.34 -54.59
C THR E 211 -17.85 -22.09 -55.00
N TYR E 212 -18.34 -21.40 -56.02
CA TYR E 212 -17.70 -20.20 -56.53
C TYR E 212 -18.37 -18.93 -56.02
N ILE E 213 -17.71 -18.25 -55.08
CA ILE E 213 -18.23 -17.02 -54.52
C ILE E 213 -17.21 -15.89 -54.63
N CYS E 214 -17.49 -14.93 -55.51
CA CYS E 214 -16.61 -13.79 -55.69
C CYS E 214 -16.88 -12.71 -54.63
N ASN E 215 -15.83 -12.25 -53.98
CA ASN E 215 -15.97 -11.26 -52.91
C ASN E 215 -15.48 -9.87 -53.34
N VAL E 216 -16.43 -9.01 -53.69
CA VAL E 216 -16.10 -7.64 -54.08
C VAL E 216 -16.24 -6.70 -52.89
N ASN E 217 -15.16 -5.98 -52.58
CA ASN E 217 -15.17 -5.06 -51.44
C ASN E 217 -14.94 -3.62 -51.85
N HIS E 218 -15.82 -2.73 -51.39
CA HIS E 218 -15.70 -1.30 -51.66
C HIS E 218 -15.82 -0.52 -50.36
N LYS E 219 -14.69 -0.35 -49.68
CA LYS E 219 -14.64 0.33 -48.38
C LYS E 219 -15.12 1.79 -48.36
N PRO E 220 -14.82 2.60 -49.41
CA PRO E 220 -15.31 3.98 -49.37
C PRO E 220 -16.83 4.12 -49.22
N SER E 221 -17.58 3.14 -49.71
CA SER E 221 -19.04 3.18 -49.58
C SER E 221 -19.52 2.24 -48.49
N ASN E 222 -18.57 1.53 -47.86
CA ASN E 222 -18.84 0.59 -46.78
C ASN E 222 -19.89 -0.46 -47.17
N THR E 223 -19.66 -1.10 -48.32
CA THR E 223 -20.57 -2.12 -48.82
C THR E 223 -19.80 -3.33 -49.39
N LYS E 224 -20.26 -4.53 -49.04
CA LYS E 224 -19.65 -5.75 -49.55
C LYS E 224 -20.69 -6.61 -50.27
N VAL E 225 -20.30 -7.18 -51.41
CA VAL E 225 -21.21 -8.00 -52.20
C VAL E 225 -20.65 -9.39 -52.46
N ASP E 226 -21.42 -10.41 -52.12
CA ASP E 226 -21.03 -11.80 -52.36
C ASP E 226 -21.94 -12.46 -53.39
N LYS E 227 -21.45 -12.56 -54.62
CA LYS E 227 -22.23 -13.14 -55.70
C LYS E 227 -21.89 -14.61 -55.96
N ARG E 228 -22.91 -15.43 -56.12
CA ARG E 228 -22.73 -16.85 -56.42
C ARG E 228 -22.72 -17.07 -57.93
N VAL E 229 -21.53 -17.19 -58.50
CA VAL E 229 -21.38 -17.40 -59.93
C VAL E 229 -21.90 -18.77 -60.34
N GLU E 230 -22.94 -18.79 -61.18
CA GLU E 230 -23.53 -20.03 -61.65
C GLU E 230 -22.55 -20.81 -62.52
N PRO E 231 -22.28 -22.07 -62.16
CA PRO E 231 -21.35 -22.93 -62.88
C PRO E 231 -21.89 -23.39 -64.24
N LYS E 232 -23.20 -23.26 -64.43
CA LYS E 232 -23.83 -23.66 -65.69
C LYS E 232 -23.59 -22.60 -66.77
N SER E 233 -22.79 -22.95 -67.77
CA SER E 233 -22.41 -22.02 -68.82
C SER E 233 -23.45 -21.97 -69.93
N CYS E 234 -23.29 -21.01 -70.85
CA CYS E 234 -24.19 -20.85 -71.98
C CYS E 234 -23.42 -20.93 -73.30
N ASP E 235 -22.10 -21.06 -73.19
CA ASP E 235 -21.24 -21.17 -74.37
C ASP E 235 -21.44 -22.52 -75.05
N LYS E 236 -21.81 -22.50 -76.32
CA LYS E 236 -22.06 -23.72 -77.08
C LYS E 236 -20.79 -24.55 -77.26
N GLY E 237 -19.64 -23.88 -77.24
CA GLY E 237 -18.36 -24.56 -77.39
C GLY E 237 -17.94 -25.27 -76.11
N LEU E 238 -18.65 -24.98 -75.02
CA LEU E 238 -18.35 -25.58 -73.73
C LEU E 238 -19.41 -26.62 -73.35
N GLU E 239 -20.61 -26.45 -73.90
CA GLU E 239 -21.73 -27.35 -73.61
C GLU E 239 -21.46 -28.77 -74.09
N VAL E 240 -20.57 -28.90 -75.06
CA VAL E 240 -20.21 -30.22 -75.59
C VAL E 240 -19.51 -31.05 -74.52
N LEU E 241 -18.72 -30.39 -73.68
CA LEU E 241 -18.00 -31.07 -72.62
C LEU E 241 -18.94 -31.52 -71.50
N PHE E 242 -20.08 -30.85 -71.39
CA PHE E 242 -21.08 -31.20 -70.38
C PHE E 242 -22.14 -32.14 -70.94
N SER F 2 11.04 17.93 -64.75
CA SER F 2 12.10 17.70 -63.78
C SER F 2 13.43 18.26 -64.27
N VAL F 3 14.32 18.58 -63.33
CA VAL F 3 15.63 19.13 -63.68
C VAL F 3 16.64 18.04 -63.97
N LEU F 4 16.34 16.82 -63.53
CA LEU F 4 17.21 15.67 -63.78
C LEU F 4 16.75 14.90 -65.00
N THR F 5 17.58 14.87 -66.04
CA THR F 5 17.19 14.26 -67.31
C THR F 5 17.81 12.88 -67.53
N GLN F 6 16.96 11.91 -67.82
CA GLN F 6 17.42 10.56 -68.16
C GLN F 6 17.18 10.29 -69.64
N SER F 7 17.51 9.09 -70.08
CA SER F 7 17.23 8.70 -71.46
C SER F 7 15.75 8.36 -71.59
N ALA F 8 15.13 8.80 -72.67
CA ALA F 8 13.71 8.56 -72.90
C ALA F 8 13.41 7.07 -72.95
N SER F 9 14.09 6.36 -73.86
CA SER F 9 13.90 4.93 -74.01
C SER F 9 15.22 4.24 -74.37
N VAL F 10 15.44 3.06 -73.81
CA VAL F 10 16.64 2.28 -74.09
C VAL F 10 16.26 0.81 -74.17
N SER F 11 17.01 0.05 -74.98
CA SER F 11 16.70 -1.36 -75.18
C SER F 11 17.92 -2.26 -75.01
N GLY F 12 17.69 -3.56 -74.95
CA GLY F 12 18.75 -4.54 -74.79
C GLY F 12 18.23 -5.95 -74.98
N SER F 13 19.09 -6.83 -75.51
CA SER F 13 18.70 -8.21 -75.76
C SER F 13 18.95 -9.09 -74.55
N LEU F 14 18.30 -10.27 -74.52
CA LEU F 14 18.47 -11.21 -73.42
C LEU F 14 19.89 -11.75 -73.35
N GLY F 15 20.41 -11.84 -72.13
CA GLY F 15 21.76 -12.33 -71.91
C GLY F 15 22.82 -11.28 -72.20
N GLN F 16 22.36 -10.07 -72.53
CA GLN F 16 23.26 -8.97 -72.82
C GLN F 16 23.13 -7.86 -71.77
N SER F 17 23.68 -6.69 -72.09
CA SER F 17 23.65 -5.57 -71.15
C SER F 17 22.93 -4.36 -71.74
N VAL F 18 22.66 -3.38 -70.87
CA VAL F 18 21.98 -2.15 -71.28
C VAL F 18 22.39 -1.00 -70.37
N THR F 19 22.68 0.15 -70.96
CA THR F 19 23.13 1.31 -70.20
C THR F 19 22.07 2.41 -70.14
N ILE F 20 21.79 2.91 -68.94
CA ILE F 20 20.83 3.97 -68.75
C ILE F 20 21.51 5.27 -68.33
N SER F 21 21.28 6.34 -69.09
CA SER F 21 21.88 7.63 -68.80
C SER F 21 21.05 8.42 -67.79
N CYS F 22 21.72 9.29 -67.03
CA CYS F 22 21.07 10.11 -66.03
C CYS F 22 21.89 11.37 -65.76
N THR F 23 21.61 12.43 -66.49
CA THR F 23 22.37 13.67 -66.38
C THR F 23 21.50 14.88 -66.04
N GLY F 24 22.12 16.05 -66.02
CA GLY F 24 21.44 17.29 -65.70
C GLY F 24 22.43 18.40 -65.39
N PRO F 25 21.91 19.57 -64.99
CA PRO F 25 22.76 20.72 -64.63
C PRO F 25 23.70 20.41 -63.46
N ASN F 26 24.70 21.26 -63.26
CA ASN F 26 25.68 21.06 -62.19
C ASN F 26 25.07 21.18 -60.80
N SER F 27 23.88 21.78 -60.72
CA SER F 27 23.19 21.97 -59.46
C SER F 27 22.59 20.67 -58.93
N VAL F 28 22.51 19.66 -59.79
CA VAL F 28 21.93 18.38 -59.41
C VAL F 28 22.80 17.19 -59.82
N CYS F 29 23.76 17.43 -60.71
CA CYS F 29 24.61 16.35 -61.22
C CYS F 29 25.90 16.88 -61.83
N CYS F 30 27.04 16.29 -61.44
CA CYS F 30 27.08 15.22 -60.46
C CYS F 30 28.23 15.41 -59.48
N SER F 31 28.95 16.52 -59.63
CA SER F 31 30.07 16.83 -58.74
C SER F 31 29.56 17.05 -57.32
N HIS F 32 30.19 16.37 -56.37
CA HIS F 32 29.82 16.42 -54.96
C HIS F 32 28.36 16.00 -54.76
N LYS F 33 27.90 15.08 -55.59
CA LYS F 33 26.54 14.57 -55.51
C LYS F 33 26.53 13.04 -55.55
N SER F 34 25.52 12.43 -54.92
CA SER F 34 25.39 10.99 -54.91
C SER F 34 24.27 10.54 -55.84
N ILE F 35 24.42 9.37 -56.44
CA ILE F 35 23.42 8.85 -57.37
C ILE F 35 22.91 7.47 -56.94
N SER F 36 21.59 7.31 -56.96
CA SER F 36 20.98 6.03 -56.62
C SER F 36 20.03 5.58 -57.72
N TRP F 37 19.64 4.31 -57.71
CA TRP F 37 18.73 3.76 -58.71
C TRP F 37 17.62 2.93 -58.08
N TYR F 38 16.45 2.95 -58.70
CA TYR F 38 15.30 2.20 -58.19
C TYR F 38 14.54 1.46 -59.29
N GLN F 39 14.22 0.20 -59.03
CA GLN F 39 13.36 -0.57 -59.92
C GLN F 39 11.91 -0.33 -59.53
N TRP F 40 11.21 0.47 -60.31
CA TRP F 40 9.87 0.89 -59.95
C TRP F 40 8.81 0.46 -60.96
N PRO F 41 8.24 -0.74 -60.77
CA PRO F 41 7.15 -1.22 -61.63
C PRO F 41 5.88 -0.42 -61.41
N PRO F 42 5.21 0.00 -62.49
CA PRO F 42 3.97 0.79 -62.41
C PRO F 42 2.88 0.11 -61.60
N GLY F 43 2.38 0.81 -60.59
CA GLY F 43 1.31 0.28 -59.75
C GLY F 43 1.82 -0.55 -58.58
N ARG F 44 3.14 -0.74 -58.52
CA ARG F 44 3.74 -1.54 -57.47
C ARG F 44 4.75 -0.73 -56.65
N ALA F 45 5.34 -1.38 -55.65
CA ALA F 45 6.33 -0.73 -54.80
C ALA F 45 7.73 -0.86 -55.40
N PRO F 46 8.50 0.25 -55.38
CA PRO F 46 9.86 0.26 -55.93
C PRO F 46 10.85 -0.52 -55.06
N THR F 47 12.00 -0.86 -55.64
CA THR F 47 13.04 -1.60 -54.93
C THR F 47 14.40 -0.93 -55.12
N LEU F 48 15.08 -0.67 -54.00
CA LEU F 48 16.40 -0.06 -54.06
C LEU F 48 17.43 -1.01 -54.66
N ILE F 49 18.13 -0.54 -55.68
CA ILE F 49 19.14 -1.36 -56.37
C ILE F 49 20.55 -0.89 -56.04
N ILE F 50 20.85 0.35 -56.39
CA ILE F 50 22.18 0.92 -56.17
C ILE F 50 22.10 2.17 -55.30
N TYR F 51 22.99 2.25 -54.31
CA TYR F 51 23.09 3.44 -53.48
C TYR F 51 24.55 3.89 -53.43
N GLU F 52 24.77 5.19 -53.26
CA GLU F 52 26.10 5.78 -53.25
C GLU F 52 26.89 5.41 -54.50
N ASP F 53 26.39 5.88 -55.64
CA ASP F 53 27.05 5.70 -56.94
C ASP F 53 27.20 4.25 -57.39
N ASN F 54 28.06 3.48 -56.72
CA ASN F 54 28.39 2.14 -57.19
C ASN F 54 28.16 1.01 -56.19
N GLU F 55 27.55 1.30 -55.05
CA GLU F 55 27.31 0.27 -54.05
C GLU F 55 25.91 -0.33 -54.20
N ARG F 56 25.83 -1.66 -54.14
CA ARG F 56 24.56 -2.36 -54.30
C ARG F 56 23.81 -2.48 -52.97
N ALA F 57 22.49 -2.42 -53.05
CA ALA F 57 21.63 -2.57 -51.87
C ALA F 57 21.67 -4.01 -51.37
N PRO F 58 21.37 -4.22 -50.08
CA PRO F 58 21.36 -5.58 -49.52
C PRO F 58 20.39 -6.52 -50.24
N GLY F 59 20.88 -7.68 -50.65
CA GLY F 59 20.05 -8.68 -51.31
C GLY F 59 19.92 -8.49 -52.81
N ILE F 60 20.66 -7.54 -53.35
CA ILE F 60 20.62 -7.26 -54.79
C ILE F 60 21.63 -8.11 -55.55
N SER F 61 21.16 -8.77 -56.61
CA SER F 61 22.02 -9.60 -57.45
C SER F 61 23.16 -8.79 -58.05
N PRO F 62 24.34 -9.41 -58.18
CA PRO F 62 25.53 -8.73 -58.73
C PRO F 62 25.42 -8.41 -60.22
N ARG F 63 24.26 -8.68 -60.82
CA ARG F 63 24.04 -8.39 -62.23
C ARG F 63 23.94 -6.88 -62.47
N PHE F 64 23.65 -6.14 -61.41
CA PHE F 64 23.54 -4.68 -61.48
C PHE F 64 24.85 -4.02 -61.07
N SER F 65 25.18 -2.92 -61.74
CA SER F 65 26.39 -2.17 -61.44
C SER F 65 26.22 -0.70 -61.78
N GLY F 66 26.87 0.17 -61.03
CA GLY F 66 26.75 1.60 -61.23
C GLY F 66 28.07 2.29 -61.54
N TYR F 67 27.98 3.49 -62.12
CA TYR F 67 29.16 4.28 -62.45
C TYR F 67 28.78 5.74 -62.65
N LYS F 68 29.45 6.63 -61.91
CA LYS F 68 29.16 8.05 -62.01
C LYS F 68 30.36 8.85 -62.52
N SER F 69 30.12 9.72 -63.48
CA SER F 69 31.15 10.60 -63.99
C SER F 69 31.02 11.98 -63.36
N TYR F 70 31.61 12.98 -63.98
CA TYR F 70 31.53 14.34 -63.45
C TYR F 70 30.35 15.09 -64.03
N TRP F 71 29.72 14.49 -65.04
CA TRP F 71 28.60 15.15 -65.72
C TRP F 71 27.37 14.24 -65.82
N SER F 72 27.57 12.93 -65.61
CA SER F 72 26.48 11.98 -65.72
C SER F 72 26.77 10.68 -64.98
N ALA F 73 25.72 9.90 -64.75
CA ALA F 73 25.85 8.59 -64.11
C ALA F 73 25.26 7.51 -65.00
N TYR F 74 25.66 6.26 -64.78
CA TYR F 74 25.19 5.16 -65.61
C TYR F 74 24.80 3.94 -64.79
N LEU F 75 23.94 3.10 -65.37
CA LEU F 75 23.51 1.86 -64.74
C LEU F 75 23.49 0.72 -65.75
N THR F 76 24.37 -0.26 -65.54
CA THR F 76 24.46 -1.41 -66.45
C THR F 76 23.81 -2.64 -65.87
N ILE F 77 22.87 -3.22 -66.61
CA ILE F 77 22.20 -4.44 -66.19
C ILE F 77 22.63 -5.62 -67.06
N SER F 78 23.61 -6.37 -66.58
CA SER F 78 24.12 -7.52 -67.32
C SER F 78 23.19 -8.73 -67.18
N ASP F 79 23.18 -9.57 -68.21
CA ASP F 79 22.32 -10.75 -68.26
C ASP F 79 20.86 -10.38 -68.01
N LEU F 80 20.24 -9.78 -69.03
CA LEU F 80 18.88 -9.28 -68.90
C LEU F 80 17.85 -10.39 -68.66
N ARG F 81 16.87 -10.07 -67.82
CA ARG F 81 15.80 -10.99 -67.49
C ARG F 81 14.47 -10.47 -68.02
N PRO F 82 13.50 -11.36 -68.26
CA PRO F 82 12.17 -10.94 -68.73
C PRO F 82 11.46 -10.04 -67.73
N GLU F 83 11.84 -10.12 -66.46
CA GLU F 83 11.21 -9.30 -65.42
C GLU F 83 12.00 -8.02 -65.17
N ASP F 84 12.85 -7.65 -66.13
CA ASP F 84 13.62 -6.41 -66.03
C ASP F 84 13.05 -5.35 -66.95
N GLU F 85 12.01 -5.72 -67.70
CA GLU F 85 11.35 -4.80 -68.61
C GLU F 85 10.35 -3.92 -67.87
N THR F 86 10.82 -2.79 -67.34
CA THR F 86 9.99 -1.87 -66.59
C THR F 86 10.59 -0.47 -66.56
N THR F 87 10.07 0.37 -65.66
CA THR F 87 10.56 1.74 -65.53
C THR F 87 11.61 1.86 -64.44
N TYR F 88 12.69 2.57 -64.73
CA TYR F 88 13.77 2.75 -63.77
C TYR F 88 14.06 4.23 -63.53
N TYR F 89 13.96 4.65 -62.27
CA TYR F 89 14.24 6.04 -61.90
C TYR F 89 15.56 6.17 -61.16
N CYS F 90 16.21 7.31 -61.33
CA CYS F 90 17.45 7.59 -60.60
C CYS F 90 17.21 8.77 -59.65
N CYS F 91 18.08 8.93 -58.66
CA CYS F 91 17.92 9.99 -57.68
C CYS F 91 19.23 10.68 -57.33
N SER F 92 19.24 12.00 -57.39
CA SER F 92 20.39 12.80 -57.00
C SER F 92 20.20 13.32 -55.58
N TYR F 93 21.11 12.96 -54.69
CA TYR F 93 20.97 13.35 -53.28
C TYR F 93 22.32 13.52 -52.59
N THR F 94 22.27 14.03 -51.36
CA THR F 94 23.45 14.17 -50.53
C THR F 94 23.14 13.69 -49.12
N HIS F 95 24.02 14.02 -48.17
CA HIS F 95 23.81 13.64 -46.79
C HIS F 95 22.82 14.59 -46.12
N ASN F 96 22.74 15.81 -46.63
CA ASN F 96 21.88 16.84 -46.06
C ASN F 96 20.58 17.03 -46.84
N SER F 97 20.71 17.38 -48.12
CA SER F 97 19.56 17.61 -48.98
C SER F 97 18.76 16.33 -49.23
N GLY F 98 17.59 16.49 -49.84
CA GLY F 98 16.72 15.36 -50.10
C GLY F 98 16.93 14.72 -51.46
N CYS F 99 15.86 14.12 -52.00
CA CYS F 99 15.95 13.42 -53.28
C CYS F 99 15.33 14.20 -54.43
N VAL F 100 16.00 14.16 -55.58
CA VAL F 100 15.49 14.78 -56.79
C VAL F 100 15.45 13.74 -57.91
N PHE F 101 14.29 13.11 -58.09
CA PHE F 101 14.15 12.05 -59.09
C PHE F 101 14.28 12.58 -60.51
N GLY F 102 14.55 11.68 -61.45
CA GLY F 102 14.69 12.05 -62.85
C GLY F 102 13.40 11.93 -63.62
N THR F 103 13.50 11.99 -64.94
CA THR F 103 12.32 11.90 -65.80
C THR F 103 11.83 10.46 -65.93
N GLY F 104 12.76 9.51 -65.81
CA GLY F 104 12.41 8.11 -65.90
C GLY F 104 12.93 7.45 -67.15
N THR F 105 13.13 6.13 -67.07
CA THR F 105 13.63 5.36 -68.21
C THR F 105 12.85 4.06 -68.39
N LYS F 106 12.14 3.96 -69.51
CA LYS F 106 11.39 2.74 -69.83
C LYS F 106 12.26 1.76 -70.59
N VAL F 107 12.68 0.69 -69.92
CA VAL F 107 13.56 -0.30 -70.53
C VAL F 107 12.79 -1.41 -71.23
N SER F 108 13.05 -1.59 -72.52
CA SER F 108 12.42 -2.65 -73.30
C SER F 108 13.42 -3.76 -73.60
N VAL F 109 13.08 -4.98 -73.20
CA VAL F 109 13.95 -6.12 -73.41
C VAL F 109 13.62 -6.83 -74.73
N LEU F 110 14.55 -6.77 -75.68
CA LEU F 110 14.36 -7.40 -76.98
C LEU F 110 14.85 -8.84 -76.96
N GLY F 111 14.54 -9.58 -78.02
CA GLY F 111 14.95 -10.97 -78.12
C GLY F 111 14.05 -11.93 -77.39
N GLN F 112 12.88 -11.44 -76.98
CA GLN F 112 11.91 -12.26 -76.27
C GLN F 112 10.98 -12.97 -77.25
N SER F 113 10.43 -14.10 -76.81
CA SER F 113 9.54 -14.89 -77.65
C SER F 113 8.17 -14.23 -77.81
N LYS F 114 7.56 -14.41 -78.98
CA LYS F 114 6.24 -13.85 -79.25
C LYS F 114 5.18 -14.52 -78.39
N ALA F 115 4.07 -13.84 -78.17
CA ALA F 115 2.98 -14.38 -77.37
C ALA F 115 1.62 -13.98 -77.92
N ASN F 116 0.89 -14.95 -78.45
CA ASN F 116 -0.44 -14.69 -79.00
C ASN F 116 -1.44 -14.34 -77.89
N PRO F 117 -2.18 -13.24 -78.08
CA PRO F 117 -3.15 -12.75 -77.09
C PRO F 117 -4.34 -13.67 -76.89
N SER F 118 -4.81 -13.78 -75.66
CA SER F 118 -5.98 -14.58 -75.34
C SER F 118 -7.19 -13.68 -75.13
N VAL F 119 -8.12 -13.69 -76.09
CA VAL F 119 -9.27 -12.81 -76.06
C VAL F 119 -10.56 -13.56 -75.72
N THR F 120 -11.35 -12.99 -74.80
CA THR F 120 -12.62 -13.57 -74.41
C THR F 120 -13.69 -12.49 -74.30
N LEU F 121 -14.74 -12.62 -75.10
CA LEU F 121 -15.82 -11.63 -75.12
C LEU F 121 -17.03 -12.12 -74.32
N PHE F 122 -17.50 -11.27 -73.41
CA PHE F 122 -18.64 -11.61 -72.55
C PHE F 122 -19.89 -10.81 -72.93
N PRO F 123 -21.04 -11.51 -73.04
CA PRO F 123 -22.33 -10.87 -73.30
C PRO F 123 -22.92 -10.26 -72.03
N PRO F 124 -23.85 -9.30 -72.17
CA PRO F 124 -24.49 -8.68 -71.01
C PRO F 124 -25.27 -9.69 -70.17
N SER F 125 -25.10 -9.62 -68.85
CA SER F 125 -25.75 -10.55 -67.93
C SER F 125 -27.25 -10.35 -67.89
N SER F 126 -27.96 -11.31 -67.31
CA SER F 126 -29.41 -11.25 -67.20
C SER F 126 -29.86 -10.19 -66.19
N GLU F 127 -29.00 -9.92 -65.21
CA GLU F 127 -29.31 -8.93 -64.20
C GLU F 127 -29.20 -7.51 -64.77
N GLU F 128 -28.34 -7.37 -65.77
CA GLU F 128 -28.14 -6.08 -66.41
C GLU F 128 -29.25 -5.81 -67.44
N LEU F 129 -29.85 -6.88 -67.94
CA LEU F 129 -30.95 -6.76 -68.90
C LEU F 129 -32.26 -6.42 -68.20
N GLN F 130 -32.24 -6.44 -66.88
CA GLN F 130 -33.41 -6.09 -66.09
C GLN F 130 -33.23 -4.72 -65.45
N ALA F 131 -32.11 -4.07 -65.78
CA ALA F 131 -31.79 -2.75 -65.23
C ALA F 131 -32.52 -1.57 -65.90
N ASN F 132 -32.54 -1.44 -67.24
CA ASN F 132 -31.93 -2.37 -68.20
C ASN F 132 -30.79 -1.74 -68.99
N LYS F 133 -29.65 -2.41 -69.01
CA LYS F 133 -28.48 -1.94 -69.74
C LYS F 133 -27.80 -3.10 -70.47
N ALA F 134 -26.75 -2.78 -71.22
CA ALA F 134 -25.99 -3.78 -71.95
C ALA F 134 -24.54 -3.35 -72.13
N THR F 135 -23.62 -4.12 -71.57
CA THR F 135 -22.19 -3.80 -71.66
C THR F 135 -21.37 -4.99 -72.12
N LEU F 136 -20.69 -4.84 -73.25
CA LEU F 136 -19.83 -5.88 -73.78
C LEU F 136 -18.42 -5.75 -73.19
N VAL F 137 -17.89 -6.87 -72.70
CA VAL F 137 -16.57 -6.87 -72.08
C VAL F 137 -15.55 -7.62 -72.93
N CYS F 138 -14.55 -6.88 -73.43
CA CYS F 138 -13.49 -7.47 -74.23
C CYS F 138 -12.17 -7.48 -73.46
N LEU F 139 -11.81 -8.66 -72.96
CA LEU F 139 -10.60 -8.80 -72.15
C LEU F 139 -9.42 -9.32 -72.98
N ILE F 140 -8.29 -8.63 -72.87
CA ILE F 140 -7.08 -9.02 -73.60
C ILE F 140 -5.96 -9.36 -72.62
N SER F 141 -5.31 -10.51 -72.83
CA SER F 141 -4.24 -10.94 -71.95
C SER F 141 -3.19 -11.76 -72.68
N ASP F 142 -2.00 -11.83 -72.08
CA ASP F 142 -0.88 -12.62 -72.60
C ASP F 142 -0.47 -12.22 -74.02
N PHE F 143 -0.04 -10.98 -74.20
CA PHE F 143 0.42 -10.50 -75.50
C PHE F 143 1.70 -9.68 -75.36
N TYR F 144 2.64 -9.88 -76.27
CA TYR F 144 3.90 -9.15 -76.25
C TYR F 144 4.32 -8.74 -77.66
N PRO F 145 4.75 -7.48 -77.82
CA PRO F 145 4.85 -6.43 -76.79
C PRO F 145 3.50 -5.85 -76.42
N GLY F 146 3.49 -4.94 -75.44
CA GLY F 146 2.26 -4.33 -74.96
C GLY F 146 1.79 -3.18 -75.82
N ALA F 147 1.23 -3.50 -76.98
CA ALA F 147 0.72 -2.48 -77.90
C ALA F 147 -0.34 -3.07 -78.82
N VAL F 148 -1.61 -2.88 -78.47
CA VAL F 148 -2.71 -3.39 -79.27
C VAL F 148 -3.79 -2.33 -79.48
N THR F 149 -4.54 -2.48 -80.58
CA THR F 149 -5.64 -1.57 -80.88
C THR F 149 -6.95 -2.34 -80.96
N VAL F 150 -8.03 -1.74 -80.46
CA VAL F 150 -9.32 -2.40 -80.42
C VAL F 150 -10.39 -1.65 -81.24
N ALA F 151 -11.01 -2.36 -82.17
CA ALA F 151 -12.08 -1.79 -82.98
C ALA F 151 -13.35 -2.62 -82.84
N TRP F 152 -14.50 -1.95 -82.80
CA TRP F 152 -15.79 -2.63 -82.63
C TRP F 152 -16.63 -2.54 -83.90
N LYS F 153 -17.48 -3.54 -84.10
CA LYS F 153 -18.38 -3.57 -85.25
C LYS F 153 -19.77 -4.03 -84.87
N ALA F 154 -20.79 -3.35 -85.40
CA ALA F 154 -22.17 -3.71 -85.16
C ALA F 154 -22.75 -4.41 -86.38
N ASP F 155 -22.82 -5.75 -86.31
CA ASP F 155 -23.27 -6.57 -87.42
C ASP F 155 -22.42 -6.31 -88.66
N SER F 156 -21.12 -6.56 -88.54
CA SER F 156 -20.15 -6.35 -89.61
C SER F 156 -20.14 -4.91 -90.10
N SER F 157 -20.39 -3.97 -89.19
CA SER F 157 -20.39 -2.55 -89.52
C SER F 157 -19.76 -1.73 -88.39
N PRO F 158 -18.68 -1.00 -88.72
CA PRO F 158 -17.87 -0.15 -87.83
C PRO F 158 -18.68 0.59 -86.76
N VAL F 159 -18.12 0.68 -85.56
CA VAL F 159 -18.76 1.39 -84.46
C VAL F 159 -17.88 2.56 -84.00
N LYS F 160 -18.46 3.75 -83.93
CA LYS F 160 -17.72 4.93 -83.52
C LYS F 160 -18.29 5.57 -82.26
N ALA F 161 -19.32 4.94 -81.69
CA ALA F 161 -19.96 5.48 -80.50
C ALA F 161 -19.87 4.51 -79.32
N GLY F 162 -19.44 5.04 -78.18
CA GLY F 162 -19.33 4.25 -76.96
C GLY F 162 -18.15 3.29 -76.96
N VAL F 163 -17.10 3.66 -77.69
CA VAL F 163 -15.90 2.82 -77.78
C VAL F 163 -14.80 3.33 -76.87
N GLU F 164 -14.37 2.49 -75.93
CA GLU F 164 -13.31 2.86 -75.00
C GLU F 164 -12.42 1.66 -74.69
N THR F 165 -11.11 1.89 -74.66
CA THR F 165 -10.14 0.83 -74.41
C THR F 165 -9.06 1.29 -73.43
N THR F 166 -8.72 0.42 -72.49
CA THR F 166 -7.72 0.74 -71.48
C THR F 166 -6.30 0.63 -72.01
N THR F 167 -5.34 1.14 -71.25
CA THR F 167 -3.94 1.07 -71.60
C THR F 167 -3.35 -0.28 -71.23
N PRO F 168 -2.42 -0.81 -72.05
CA PRO F 168 -1.79 -2.10 -71.77
C PRO F 168 -1.00 -2.10 -70.47
N SER F 169 -1.35 -3.02 -69.56
CA SER F 169 -0.69 -3.11 -68.27
C SER F 169 0.09 -4.41 -68.14
N LYS F 170 1.30 -4.32 -67.60
CA LYS F 170 2.15 -5.49 -67.43
C LYS F 170 1.68 -6.37 -66.28
N GLN F 171 1.59 -7.67 -66.54
CA GLN F 171 1.15 -8.63 -65.53
C GLN F 171 2.31 -9.08 -64.65
N SER F 172 2.12 -10.19 -63.96
CA SER F 172 3.14 -10.73 -63.08
C SER F 172 3.99 -11.78 -63.80
N ASN F 173 3.46 -12.31 -64.89
CA ASN F 173 4.17 -13.31 -65.69
C ASN F 173 4.96 -12.68 -66.83
N ASN F 174 5.41 -11.45 -66.61
CA ASN F 174 6.20 -10.70 -67.57
C ASN F 174 5.50 -10.52 -68.93
N LYS F 175 4.18 -10.44 -68.88
CA LYS F 175 3.39 -10.20 -70.08
C LYS F 175 2.44 -9.01 -69.86
N TYR F 176 1.74 -8.61 -70.91
CA TYR F 176 0.86 -7.45 -70.83
C TYR F 176 -0.62 -7.82 -70.92
N ALA F 177 -1.47 -6.96 -70.40
CA ALA F 177 -2.92 -7.19 -70.42
C ALA F 177 -3.67 -5.88 -70.64
N ALA F 178 -4.91 -5.99 -71.10
CA ALA F 178 -5.75 -4.82 -71.33
C ALA F 178 -7.23 -5.19 -71.29
N SER F 179 -8.09 -4.20 -71.50
CA SER F 179 -9.53 -4.43 -71.48
C SER F 179 -10.27 -3.33 -72.24
N SER F 180 -11.21 -3.74 -73.09
CA SER F 180 -12.01 -2.80 -73.86
C SER F 180 -13.50 -2.99 -73.57
N TYR F 181 -14.25 -1.90 -73.61
CA TYR F 181 -15.68 -1.95 -73.31
C TYR F 181 -16.50 -1.16 -74.32
N LEU F 182 -17.69 -1.68 -74.65
CA LEU F 182 -18.58 -1.02 -75.59
C LEU F 182 -19.94 -0.75 -74.97
N SER F 183 -20.30 0.52 -74.85
CA SER F 183 -21.59 0.91 -74.29
C SER F 183 -22.67 0.88 -75.36
N LEU F 184 -23.68 0.02 -75.16
CA LEU F 184 -24.77 -0.10 -76.12
C LEU F 184 -26.13 0.04 -75.46
N THR F 185 -27.15 0.28 -76.28
CA THR F 185 -28.51 0.39 -75.80
C THR F 185 -29.23 -0.95 -75.93
N PRO F 186 -30.21 -1.22 -75.05
CA PRO F 186 -30.96 -2.48 -75.09
C PRO F 186 -31.65 -2.73 -76.43
N GLU F 187 -31.88 -1.68 -77.20
CA GLU F 187 -32.52 -1.81 -78.51
C GLU F 187 -31.53 -2.34 -79.55
N GLN F 188 -30.32 -1.79 -79.55
CA GLN F 188 -29.29 -2.21 -80.49
C GLN F 188 -28.83 -3.63 -80.26
N TRP F 189 -28.96 -4.09 -79.01
CA TRP F 189 -28.58 -5.46 -78.66
C TRP F 189 -29.57 -6.47 -79.23
N LYS F 190 -30.80 -6.02 -79.43
CA LYS F 190 -31.86 -6.89 -79.93
C LYS F 190 -32.22 -6.56 -81.38
N SER F 191 -31.44 -5.68 -82.00
CA SER F 191 -31.67 -5.29 -83.39
C SER F 191 -30.53 -5.76 -84.28
N HIS F 192 -29.43 -6.17 -83.68
CA HIS F 192 -28.28 -6.66 -84.42
C HIS F 192 -28.12 -8.17 -84.27
N ARG F 193 -27.67 -8.83 -85.33
CA ARG F 193 -27.51 -10.27 -85.32
C ARG F 193 -26.34 -10.70 -84.45
N SER F 194 -25.28 -9.90 -84.42
CA SER F 194 -24.09 -10.21 -83.64
C SER F 194 -23.18 -9.00 -83.43
N TYR F 195 -22.32 -9.08 -82.42
CA TYR F 195 -21.34 -8.05 -82.15
C TYR F 195 -19.94 -8.64 -82.03
N SER F 196 -18.94 -7.92 -82.52
CA SER F 196 -17.57 -8.43 -82.54
C SER F 196 -16.58 -7.51 -81.83
N CYS F 197 -15.41 -8.05 -81.52
CA CYS F 197 -14.35 -7.28 -80.88
C CYS F 197 -13.00 -7.58 -81.53
N GLN F 198 -12.61 -6.73 -82.47
CA GLN F 198 -11.37 -6.92 -83.21
C GLN F 198 -10.16 -6.37 -82.46
N VAL F 199 -9.11 -7.18 -82.34
CA VAL F 199 -7.88 -6.76 -81.69
C VAL F 199 -6.70 -6.94 -82.63
N THR F 200 -6.04 -5.84 -82.96
CA THR F 200 -4.92 -5.86 -83.89
C THR F 200 -3.58 -5.81 -83.17
N HIS F 201 -2.66 -6.68 -83.58
CA HIS F 201 -1.33 -6.73 -82.97
C HIS F 201 -0.27 -7.17 -83.98
N GLU F 202 0.66 -6.26 -84.28
CA GLU F 202 1.75 -6.52 -85.21
C GLU F 202 1.26 -6.97 -86.58
N GLY F 203 0.19 -6.35 -87.07
CA GLY F 203 -0.36 -6.69 -88.37
C GLY F 203 -1.43 -7.76 -88.29
N SER F 204 -1.26 -8.71 -87.38
CA SER F 204 -2.21 -9.79 -87.19
C SER F 204 -3.41 -9.32 -86.37
N THR F 205 -4.60 -9.51 -86.91
CA THR F 205 -5.83 -9.06 -86.24
C THR F 205 -6.71 -10.24 -85.81
N VAL F 206 -6.90 -10.39 -84.51
CA VAL F 206 -7.77 -11.42 -83.98
C VAL F 206 -9.16 -10.85 -83.72
N GLU F 207 -10.17 -11.72 -83.71
CA GLU F 207 -11.55 -11.25 -83.56
C GLU F 207 -12.45 -12.31 -82.90
N LYS F 208 -13.21 -11.87 -81.91
CA LYS F 208 -14.17 -12.74 -81.23
C LYS F 208 -15.58 -12.16 -81.35
N THR F 209 -16.56 -13.02 -81.60
CA THR F 209 -17.92 -12.58 -81.85
C THR F 209 -18.98 -13.33 -81.06
N VAL F 210 -19.86 -12.58 -80.39
CA VAL F 210 -21.00 -13.16 -79.69
C VAL F 210 -22.29 -12.78 -80.41
N ALA F 211 -23.33 -13.58 -80.25
CA ALA F 211 -24.59 -13.34 -80.94
C ALA F 211 -25.79 -13.38 -80.01
N PRO F 212 -26.57 -12.29 -79.97
CA PRO F 212 -27.80 -12.20 -79.17
C PRO F 212 -28.93 -13.04 -79.75
N THR F 213 -28.82 -13.37 -81.04
CA THR F 213 -29.83 -14.15 -81.73
C THR F 213 -29.89 -15.60 -81.23
N GLU F 214 -28.83 -16.04 -80.57
CA GLU F 214 -28.77 -17.39 -80.03
C GLU F 214 -28.23 -17.39 -78.60
C1 NAG G . 20.61 6.68 -31.52
C2 NAG G . 21.94 7.35 -31.89
C3 NAG G . 21.71 8.51 -32.85
C4 NAG G . 20.87 8.08 -34.04
C5 NAG G . 19.59 7.40 -33.55
C6 NAG G . 18.75 6.84 -34.68
C7 NAG G . 23.34 6.99 -29.90
C8 NAG G . 23.99 7.64 -28.72
N2 NAG G . 22.64 7.80 -30.70
O3 NAG G . 22.97 9.00 -33.29
O4 NAG G . 20.51 9.22 -34.81
O5 NAG G . 19.92 6.30 -32.71
O6 NAG G . 19.26 5.61 -35.15
O7 NAG G . 23.43 5.78 -30.12
C1 NAG G . 21.20 9.21 -36.08
C2 NAG G . 20.44 10.13 -37.05
C3 NAG G . 21.17 10.23 -38.40
C4 NAG G . 22.63 10.60 -38.18
C5 NAG G . 23.28 9.64 -37.19
C6 NAG G . 24.71 9.99 -36.85
C7 NAG G . 18.47 8.66 -37.70
C8 NAG G . 19.40 7.57 -38.18
N2 NAG G . 19.02 9.79 -37.21
O3 NAG G . 20.53 11.21 -39.21
O4 NAG G . 23.33 10.55 -39.42
O5 NAG G . 22.55 9.65 -35.95
O6 NAG G . 25.35 8.95 -36.13
O7 NAG G . 17.25 8.54 -37.76
C1 BMA G . 23.82 11.87 -39.74
C2 BMA G . 24.65 11.84 -41.03
C3 BMA G . 25.19 13.25 -41.29
C4 BMA G . 24.07 14.30 -41.25
C5 BMA G . 23.33 14.19 -39.90
C6 BMA G . 22.18 15.18 -39.71
O2 BMA G . 23.85 11.50 -42.14
O3 BMA G . 25.92 13.32 -42.52
O4 BMA G . 24.63 15.60 -41.38
O5 BMA G . 22.81 12.85 -39.79
O6 BMA G . 21.82 15.79 -40.96
C1 MAN G . 21.90 17.23 -40.91
C2 MAN G . 21.82 17.81 -39.45
C3 MAN G . 20.38 18.13 -39.03
C4 MAN G . 19.64 18.88 -40.14
C5 MAN G . 19.66 18.02 -41.40
C6 MAN G . 18.88 18.65 -42.56
O2 MAN G . 22.55 19.04 -39.34
O3 MAN G . 20.33 18.88 -37.83
O4 MAN G . 18.29 19.12 -39.76
O5 MAN G . 21.03 17.87 -41.83
O6 MAN G . 19.23 20.02 -42.63
C1 MAN G . 20.22 17.97 -36.72
C2 MAN G . 19.25 18.55 -35.68
C3 MAN G . 19.93 19.67 -34.88
C4 MAN G . 21.31 19.20 -34.35
C5 MAN G . 22.16 18.71 -35.52
C6 MAN G . 23.52 18.19 -35.09
O2 MAN G . 18.86 17.57 -34.72
O3 MAN G . 19.12 20.12 -33.80
O4 MAN G . 21.96 20.28 -33.70
O5 MAN G . 21.47 17.63 -36.18
O6 MAN G . 24.30 17.98 -36.24
C1 MAN G . 18.47 20.62 -43.70
C2 MAN G . 19.27 21.80 -44.30
C3 MAN G . 19.17 23.03 -43.40
C4 MAN G . 17.70 23.33 -43.07
C5 MAN G . 17.06 22.09 -42.41
C6 MAN G . 15.59 22.29 -42.08
O2 MAN G . 18.74 22.21 -45.56
O3 MAN G . 19.78 24.18 -43.98
O4 MAN G . 17.62 24.43 -42.18
O5 MAN G . 17.17 20.98 -43.32
O6 MAN G . 15.22 21.33 -41.10
C1 MAN G . 27.28 13.69 -42.23
C2 MAN G . 28.08 13.90 -43.54
C3 MAN G . 28.60 12.57 -44.08
C4 MAN G . 29.29 11.76 -42.98
C5 MAN G . 28.31 11.53 -41.85
C6 MAN G . 28.89 10.72 -40.70
O2 MAN G . 29.24 14.70 -43.31
O3 MAN G . 29.50 12.76 -45.18
O4 MAN G . 29.72 10.50 -43.49
O5 MAN G . 27.90 12.81 -41.32
O6 MAN G . 27.83 10.36 -39.83
C1 NAG H . -12.73 -4.18 37.78
C2 NAG H . -13.41 -2.84 37.64
C3 NAG H . -14.91 -2.98 37.93
C4 NAG H . -15.53 -4.10 37.09
C5 NAG H . -14.69 -5.38 37.18
C6 NAG H . -15.13 -6.43 36.18
C7 NAG H . -11.77 -1.09 38.18
C8 NAG H . -11.29 -0.12 39.22
N2 NAG H . -12.82 -1.85 38.52
O3 NAG H . -15.56 -1.75 37.65
O4 NAG H . -16.83 -4.37 37.60
O5 NAG H . -13.31 -5.10 36.89
O6 NAG H . -15.81 -7.51 36.82
O7 NAG H . -11.24 -1.19 37.08
C1 NAG H . -17.82 -4.35 36.55
C2 NAG H . -19.05 -5.16 36.98
C3 NAG H . -20.06 -5.21 35.83
C4 NAG H . -20.36 -3.82 35.31
C5 NAG H . -19.06 -3.05 35.01
C6 NAG H . -19.29 -1.61 34.63
C7 NAG H . -18.71 -6.91 38.66
C8 NAG H . -18.28 -8.33 38.90
N2 NAG H . -18.66 -6.50 37.39
O3 NAG H . -21.26 -5.83 36.31
O4 NAG H . -21.11 -3.94 34.11
O5 NAG H . -18.22 -3.06 36.16
O6 NAG H . -18.07 -0.88 34.61
O7 NAG H . -19.09 -6.18 39.58
C1 BMA H . -22.43 -3.36 34.26
C2 BMA H . -22.52 -2.15 33.34
C3 BMA H . -23.89 -1.52 33.43
C4 BMA H . -24.98 -2.58 33.19
C5 BMA H . -24.80 -3.74 34.18
C6 BMA H . -25.80 -4.86 33.94
O2 BMA H . -22.33 -2.54 31.98
O3 BMA H . -24.03 -0.43 32.51
O4 BMA H . -26.27 -2.00 33.34
O5 BMA H . -23.47 -4.29 34.02
O6 BMA H . -25.84 -5.67 35.11
C1 MAN H . -23.66 0.80 33.16
C2 MAN H . -24.31 1.99 32.42
C3 MAN H . -23.50 2.36 31.16
C4 MAN H . -21.99 2.47 31.48
C5 MAN H . -21.53 1.15 32.11
C6 MAN H . -20.06 1.18 32.47
O2 MAN H . -24.31 3.18 33.23
O3 MAN H . -23.96 3.56 30.57
O4 MAN H . -21.27 2.71 30.29
O5 MAN H . -22.27 0.95 33.32
O6 MAN H . -19.32 1.61 31.34
C1 NAG I . 3.94 -6.42 -18.52
C2 NAG I . 3.00 -7.59 -18.81
C3 NAG I . 3.24 -8.13 -20.21
C4 NAG I . 3.13 -7.01 -21.23
C5 NAG I . 4.07 -5.86 -20.85
C6 NAG I . 3.93 -4.65 -21.75
C7 NAG I . 2.21 -8.97 -16.93
C8 NAG I . 2.54 -10.08 -15.99
N2 NAG I . 3.16 -8.65 -17.82
O3 NAG I . 2.28 -9.15 -20.50
O4 NAG I . 3.48 -7.49 -22.53
O5 NAG I . 3.77 -5.41 -19.51
O6 NAG I . 5.20 -4.17 -22.16
O7 NAG I . 1.14 -8.37 -16.89
C1 NAG I . 2.28 -7.53 -23.35
C2 NAG I . 2.64 -8.04 -24.74
C3 NAG I . 1.39 -8.09 -25.61
C4 NAG I . 0.30 -8.89 -24.93
C5 NAG I . 0.04 -8.35 -23.54
C6 NAG I . -0.96 -9.17 -22.75
C7 NAG I . 4.94 -7.59 -25.48
C8 NAG I . 5.86 -6.61 -26.14
N2 NAG I . 3.67 -7.21 -25.34
O3 NAG I . 1.72 -8.68 -26.87
O4 NAG I . -0.91 -8.81 -25.69
O5 NAG I . 1.26 -8.35 -22.78
O6 NAG I . -0.82 -8.96 -21.35
O7 NAG I . 5.33 -8.68 -25.09
C1 NAG J . 10.82 2.87 8.83
C2 NAG J . 11.07 2.00 10.06
C3 NAG J . 10.91 2.82 11.34
C4 NAG J . 11.79 4.07 11.29
C5 NAG J . 11.46 4.86 10.02
C6 NAG J . 12.33 6.07 9.84
C7 NAG J . 10.62 -0.41 10.24
C8 NAG J . 9.56 -1.47 10.22
N2 NAG J . 10.18 0.85 10.07
O3 NAG J . 11.26 2.01 12.46
O4 NAG J . 11.56 4.89 12.43
O5 NAG J . 11.67 4.03 8.87
O6 NAG J . 13.71 5.71 9.73
O7 NAG J . 11.81 -0.67 10.38
C1 NAG J . 12.62 4.65 13.38
C2 NAG J . 13.32 5.93 13.82
C3 NAG J . 14.47 5.61 14.76
C4 NAG J . 14.01 4.71 15.91
C5 NAG J . 13.23 3.51 15.38
C6 NAG J . 12.60 2.68 16.48
C7 NAG J . 13.99 8.00 12.69
C8 NAG J . 14.49 8.61 11.41
N2 NAG J . 13.79 6.68 12.67
O3 NAG J . 15.01 6.82 15.29
O4 NAG J . 15.16 4.22 16.60
O5 NAG J . 12.16 3.95 14.52
O6 NAG J . 12.50 1.32 16.10
O7 NAG J . 13.79 8.67 13.70
C1 BMA J . 15.22 4.65 17.97
C2 BMA J . 16.62 4.30 18.47
C3 BMA J . 16.78 4.70 19.93
C4 BMA J . 16.32 6.16 20.15
C5 BMA J . 14.91 6.38 19.58
C6 BMA J . 14.44 7.82 19.67
O2 BMA J . 17.60 5.03 17.74
O3 BMA J . 18.14 4.54 20.38
O4 BMA J . 16.32 6.47 21.54
O5 BMA J . 14.91 6.01 18.18
O6 BMA J . 15.43 8.67 19.09
C1 MAN J . 18.36 3.21 20.89
C2 MAN J . 19.59 3.20 21.80
C3 MAN J . 20.84 3.39 20.95
C4 MAN J . 20.90 2.33 19.84
C5 MAN J . 19.61 2.39 19.00
C6 MAN J . 19.53 1.29 17.96
O2 MAN J . 19.76 1.91 22.41
O3 MAN J . 22.02 3.35 21.74
O4 MAN J . 22.02 2.58 19.00
O5 MAN J . 18.47 2.25 19.87
O6 MAN J . 18.63 0.30 18.45
C1 MAN J . 19.78 2.02 23.84
C2 MAN J . 18.78 0.99 24.44
C3 MAN J . 18.28 1.46 25.80
C4 MAN J . 19.39 2.23 26.54
C5 MAN J . 19.72 3.52 25.77
C6 MAN J . 21.12 4.04 26.04
O2 MAN J . 19.42 -0.27 24.67
O3 MAN J . 17.81 0.39 26.60
O4 MAN J . 18.96 2.56 27.85
O5 MAN J . 19.58 3.33 24.33
O6 MAN J . 21.19 5.41 25.61
C1 MAN J . 15.35 9.97 19.68
C2 MAN J . 14.39 10.86 18.85
C3 MAN J . 15.11 11.39 17.60
C4 MAN J . 16.45 12.02 17.98
C5 MAN J . 17.31 10.97 18.71
C6 MAN J . 18.66 11.52 19.15
O2 MAN J . 13.99 12.02 19.58
O3 MAN J . 14.32 12.33 16.89
O4 MAN J . 17.14 12.45 16.81
O5 MAN J . 16.61 10.55 19.90
O6 MAN J . 19.54 10.42 19.35
C1 NAG K . -11.47 -12.86 9.22
C2 NAG K . -11.03 -13.73 10.38
C3 NAG K . -12.16 -14.66 10.82
C4 NAG K . -13.42 -13.86 11.10
C5 NAG K . -13.76 -12.95 9.92
C6 NAG K . -14.92 -12.02 10.20
C7 NAG K . -8.60 -14.10 10.27
C8 NAG K . -7.50 -15.02 9.84
N2 NAG K . -9.85 -14.51 10.03
O3 NAG K . -11.76 -15.37 11.99
O4 NAG K . -14.51 -14.74 11.33
O5 NAG K . -12.63 -12.12 9.59
O6 NAG K . -15.50 -11.56 8.99
O7 NAG K . -8.36 -13.03 10.82
C1 NAG K . -14.79 -14.86 12.74
C2 NAG K . -16.25 -15.23 12.94
C3 NAG K . -16.56 -15.40 14.42
C4 NAG K . -15.59 -16.39 15.05
C5 NAG K . -14.15 -15.97 14.76
C6 NAG K . -13.14 -16.99 15.25
C7 NAG K . -17.82 -14.43 11.22
C8 NAG K . -18.67 -13.29 10.75
N2 NAG K . -17.13 -14.22 12.34
O3 NAG K . -17.90 -15.86 14.58
O4 NAG K . -15.80 -16.45 16.46
O5 NAG K . -13.96 -15.85 13.35
O6 NAG K . -12.13 -16.36 16.05
O7 NAG K . -17.77 -15.50 10.61
C1 NAG L . -8.88 -9.85 14.35
C2 NAG L . -9.07 -10.87 15.48
C3 NAG L . -10.34 -11.68 15.26
C4 NAG L . -11.54 -10.74 15.11
C5 NAG L . -11.26 -9.75 13.99
C6 NAG L . -12.36 -8.72 13.83
C7 NAG L . -7.47 -12.56 14.65
C8 NAG L . -6.26 -13.38 15.00
N2 NAG L . -7.91 -11.74 15.61
O3 NAG L . -10.54 -12.55 16.37
O4 NAG L . -12.72 -11.48 14.83
O5 NAG L . -10.06 -9.03 14.26
O6 NAG L . -12.00 -7.48 14.42
O7 NAG L . -8.02 -12.66 13.56
C1 NAG L . -13.50 -11.57 16.03
C2 NAG L . -14.98 -11.29 15.75
C3 NAG L . -15.79 -11.39 17.04
C4 NAG L . -15.54 -12.72 17.74
C5 NAG L . -14.04 -12.94 17.93
C6 NAG L . -13.70 -14.30 18.50
C7 NAG L . -15.88 -9.83 14.01
C8 NAG L . -15.97 -8.41 13.50
N2 NAG L . -15.16 -10.00 15.12
O3 NAG L . -17.17 -11.26 16.74
O4 NAG L . -16.18 -12.74 19.00
O5 NAG L . -13.36 -12.85 16.66
O6 NAG L . -12.31 -14.45 18.70
O7 NAG L . -16.43 -10.75 13.43
C1 NAG M . -16.42 -4.46 8.13
C2 NAG M . -16.63 -5.33 9.37
C3 NAG M . -18.12 -5.47 9.65
C4 NAG M . -18.79 -4.11 9.75
C5 NAG M . -18.45 -3.26 8.52
C6 NAG M . -18.95 -1.84 8.62
C7 NAG M . -15.03 -7.07 10.02
C8 NAG M . -14.50 -8.44 9.71
N2 NAG M . -16.01 -6.63 9.20
O3 NAG M . -18.28 -6.20 10.86
O4 NAG M . -20.21 -4.23 9.80
O5 NAG M . -17.03 -3.20 8.34
O6 NAG M . -18.89 -1.18 7.36
O7 NAG M . -14.61 -6.40 10.94
C1 NAG M . -20.71 -4.42 11.14
C2 NAG M . -21.25 -3.12 11.74
C3 NAG M . -21.86 -3.38 13.12
C4 NAG M . -22.88 -4.50 13.06
C5 NAG M . -22.26 -5.73 12.42
C6 NAG M . -23.26 -6.86 12.22
C7 NAG M . -20.43 -0.81 11.64
C8 NAG M . -19.24 0.10 11.76
N2 NAG M . -20.21 -2.11 11.82
O3 NAG M . -22.46 -2.18 13.60
O4 NAG M . -23.35 -4.81 14.36
O5 NAG M . -21.75 -5.41 11.12
O6 NAG M . -22.96 -7.63 11.06
O7 NAG M . -21.55 -0.37 11.40
C1 NAG N . 8.17 8.17 3.91
C2 NAG N . 9.68 8.37 4.01
C3 NAG N . 10.03 9.84 3.96
C4 NAG N . 9.42 10.49 2.72
C5 NAG N . 7.92 10.21 2.69
C6 NAG N . 7.25 10.72 1.42
C7 NAG N . 10.98 6.66 5.22
C8 NAG N . 11.27 6.06 3.88
N2 NAG N . 10.21 7.75 5.22
O3 NAG N . 11.44 10.01 3.94
O4 NAG N . 9.65 11.89 2.73
O5 NAG N . 7.68 8.80 2.72
O6 NAG N . 6.02 11.39 1.71
O7 NAG N . 11.41 6.17 6.26
C1 NAG N . 10.45 12.24 1.58
C2 NAG N . 10.44 13.74 1.36
C3 NAG N . 11.22 14.09 0.10
C4 NAG N . 12.60 13.46 0.14
C5 NAG N . 12.52 11.98 0.46
C6 NAG N . 13.88 11.33 0.66
C7 NAG N . 8.69 15.39 1.86
C8 NAG N . 7.25 15.76 1.68
N2 NAG N . 9.07 14.25 1.29
O3 NAG N . 11.31 15.50 -0.01
O4 NAG N . 13.23 13.62 -1.14
O5 NAG N . 11.78 11.77 1.66
O6 NAG N . 13.77 9.93 0.81
O7 NAG N . 9.46 16.09 2.50
C1 BMA N . 14.20 14.68 -1.10
C2 BMA N . 15.52 14.17 -1.72
C3 BMA N . 16.53 15.32 -1.85
C4 BMA N . 15.88 16.56 -2.49
C5 BMA N . 14.64 16.96 -1.71
C6 BMA N . 13.92 18.16 -2.30
O2 BMA N . 15.29 13.67 -3.03
O3 BMA N . 17.67 14.93 -2.58
O4 BMA N . 16.80 17.64 -2.50
O5 BMA N . 13.72 15.85 -1.73
O6 BMA N . 14.89 18.98 -2.95
C1 NAG O . 4.73 -11.77 39.82
C2 NAG O . 4.40 -10.36 40.29
C3 NAG O . 5.45 -9.87 41.29
C4 NAG O . 5.61 -10.89 42.42
C5 NAG O . 5.88 -12.28 41.85
C6 NAG O . 5.92 -13.36 42.92
C7 NAG O . 3.18 -9.22 38.48
C8 NAG O . 3.27 -8.25 37.34
N2 NAG O . 4.31 -9.44 39.16
O3 NAG O . 5.06 -8.61 41.81
O4 NAG O . 6.70 -10.50 43.25
O5 NAG O . 4.82 -12.64 40.95
O6 NAG O . 6.91 -14.33 42.61
O7 NAG O . 2.14 -9.79 38.76
C1 NAG O . 6.22 -10.20 44.57
C2 NAG O . 7.38 -10.21 45.55
C3 NAG O . 6.88 -9.93 46.97
C4 NAG O . 6.05 -8.65 47.00
C5 NAG O . 4.96 -8.70 45.93
C6 NAG O . 4.18 -7.41 45.82
C7 NAG O . 9.15 -11.68 44.69
C8 NAG O . 9.77 -13.04 44.78
N2 NAG O . 8.11 -11.46 45.50
O3 NAG O . 7.99 -9.81 47.86
O4 NAG O . 5.44 -8.51 48.28
O5 NAG O . 5.53 -8.96 44.65
O6 NAG O . 2.78 -7.64 45.94
O7 NAG O . 9.57 -10.81 43.94
C1 BMA O . 6.02 -7.39 48.97
C2 BMA O . 4.99 -6.84 49.98
C3 BMA O . 5.60 -5.71 50.80
C4 BMA O . 6.98 -6.10 51.36
C5 BMA O . 7.89 -6.59 50.23
C6 BMA O . 9.26 -7.04 50.71
O2 BMA O . 4.60 -7.85 50.90
O3 BMA O . 4.74 -5.31 51.87
O4 BMA O . 7.57 -4.98 52.01
O5 BMA O . 7.25 -7.70 49.59
O6 BMA O . 9.39 -6.74 52.10
C1 MAN O . 3.90 -4.24 51.42
C2 MAN O . 3.67 -3.24 52.58
C3 MAN O . 2.61 -3.78 53.55
C4 MAN O . 1.36 -4.26 52.80
C5 MAN O . 1.76 -5.30 51.75
C6 MAN O . 0.59 -5.81 50.93
O2 MAN O . 3.16 -1.99 52.11
O3 MAN O . 2.24 -2.81 54.53
O4 MAN O . 0.43 -4.83 53.71
O5 MAN O . 2.69 -4.69 50.83
O6 MAN O . -0.36 -6.37 51.83
C1 MAN O . 10.66 -6.09 52.32
C2 MAN O . 11.77 -7.16 52.43
C3 MAN O . 11.80 -7.80 53.82
C4 MAN O . 11.77 -6.72 54.91
C5 MAN O . 10.54 -5.83 54.71
C6 MAN O . 10.44 -4.72 55.74
O2 MAN O . 13.07 -6.59 52.24
O3 MAN O . 12.93 -8.64 54.01
O4 MAN O . 11.70 -7.33 56.20
O5 MAN O . 10.63 -5.21 53.42
O6 MAN O . 9.14 -4.15 55.65
C1 NAG P . 12.13 -25.15 42.42
C2 NAG P . 10.66 -25.56 42.38
C3 NAG P . 10.18 -25.99 43.77
C4 NAG P . 11.10 -27.05 44.35
C5 NAG P . 12.54 -26.55 44.33
C6 NAG P . 13.54 -27.58 44.80
C7 NAG P . 9.29 -24.45 40.66
C8 NAG P . 9.56 -25.65 39.80
N2 NAG P . 9.84 -24.46 41.89
O3 NAG P . 8.85 -26.49 43.68
O4 NAG P . 10.73 -27.35 45.69
O5 NAG P . 12.90 -26.21 42.98
O6 NAG P . 14.44 -27.03 45.75
O7 NAG P . 8.61 -23.51 40.26
C1 NAG P . 10.32 -28.72 45.77
C2 NAG P . 10.09 -29.10 47.25
C3 NAG P . 9.61 -30.56 47.38
C4 NAG P . 8.41 -30.82 46.46
C5 NAG P . 8.76 -30.39 45.04
C6 NAG P . 7.59 -30.53 44.09
C7 NAG P . 12.48 -29.35 48.08
C8 NAG P . 12.78 -30.37 47.02
N2 NAG P . 11.22 -28.82 48.11
O3 NAG P . 9.24 -30.82 48.73
O4 NAG P . 8.09 -32.20 46.47
O5 NAG P . 9.14 -29.00 45.02
O6 NAG P . 7.75 -29.71 42.94
O7 NAG P . 13.32 -29.00 48.90
C1 NAG Q . 5.31 -28.66 20.11
C2 NAG Q . 4.65 -29.64 19.14
C3 NAG Q . 3.62 -28.92 18.29
C4 NAG Q . 2.62 -28.18 19.17
C5 NAG Q . 3.36 -27.27 20.15
C6 NAG Q . 2.44 -26.60 21.15
C7 NAG Q . 6.01 -31.57 18.44
C8 NAG Q . 5.32 -32.33 19.53
N2 NAG Q . 5.65 -30.29 18.30
O3 NAG Q . 2.94 -29.87 17.47
O4 NAG Q . 1.75 -27.39 18.37
O5 NAG Q . 4.31 -28.04 20.92
O6 NAG Q . 1.82 -27.55 22.01
O7 NAG Q . 6.85 -32.09 17.71
C1 NAG Q . 0.44 -28.01 18.32
C2 NAG Q . -0.63 -26.91 18.35
C3 NAG Q . -2.01 -27.53 18.27
C4 NAG Q . -2.12 -28.45 17.06
C5 NAG Q . -0.99 -29.49 17.09
C6 NAG Q . -0.96 -30.36 15.87
C7 NAG Q . -0.42 -24.75 19.51
C8 NAG Q . -0.29 -24.07 20.83
N2 NAG Q . -0.50 -26.09 19.55
O3 NAG Q . -2.99 -26.50 18.18
O4 NAG Q . -3.37 -29.13 17.08
O5 NAG Q . 0.28 -28.81 17.16
O6 NAG Q . -1.86 -31.46 15.99
O7 NAG Q . -0.45 -24.13 18.45
C1 NAG R . 1.30 9.50 13.10
C2 NAG R . 0.03 10.35 12.92
C3 NAG R . 0.38 11.72 12.33
C4 NAG R . 1.45 12.39 13.17
C5 NAG R . 2.66 11.48 13.30
C6 NAG R . 3.74 12.03 14.20
C7 NAG R . -1.84 8.80 12.54
C8 NAG R . -2.74 8.18 11.52
N2 NAG R . -0.93 9.66 12.07
O3 NAG R . -0.79 12.53 12.30
O4 NAG R . 1.85 13.62 12.57
O5 NAG R . 2.25 10.23 13.89
O6 NAG R . 4.12 11.10 15.21
O7 NAG R . -1.92 8.53 13.73
C1 NAG R . 1.43 14.70 13.41
C2 NAG R . 2.45 15.83 13.34
C3 NAG R . 2.04 16.99 14.26
C4 NAG R . 0.61 17.42 13.93
C5 NAG R . -0.33 16.22 13.97
C6 NAG R . -1.74 16.56 13.54
C7 NAG R . 4.83 15.41 12.86
C8 NAG R . 6.12 14.88 13.38
N2 NAG R . 3.78 15.37 13.69
O3 NAG R . 2.93 18.07 14.09
O4 NAG R . 0.18 18.39 14.87
O5 NAG R . 0.14 15.20 13.07
O6 NAG R . -2.70 15.75 14.20
O7 NAG R . 4.72 15.85 11.71
C1 NAG S . 9.31 3.90 33.12
C2 NAG S . 9.32 5.39 32.82
C3 NAG S . 10.69 5.98 33.15
C4 NAG S . 11.10 5.64 34.58
C5 NAG S . 10.99 4.14 34.81
C6 NAG S . 11.24 3.74 36.25
C7 NAG S . 8.28 6.72 31.05
C8 NAG S . 8.00 6.83 29.58
N2 NAG S . 8.98 5.65 31.44
O3 NAG S . 10.65 7.39 32.98
O4 NAG S . 12.44 6.03 34.81
O5 NAG S . 9.66 3.68 34.49
O6 NAG S . 10.76 2.43 36.53
O7 NAG S . 7.89 7.57 31.85
C1 NAG S . 12.50 7.25 35.58
C2 NAG S . 13.70 7.21 36.52
C3 NAG S . 13.79 8.52 37.30
C4 NAG S . 13.79 9.71 36.36
C5 NAG S . 12.57 9.64 35.44
C6 NAG S . 12.55 10.74 34.40
C7 NAG S . 14.50 5.07 37.39
C8 NAG S . 14.27 3.98 38.40
N2 NAG S . 13.62 6.07 37.41
O3 NAG S . 14.99 8.52 38.07
O4 NAG S . 13.74 10.93 37.10
O5 NAG S . 12.57 8.39 34.73
O6 NAG S . 11.96 10.29 33.18
O7 NAG S . 15.42 5.03 36.59
C1 NAG T . -4.24 5.70 17.75
C2 NAG T . -3.43 6.47 18.79
C3 NAG T . -4.08 6.30 20.16
C4 NAG T . -5.55 6.70 20.11
C5 NAG T . -6.26 5.97 18.98
C6 NAG T . -7.68 6.44 18.78
C7 NAG T . -1.07 6.67 18.18
C8 NAG T . 0.30 6.08 18.29
N2 NAG T . -2.05 6.02 18.81
O3 NAG T . -3.36 7.10 21.09
O4 NAG T . -6.19 6.36 21.33
O5 NAG T . -5.58 6.19 17.73
O6 NAG T . -7.74 7.60 17.95
O7 NAG T . -1.28 7.70 17.53
C1 NAG T . -6.17 7.51 22.21
C2 NAG T . -7.44 7.56 23.06
C3 NAG T . -7.40 8.76 24.00
C4 NAG T . -6.10 8.78 24.79
C5 NAG T . -4.90 8.64 23.87
C6 NAG T . -3.59 8.51 24.61
C7 NAG T . -8.94 8.57 21.36
C8 NAG T . -10.23 8.40 20.61
N2 NAG T . -8.64 7.59 22.23
O3 NAG T . -8.53 8.70 24.86
O4 NAG T . -5.96 10.02 25.49
O5 NAG T . -5.04 7.46 23.06
O6 NAG T . -3.06 7.20 24.49
O7 NAG T . -8.22 9.55 21.20
C1 BMA T . -6.53 9.95 26.80
C2 BMA T . -5.52 10.57 27.78
C3 BMA T . -6.16 10.98 29.12
C4 BMA T . -7.54 11.62 28.92
C5 BMA T . -8.42 10.74 28.05
C6 BMA T . -9.77 11.37 27.77
O2 BMA T . -4.94 11.74 27.23
O3 BMA T . -5.30 11.88 29.79
O4 BMA T . -8.19 11.83 30.17
O5 BMA T . -7.77 10.61 26.79
O6 BMA T . -9.53 12.52 26.98
C1 MAN T . -5.22 11.57 31.20
C2 MAN T . -4.45 12.71 31.90
C3 MAN T . -2.95 12.56 31.66
C4 MAN T . -2.48 11.14 32.01
C5 MAN T . -3.28 10.12 31.19
C6 MAN T . -2.93 8.68 31.54
O2 MAN T . -4.63 12.67 33.32
O3 MAN T . -2.19 13.52 32.38
O4 MAN T . -1.10 11.01 31.71
O5 MAN T . -4.69 10.29 31.46
O6 MAN T . -3.39 8.42 32.86
C1 MAN T . -5.46 13.79 33.69
C2 MAN T . -5.23 14.16 35.16
C3 MAN T . -5.90 13.12 36.06
C4 MAN T . -7.38 12.99 35.69
C5 MAN T . -7.50 12.59 34.23
C6 MAN T . -8.93 12.49 33.75
O2 MAN T . -5.86 15.42 35.45
O3 MAN T . -5.74 13.41 37.44
O4 MAN T . -7.99 12.00 36.51
O5 MAN T . -6.83 13.57 33.39
O6 MAN T . -9.51 13.78 33.83
C1 MAN T . -5.04 16.25 36.31
C2 MAN T . -5.67 17.66 36.39
C3 MAN T . -5.20 18.53 35.23
C4 MAN T . -3.68 18.51 35.13
C5 MAN T . -3.21 17.07 34.90
C6 MAN T . -1.70 16.95 34.81
O2 MAN T . -5.24 18.34 37.58
O3 MAN T . -5.68 19.87 35.34
O4 MAN T . -3.25 19.33 34.05
O5 MAN T . -3.65 16.23 35.99
O6 MAN T . -1.20 18.01 34.02
C1 MAN T . -10.73 12.94 26.30
C2 MAN T . -10.35 13.94 25.20
C3 MAN T . -9.99 15.30 25.81
C4 MAN T . -11.08 15.76 26.80
C5 MAN T . -11.28 14.68 27.87
C6 MAN T . -12.38 15.01 28.86
O2 MAN T . -11.46 14.19 24.32
O3 MAN T . -9.77 16.30 24.82
O4 MAN T . -10.68 16.96 27.43
O5 MAN T . -11.68 13.44 27.21
O6 MAN T . -13.62 14.60 28.31
C1 MAN T . -8.35 16.40 24.59
C2 MAN T . -7.82 17.73 25.18
C3 MAN T . -8.22 18.90 24.27
C4 MAN T . -7.82 18.62 22.81
C5 MAN T . -8.45 17.30 22.36
C6 MAN T . -8.06 16.92 20.94
O2 MAN T . -6.39 17.73 25.22
O3 MAN T . -7.67 20.13 24.71
O4 MAN T . -8.26 19.68 21.98
O5 MAN T . -8.02 16.24 23.23
O6 MAN T . -8.85 15.81 20.54
C1 MAN T . -5.91 18.16 26.51
C2 MAN T . -6.37 17.19 27.63
C3 MAN T . -6.35 17.89 28.99
C4 MAN T . -5.26 18.97 29.01
C5 MAN T . -5.61 20.08 27.99
C6 MAN T . -4.40 20.90 27.56
O2 MAN T . -5.48 16.08 27.75
O3 MAN T . -6.16 16.98 30.06
O4 MAN T . -5.16 19.54 30.32
O5 MAN T . -6.21 19.51 26.80
O6 MAN T . -4.85 21.94 26.71
C1 MAN T . -14.55 14.41 29.39
C2 MAN T . -15.77 13.60 28.89
C3 MAN T . -16.68 14.50 28.05
C4 MAN T . -17.01 15.81 28.79
C5 MAN T . -15.70 16.52 29.18
C6 MAN T . -15.92 17.80 29.95
O2 MAN T . -16.57 13.13 29.98
O3 MAN T . -17.89 13.83 27.70
O4 MAN T . -17.77 16.66 27.95
O5 MAN T . -14.91 15.63 30.00
O6 MAN T . -14.66 18.43 30.12
C1 NAG U . -0.21 -18.71 -16.22
C2 NAG U . 0.72 -19.57 -17.10
C3 NAG U . -0.05 -20.27 -18.22
C4 NAG U . -1.26 -21.01 -17.66
C5 NAG U . -2.09 -20.06 -16.80
C6 NAG U . -3.27 -20.75 -16.13
C7 NAG U . 1.96 -17.79 -18.43
C8 NAG U . 0.66 -17.22 -18.94
N2 NAG U . 1.90 -18.85 -17.60
O3 NAG U . 0.80 -21.18 -18.89
O4 NAG U . -2.06 -21.52 -18.71
O5 NAG U . -1.30 -19.50 -15.74
O6 NAG U . -3.23 -20.59 -14.73
O7 NAG U . 3.04 -17.31 -18.75
C1 NAG V . -14.38 5.80 2.07
C2 NAG V . -14.85 5.67 0.61
C3 NAG V . -16.31 5.22 0.57
C4 NAG V . -16.51 3.96 1.39
C5 NAG V . -15.97 4.16 2.82
C6 NAG V . -16.04 2.92 3.66
C7 NAG V . -13.92 7.03 -1.21
C8 NAG V . -13.85 8.40 -1.81
N2 NAG V . -14.67 6.92 -0.11
O3 NAG V . -16.68 4.98 -0.79
O4 NAG V . -17.89 3.62 1.46
O5 NAG V . -14.60 4.56 2.76
O6 NAG V . -15.20 3.03 4.80
O7 NAG V . -13.33 6.08 -1.69
C1 NAG W . -11.27 1.03 -18.52
C2 NAG W . -10.12 1.04 -19.53
C3 NAG W . -9.36 2.35 -19.46
C4 NAG W . -10.32 3.53 -19.62
C5 NAG W . -11.47 3.41 -18.61
C6 NAG W . -12.52 4.48 -18.79
C7 NAG W . -9.09 -1.13 -20.11
C8 NAG W . -9.96 -1.09 -21.34
N2 NAG W . -9.21 -0.08 -19.29
O3 NAG W . -8.37 2.39 -20.48
O4 NAG W . -9.63 4.76 -19.40
O5 NAG W . -12.12 2.14 -18.77
O6 NAG W . -13.46 4.46 -17.72
O7 NAG W . -8.33 -2.06 -19.89
C1 NAG X . -6.65 -15.51 34.51
C2 NAG X . -7.28 -16.54 35.45
C3 NAG X . -8.25 -17.45 34.69
C4 NAG X . -9.26 -16.61 33.91
C5 NAG X . -8.54 -15.60 33.03
C6 NAG X . -9.49 -14.68 32.30
C7 NAG X . -5.68 -16.96 37.26
C8 NAG X . -4.64 -17.89 37.81
N2 NAG X . -6.26 -17.32 36.11
O3 NAG X . -8.91 -18.30 35.60
O4 NAG X . -10.07 -17.46 33.10
O5 NAG X . -7.68 -14.78 33.83
O6 NAG X . -10.34 -15.39 31.41
O7 NAG X . -5.98 -15.91 37.83
S SO4 Y . -9.34 -18.67 -11.41
O1 SO4 Y . -9.25 -19.95 -10.70
O2 SO4 Y . -10.18 -17.75 -10.65
O3 SO4 Y . -8.01 -18.11 -11.56
O4 SO4 Y . -9.94 -18.89 -12.72
S SO4 Z . -15.03 -14.61 3.12
O1 SO4 Z . -15.50 -15.63 4.06
O2 SO4 Z . -16.06 -13.59 2.94
O3 SO4 Z . -13.81 -13.99 3.63
O4 SO4 Z . -14.75 -15.24 1.83
S SO4 AA . -5.86 -18.35 31.02
O1 SO4 AA . -6.84 -19.11 31.79
O2 SO4 AA . -4.65 -18.16 31.81
O3 SO4 AA . -6.43 -17.04 30.66
O4 SO4 AA . -5.54 -19.07 29.78
S SO4 BA . 15.52 6.66 -10.69
O1 SO4 BA . 15.64 5.96 -9.41
O2 SO4 BA . 14.57 7.77 -10.54
O3 SO4 BA . 16.83 7.19 -11.07
O4 SO4 BA . 15.05 5.74 -11.71
S SO4 CA . 0.59 6.54 23.08
O1 SO4 CA . 0.40 5.09 23.15
O2 SO4 CA . -0.65 7.21 23.44
O3 SO4 CA . 1.66 6.94 23.99
O4 SO4 CA . 0.96 6.90 21.71
S SO4 DA . 23.86 -30.19 33.56
O1 SO4 DA . 22.84 -31.17 33.19
O2 SO4 DA . 24.90 -30.82 34.37
O3 SO4 DA . 23.26 -29.06 34.26
O4 SO4 DA . 24.46 -29.69 32.33
S SO4 EA . 11.03 -18.05 3.84
O1 SO4 EA . 11.40 -19.40 4.25
O2 SO4 EA . 9.95 -17.57 4.70
O3 SO4 EA . 12.19 -17.16 3.99
O4 SO4 EA . 10.59 -18.05 2.45
C1 NAG FA . 33.77 -21.07 -44.66
C2 NAG FA . 34.93 -22.07 -44.67
C3 NAG FA . 34.55 -23.34 -45.41
C4 NAG FA . 33.26 -23.91 -44.84
C5 NAG FA . 32.17 -22.85 -44.83
C6 NAG FA . 30.89 -23.31 -44.19
C7 NAG FA . 37.36 -21.75 -44.87
C8 NAG FA . 38.47 -21.04 -45.60
N2 NAG FA . 36.12 -21.46 -45.27
O3 NAG FA . 35.60 -24.30 -45.31
O4 NAG FA . 32.83 -25.02 -45.62
O5 NAG FA . 32.62 -21.70 -44.10
O6 NAG FA . 29.75 -22.71 -44.78
O7 NAG FA . 37.59 -22.55 -43.96
C1 NAG GA . 29.77 -3.51 -50.79
C2 NAG GA . 29.11 -3.63 -52.15
C3 NAG GA . 30.10 -3.22 -53.24
C4 NAG GA . 30.68 -1.84 -52.96
C5 NAG GA . 31.26 -1.81 -51.54
C6 NAG GA . 31.77 -0.45 -51.13
C7 NAG GA . 27.37 -5.36 -52.11
C8 NAG GA . 27.04 -6.79 -52.41
N2 NAG GA . 28.62 -4.97 -52.38
O3 NAG GA . 29.43 -3.20 -54.51
O4 NAG GA . 31.70 -1.53 -53.89
O5 NAG GA . 30.26 -2.18 -50.59
O6 NAG GA . 33.19 -0.37 -51.23
O7 NAG GA . 26.54 -4.58 -51.64
C1 NAG HA . 23.25 -19.95 -34.74
C2 NAG HA . 22.21 -19.30 -35.64
C3 NAG HA . 20.80 -19.65 -35.17
C4 NAG HA . 20.64 -21.16 -35.04
C5 NAG HA . 21.75 -21.72 -34.15
C6 NAG HA . 21.73 -23.23 -34.05
C7 NAG HA . 22.07 -17.11 -36.76
C8 NAG HA . 22.32 -15.64 -36.64
N2 NAG HA . 22.39 -17.86 -35.70
O3 NAG HA . 19.85 -19.15 -36.09
O4 NAG HA . 19.37 -21.47 -34.47
O5 NAG HA . 23.03 -21.36 -34.68
O6 NAG HA . 23.04 -23.76 -33.92
O7 NAG HA . 21.60 -17.62 -37.78
S SO4 IA . 33.02 -15.60 -19.37
O1 SO4 IA . 34.17 -16.37 -18.88
O2 SO4 IA . 32.09 -15.36 -18.26
O3 SO4 IA . 33.49 -14.32 -19.90
O4 SO4 IA . 32.34 -16.34 -20.43
S SO4 JA . 39.96 -26.14 -27.23
O1 SO4 JA . 40.34 -27.38 -26.55
O2 SO4 JA . 38.90 -25.49 -26.47
O3 SO4 JA . 41.11 -25.26 -27.32
O4 SO4 JA . 39.47 -26.45 -28.57
S SO4 KA . -14.97 18.39 107.08
O1 SO4 KA . -15.25 16.97 106.94
O2 SO4 KA . -14.06 18.60 108.21
O3 SO4 KA . -14.34 18.88 105.86
O4 SO4 KA . -16.22 19.12 107.32
C1 NAG LA . -41.28 8.27 54.36
C2 NAG LA . -41.76 7.41 55.52
C3 NAG LA . -43.22 7.00 55.31
C4 NAG LA . -44.08 8.23 55.06
C5 NAG LA . -43.49 9.05 53.91
C6 NAG LA . -44.23 10.36 53.68
C7 NAG LA . -40.69 5.66 56.88
C8 NAG LA . -39.80 4.45 56.87
N2 NAG LA . -40.93 6.23 55.68
O3 NAG LA . -43.70 6.31 56.46
O4 NAG LA . -45.40 7.83 54.71
O5 NAG LA . -42.13 9.40 54.21
O6 NAG LA . -43.38 11.35 53.12
O7 NAG LA . -41.16 6.11 57.92
#